data_2D4L
# 
_entry.id   2D4L 
# 
_audit_conform.dict_name       mmcif_pdbx.dic 
_audit_conform.dict_version    5.397 
_audit_conform.dict_location   http://mmcif.pdb.org/dictionaries/ascii/mmcif_pdbx.dic 
# 
loop_
_database_2.database_id 
_database_2.database_code 
_database_2.pdbx_database_accession 
_database_2.pdbx_DOI 
PDB   2D4L         pdb_00002d4l 10.2210/pdb2d4l/pdb 
RCSB  RCSB024979   ?            ?                   
WWPDB D_1000024979 ?            ?                   
# 
loop_
_pdbx_audit_revision_history.ordinal 
_pdbx_audit_revision_history.data_content_type 
_pdbx_audit_revision_history.major_revision 
_pdbx_audit_revision_history.minor_revision 
_pdbx_audit_revision_history.revision_date 
1 'Structure model' 1 0 2006-11-07 
2 'Structure model' 1 1 2008-04-30 
3 'Structure model' 1 2 2011-07-13 
4 'Structure model' 1 3 2011-07-20 
5 'Structure model' 1 4 2017-10-11 
6 'Structure model' 1 5 2021-11-10 
7 'Structure model' 1 6 2023-10-25 
8 'Structure model' 1 7 2023-11-15 
9 'Structure model' 1 8 2024-10-23 
# 
_pdbx_audit_revision_details.ordinal             1 
_pdbx_audit_revision_details.revision_ordinal    1 
_pdbx_audit_revision_details.data_content_type   'Structure model' 
_pdbx_audit_revision_details.provider            repository 
_pdbx_audit_revision_details.type                'Initial release' 
_pdbx_audit_revision_details.description         ? 
_pdbx_audit_revision_details.details             ? 
# 
loop_
_pdbx_audit_revision_group.ordinal 
_pdbx_audit_revision_group.revision_ordinal 
_pdbx_audit_revision_group.data_content_type 
_pdbx_audit_revision_group.group 
1  2 'Structure model' 'Version format compliance' 
2  3 'Structure model' Advisory                    
3  3 'Structure model' 'Derived calculations'      
4  3 'Structure model' 'Version format compliance' 
5  4 'Structure model' 'Database references'       
6  5 'Structure model' 'Refinement description'    
7  6 'Structure model' 'Data collection'           
8  6 'Structure model' 'Database references'       
9  6 'Structure model' 'Derived calculations'      
10 7 'Structure model' 'Data collection'           
11 7 'Structure model' 'Refinement description'    
12 8 'Structure model' 'Data collection'           
13 9 'Structure model' 'Structure summary'         
# 
loop_
_pdbx_audit_revision_category.ordinal 
_pdbx_audit_revision_category.revision_ordinal 
_pdbx_audit_revision_category.data_content_type 
_pdbx_audit_revision_category.category 
1  5 'Structure model' software                      
2  6 'Structure model' database_2                    
3  6 'Structure model' diffrn_source                 
4  6 'Structure model' struct_conn                   
5  6 'Structure model' struct_ref_seq_dif            
6  7 'Structure model' chem_comp_atom                
7  7 'Structure model' chem_comp_bond                
8  7 'Structure model' pdbx_initial_refinement_model 
9  8 'Structure model' chem_comp_atom                
10 8 'Structure model' chem_comp_bond                
11 9 'Structure model' pdbx_entry_details            
12 9 'Structure model' pdbx_modification_feature     
# 
loop_
_pdbx_audit_revision_item.ordinal 
_pdbx_audit_revision_item.revision_ordinal 
_pdbx_audit_revision_item.data_content_type 
_pdbx_audit_revision_item.item 
1 5 'Structure model' '_software.classification'             
2 5 'Structure model' '_software.name'                       
3 6 'Structure model' '_database_2.pdbx_DOI'                 
4 6 'Structure model' '_database_2.pdbx_database_accession'  
5 6 'Structure model' '_diffrn_source.pdbx_synchrotron_site' 
6 6 'Structure model' '_struct_conn.pdbx_leaving_atom_flag'  
7 6 'Structure model' '_struct_ref_seq_dif.details'          
8 8 'Structure model' '_chem_comp_atom.atom_id'              
9 8 'Structure model' '_chem_comp_bond.atom_id_2'            
# 
_pdbx_database_status.status_code                     REL 
_pdbx_database_status.entry_id                        2D4L 
_pdbx_database_status.recvd_initial_deposition_date   2005-10-20 
_pdbx_database_status.deposit_site                    PDBJ 
_pdbx_database_status.process_site                    PDBJ 
_pdbx_database_status.status_code_sf                  REL 
_pdbx_database_status.status_code_mr                  ? 
_pdbx_database_status.SG_entry                        ? 
_pdbx_database_status.status_code_cs                  ? 
_pdbx_database_status.pdb_format_compatible           Y 
_pdbx_database_status.methods_development_category    ? 
_pdbx_database_status.status_code_nmr_data            ? 
# 
loop_
_pdbx_database_related.db_name 
_pdbx_database_related.db_id 
_pdbx_database_related.details 
_pdbx_database_related.content_type 
PDB 2AKV 'THE FULL LENGTH PROTEIN COMPLEXED WITH REACTION INTERMEDIATE' unspecified 
PDB 2D4M 'THE FULL LENGTH PROTEIN, APO'                                 unspecified 
PDB 2D4N 'THE FULL LENGTH PROTEIN COMPLEXED WITH SUBSTRATE ANALOGUE'    unspecified 
# 
loop_
_audit_author.name 
_audit_author.pdbx_ordinal 
'Nemeth, V.'     1 
'Barabas, O.'    2 
'Vertessy, G.B.' 3 
# 
_citation.id                        primary 
_citation.title                     'Flexible segments modulate co-folding of dUTPase and nucleocapsid proteins.' 
_citation.journal_abbrev            'Nucleic Acids Res.' 
_citation.journal_volume            35 
_citation.page_first                495 
_citation.page_last                 505 
_citation.year                      2007 
_citation.journal_id_ASTM           NARHAD 
_citation.country                   UK 
_citation.journal_id_ISSN           0305-1048 
_citation.journal_id_CSD            0389 
_citation.book_publisher            ? 
_citation.pdbx_database_id_PubMed   17169987 
_citation.pdbx_database_id_DOI      10.1093/nar/gkl1074 
# 
loop_
_citation_author.citation_id 
_citation_author.name 
_citation_author.ordinal 
_citation_author.identifier_ORCID 
primary 'Nemeth-Pongracz, V.' 1  ? 
primary 'Barabas, O.'         2  ? 
primary 'Fuxreiter, M.'       3  ? 
primary 'Simon, I.'           4  ? 
primary 'Pichova, I.'         5  ? 
primary 'Rumlova, M.'         6  ? 
primary 'Zabranska, H.'       7  ? 
primary 'Svergun, D.'         8  ? 
primary 'Petoukhov, M.'       9  ? 
primary 'Harmat, V.'          10 ? 
primary 'Klement, E.'         11 ? 
primary 'Hunyadi-Gulyas, E.'  12 ? 
primary 'Medzihradszky, K.F.' 13 ? 
primary 'Konya, E.'           14 ? 
primary 'Vertessy, B.G.'      15 ? 
# 
loop_
_entity.id 
_entity.type 
_entity.src_method 
_entity.pdbx_description 
_entity.formula_weight 
_entity.pdbx_number_of_molecules 
_entity.pdbx_ec 
_entity.pdbx_mutation 
_entity.pdbx_fragment 
_entity.details 
1 polymer man DU    16171.373 1   3.6.1.23 N83K 'residues 83-234' ? 
2 water   nat water 18.015    124 ?        ?    ?                 ? 
# 
_entity_name_com.entity_id   1 
_entity_name_com.name        
;Deoxyuridine 5'-Triphosphate Nucleotido Hydrolase
;
# 
_entity_poly.entity_id                      1 
_entity_poly.type                           'polypeptide(L)' 
_entity_poly.nstd_linkage                   no 
_entity_poly.nstd_monomer                   yes 
_entity_poly.pdbx_seq_one_letter_code       
;KRVEGPAPGPETSLWGSQLCSSQQKQPISKLTRATPGSAGLDL(CSO)STSHTVLTPEMGPQALSTGIYGPLPPNTFGLI
LGRSSITMKGLQVYPGVIDNDYTGEIKIMAKAVNNIVTVSQGNRIAQLILLPLIETDNKVQQPYRGQGSFGSSDIY
;
_entity_poly.pdbx_seq_one_letter_code_can   
;KRVEGPAPGPETSLWGSQLCSSQQKQPISKLTRATPGSAGLDLCSTSHTVLTPEMGPQALSTGIYGPLPPNTFGLILGRS
SITMKGLQVYPGVIDNDYTGEIKIMAKAVNNIVTVSQGNRIAQLILLPLIETDNKVQQPYRGQGSFGSSDIY
;
_entity_poly.pdbx_strand_id                 A 
_entity_poly.pdbx_target_identifier         ? 
# 
_pdbx_entity_nonpoly.entity_id   2 
_pdbx_entity_nonpoly.name        water 
_pdbx_entity_nonpoly.comp_id     HOH 
# 
loop_
_entity_poly_seq.entity_id 
_entity_poly_seq.num 
_entity_poly_seq.mon_id 
_entity_poly_seq.hetero 
1 1   LYS n 
1 2   ARG n 
1 3   VAL n 
1 4   GLU n 
1 5   GLY n 
1 6   PRO n 
1 7   ALA n 
1 8   PRO n 
1 9   GLY n 
1 10  PRO n 
1 11  GLU n 
1 12  THR n 
1 13  SER n 
1 14  LEU n 
1 15  TRP n 
1 16  GLY n 
1 17  SER n 
1 18  GLN n 
1 19  LEU n 
1 20  CYS n 
1 21  SER n 
1 22  SER n 
1 23  GLN n 
1 24  GLN n 
1 25  LYS n 
1 26  GLN n 
1 27  PRO n 
1 28  ILE n 
1 29  SER n 
1 30  LYS n 
1 31  LEU n 
1 32  THR n 
1 33  ARG n 
1 34  ALA n 
1 35  THR n 
1 36  PRO n 
1 37  GLY n 
1 38  SER n 
1 39  ALA n 
1 40  GLY n 
1 41  LEU n 
1 42  ASP n 
1 43  LEU n 
1 44  CSO n 
1 45  SER n 
1 46  THR n 
1 47  SER n 
1 48  HIS n 
1 49  THR n 
1 50  VAL n 
1 51  LEU n 
1 52  THR n 
1 53  PRO n 
1 54  GLU n 
1 55  MET n 
1 56  GLY n 
1 57  PRO n 
1 58  GLN n 
1 59  ALA n 
1 60  LEU n 
1 61  SER n 
1 62  THR n 
1 63  GLY n 
1 64  ILE n 
1 65  TYR n 
1 66  GLY n 
1 67  PRO n 
1 68  LEU n 
1 69  PRO n 
1 70  PRO n 
1 71  ASN n 
1 72  THR n 
1 73  PHE n 
1 74  GLY n 
1 75  LEU n 
1 76  ILE n 
1 77  LEU n 
1 78  GLY n 
1 79  ARG n 
1 80  SER n 
1 81  SER n 
1 82  ILE n 
1 83  THR n 
1 84  MET n 
1 85  LYS n 
1 86  GLY n 
1 87  LEU n 
1 88  GLN n 
1 89  VAL n 
1 90  TYR n 
1 91  PRO n 
1 92  GLY n 
1 93  VAL n 
1 94  ILE n 
1 95  ASP n 
1 96  ASN n 
1 97  ASP n 
1 98  TYR n 
1 99  THR n 
1 100 GLY n 
1 101 GLU n 
1 102 ILE n 
1 103 LYS n 
1 104 ILE n 
1 105 MET n 
1 106 ALA n 
1 107 LYS n 
1 108 ALA n 
1 109 VAL n 
1 110 ASN n 
1 111 ASN n 
1 112 ILE n 
1 113 VAL n 
1 114 THR n 
1 115 VAL n 
1 116 SER n 
1 117 GLN n 
1 118 GLY n 
1 119 ASN n 
1 120 ARG n 
1 121 ILE n 
1 122 ALA n 
1 123 GLN n 
1 124 LEU n 
1 125 ILE n 
1 126 LEU n 
1 127 LEU n 
1 128 PRO n 
1 129 LEU n 
1 130 ILE n 
1 131 GLU n 
1 132 THR n 
1 133 ASP n 
1 134 ASN n 
1 135 LYS n 
1 136 VAL n 
1 137 GLN n 
1 138 GLN n 
1 139 PRO n 
1 140 TYR n 
1 141 ARG n 
1 142 GLY n 
1 143 GLN n 
1 144 GLY n 
1 145 SER n 
1 146 PHE n 
1 147 GLY n 
1 148 SER n 
1 149 SER n 
1 150 ASP n 
1 151 ILE n 
1 152 TYR n 
# 
_entity_src_gen.entity_id                          1 
_entity_src_gen.pdbx_src_id                        1 
_entity_src_gen.pdbx_alt_source_flag               sample 
_entity_src_gen.pdbx_seq_type                      ? 
_entity_src_gen.pdbx_beg_seq_num                   ? 
_entity_src_gen.pdbx_end_seq_num                   ? 
_entity_src_gen.gene_src_common_name               ? 
_entity_src_gen.gene_src_genus                     Betaretrovirus 
_entity_src_gen.pdbx_gene_src_gene                 gag-pro 
_entity_src_gen.gene_src_species                   ? 
_entity_src_gen.gene_src_strain                    ? 
_entity_src_gen.gene_src_tissue                    ? 
_entity_src_gen.gene_src_tissue_fraction           ? 
_entity_src_gen.gene_src_details                   ? 
_entity_src_gen.pdbx_gene_src_fragment             ? 
_entity_src_gen.pdbx_gene_src_scientific_name      'Mason-Pfizer monkey virus' 
_entity_src_gen.pdbx_gene_src_ncbi_taxonomy_id     11855 
_entity_src_gen.pdbx_gene_src_variant              ? 
_entity_src_gen.pdbx_gene_src_cell_line            ? 
_entity_src_gen.pdbx_gene_src_atcc                 ? 
_entity_src_gen.pdbx_gene_src_organ                ? 
_entity_src_gen.pdbx_gene_src_organelle            ? 
_entity_src_gen.pdbx_gene_src_cell                 ? 
_entity_src_gen.pdbx_gene_src_cellular_location    ? 
_entity_src_gen.host_org_common_name               ? 
_entity_src_gen.pdbx_host_org_scientific_name      'Escherichia coli BL21' 
_entity_src_gen.pdbx_host_org_ncbi_taxonomy_id     511693 
_entity_src_gen.host_org_genus                     Escherichia 
_entity_src_gen.pdbx_host_org_gene                 ? 
_entity_src_gen.pdbx_host_org_organ                ? 
_entity_src_gen.host_org_species                   'Escherichia coli' 
_entity_src_gen.pdbx_host_org_tissue               ? 
_entity_src_gen.pdbx_host_org_tissue_fraction      ? 
_entity_src_gen.pdbx_host_org_strain               BL21 
_entity_src_gen.pdbx_host_org_variant              ? 
_entity_src_gen.pdbx_host_org_cell_line            ? 
_entity_src_gen.pdbx_host_org_atcc                 ? 
_entity_src_gen.pdbx_host_org_culture_collection   ? 
_entity_src_gen.pdbx_host_org_cell                 ? 
_entity_src_gen.pdbx_host_org_organelle            ? 
_entity_src_gen.pdbx_host_org_cellular_location    ? 
_entity_src_gen.pdbx_host_org_vector_type          plasmid 
_entity_src_gen.pdbx_host_org_vector               ? 
_entity_src_gen.host_org_details                   ? 
_entity_src_gen.expression_system_id               ? 
_entity_src_gen.plasmid_name                       pET22B 
_entity_src_gen.plasmid_details                    ? 
_entity_src_gen.pdbx_description                   ? 
# 
loop_
_chem_comp.id 
_chem_comp.type 
_chem_comp.mon_nstd_flag 
_chem_comp.name 
_chem_comp.pdbx_synonyms 
_chem_comp.formula 
_chem_comp.formula_weight 
ALA 'L-peptide linking' y ALANINE           ? 'C3 H7 N O2'     89.093  
ARG 'L-peptide linking' y ARGININE          ? 'C6 H15 N4 O2 1' 175.209 
ASN 'L-peptide linking' y ASPARAGINE        ? 'C4 H8 N2 O3'    132.118 
ASP 'L-peptide linking' y 'ASPARTIC ACID'   ? 'C4 H7 N O4'     133.103 
CSO 'L-peptide linking' n S-HYDROXYCYSTEINE ? 'C3 H7 N O3 S'   137.158 
CYS 'L-peptide linking' y CYSTEINE          ? 'C3 H7 N O2 S'   121.158 
GLN 'L-peptide linking' y GLUTAMINE         ? 'C5 H10 N2 O3'   146.144 
GLU 'L-peptide linking' y 'GLUTAMIC ACID'   ? 'C5 H9 N O4'     147.129 
GLY 'peptide linking'   y GLYCINE           ? 'C2 H5 N O2'     75.067  
HIS 'L-peptide linking' y HISTIDINE         ? 'C6 H10 N3 O2 1' 156.162 
HOH non-polymer         . WATER             ? 'H2 O'           18.015  
ILE 'L-peptide linking' y ISOLEUCINE        ? 'C6 H13 N O2'    131.173 
LEU 'L-peptide linking' y LEUCINE           ? 'C6 H13 N O2'    131.173 
LYS 'L-peptide linking' y LYSINE            ? 'C6 H15 N2 O2 1' 147.195 
MET 'L-peptide linking' y METHIONINE        ? 'C5 H11 N O2 S'  149.211 
PHE 'L-peptide linking' y PHENYLALANINE     ? 'C9 H11 N O2'    165.189 
PRO 'L-peptide linking' y PROLINE           ? 'C5 H9 N O2'     115.130 
SER 'L-peptide linking' y SERINE            ? 'C3 H7 N O3'     105.093 
THR 'L-peptide linking' y THREONINE         ? 'C4 H9 N O3'     119.119 
TRP 'L-peptide linking' y TRYPTOPHAN        ? 'C11 H12 N2 O2'  204.225 
TYR 'L-peptide linking' y TYROSINE          ? 'C9 H11 N O3'    181.189 
VAL 'L-peptide linking' y VALINE            ? 'C5 H11 N O2'    117.146 
# 
loop_
_pdbx_poly_seq_scheme.asym_id 
_pdbx_poly_seq_scheme.entity_id 
_pdbx_poly_seq_scheme.seq_id 
_pdbx_poly_seq_scheme.mon_id 
_pdbx_poly_seq_scheme.ndb_seq_num 
_pdbx_poly_seq_scheme.pdb_seq_num 
_pdbx_poly_seq_scheme.auth_seq_num 
_pdbx_poly_seq_scheme.pdb_mon_id 
_pdbx_poly_seq_scheme.auth_mon_id 
_pdbx_poly_seq_scheme.pdb_strand_id 
_pdbx_poly_seq_scheme.pdb_ins_code 
_pdbx_poly_seq_scheme.hetero 
A 1 1   LYS 1   83  ?   ?   ?   A . n 
A 1 2   ARG 2   84  ?   ?   ?   A . n 
A 1 3   VAL 3   85  ?   ?   ?   A . n 
A 1 4   GLU 4   86  ?   ?   ?   A . n 
A 1 5   GLY 5   87  ?   ?   ?   A . n 
A 1 6   PRO 6   88  ?   ?   ?   A . n 
A 1 7   ALA 7   89  ?   ?   ?   A . n 
A 1 8   PRO 8   90  ?   ?   ?   A . n 
A 1 9   GLY 9   91  ?   ?   ?   A . n 
A 1 10  PRO 10  92  ?   ?   ?   A . n 
A 1 11  GLU 11  93  ?   ?   ?   A . n 
A 1 12  THR 12  94  ?   ?   ?   A . n 
A 1 13  SER 13  95  ?   ?   ?   A . n 
A 1 14  LEU 14  96  ?   ?   ?   A . n 
A 1 15  TRP 15  97  ?   ?   ?   A . n 
A 1 16  GLY 16  98  ?   ?   ?   A . n 
A 1 17  SER 17  99  ?   ?   ?   A . n 
A 1 18  GLN 18  100 ?   ?   ?   A . n 
A 1 19  LEU 19  101 ?   ?   ?   A . n 
A 1 20  CYS 20  102 ?   ?   ?   A . n 
A 1 21  SER 21  103 ?   ?   ?   A . n 
A 1 22  SER 22  104 ?   ?   ?   A . n 
A 1 23  GLN 23  105 ?   ?   ?   A . n 
A 1 24  GLN 24  106 105 GLN GLN A . n 
A 1 25  LYS 25  107 106 LYS LYS A . n 
A 1 26  GLN 26  108 107 GLN GLN A . n 
A 1 27  PRO 27  109 108 PRO PRO A . n 
A 1 28  ILE 28  110 109 ILE ILE A . n 
A 1 29  SER 29  111 110 SER SER A . n 
A 1 30  LYS 30  112 111 LYS LYS A . n 
A 1 31  LEU 31  113 112 LEU LEU A . n 
A 1 32  THR 32  114 113 THR THR A . n 
A 1 33  ARG 33  115 114 ARG ARG A . n 
A 1 34  ALA 34  116 115 ALA ALA A . n 
A 1 35  THR 35  117 116 THR THR A . n 
A 1 36  PRO 36  118 117 PRO PRO A . n 
A 1 37  GLY 37  119 118 GLY GLY A . n 
A 1 38  SER 38  120 119 SER SER A . n 
A 1 39  ALA 39  121 120 ALA ALA A . n 
A 1 40  GLY 40  122 121 GLY GLY A . n 
A 1 41  LEU 41  123 122 LEU LEU A . n 
A 1 42  ASP 42  124 123 ASP ASP A . n 
A 1 43  LEU 43  125 124 LEU LEU A . n 
A 1 44  CSO 44  126 125 CSO CSO A . n 
A 1 45  SER 45  127 126 SER SER A . n 
A 1 46  THR 46  128 127 THR THR A . n 
A 1 47  SER 47  129 128 SER SER A . n 
A 1 48  HIS 48  130 129 HIS HIS A . n 
A 1 49  THR 49  131 130 THR THR A . n 
A 1 50  VAL 50  132 131 VAL VAL A . n 
A 1 51  LEU 51  133 132 LEU LEU A . n 
A 1 52  THR 52  134 133 THR THR A . n 
A 1 53  PRO 53  135 134 PRO PRO A . n 
A 1 54  GLU 54  136 135 GLU GLU A . n 
A 1 55  MET 55  137 136 MET MET A . n 
A 1 56  GLY 56  138 137 GLY GLY A . n 
A 1 57  PRO 57  139 138 PRO PRO A . n 
A 1 58  GLN 58  140 139 GLN GLN A . n 
A 1 59  ALA 59  141 140 ALA ALA A . n 
A 1 60  LEU 60  142 141 LEU LEU A . n 
A 1 61  SER 61  143 142 SER SER A . n 
A 1 62  THR 62  144 143 THR THR A . n 
A 1 63  GLY 63  145 144 GLY GLY A . n 
A 1 64  ILE 64  146 145 ILE ILE A . n 
A 1 65  TYR 65  147 146 TYR TYR A . n 
A 1 66  GLY 66  148 147 GLY GLY A . n 
A 1 67  PRO 67  149 148 PRO PRO A . n 
A 1 68  LEU 68  150 149 LEU LEU A . n 
A 1 69  PRO 69  151 150 PRO PRO A . n 
A 1 70  PRO 70  152 151 PRO PRO A . n 
A 1 71  ASN 71  153 152 ASN ASN A . n 
A 1 72  THR 72  154 153 THR THR A . n 
A 1 73  PHE 73  155 154 PHE PHE A . n 
A 1 74  GLY 74  156 155 GLY GLY A . n 
A 1 75  LEU 75  157 156 LEU LEU A . n 
A 1 76  ILE 76  158 157 ILE ILE A . n 
A 1 77  LEU 77  159 158 LEU LEU A . n 
A 1 78  GLY 78  160 159 GLY GLY A . n 
A 1 79  ARG 79  161 160 ARG ARG A . n 
A 1 80  SER 80  162 161 SER SER A . n 
A 1 81  SER 81  163 162 SER SER A . n 
A 1 82  ILE 82  164 163 ILE ILE A . n 
A 1 83  THR 83  165 164 THR THR A . n 
A 1 84  MET 84  166 165 MET MET A . n 
A 1 85  LYS 85  167 166 LYS LYS A . n 
A 1 86  GLY 86  168 167 GLY GLY A . n 
A 1 87  LEU 87  169 168 LEU LEU A . n 
A 1 88  GLN 88  170 169 GLN GLN A . n 
A 1 89  VAL 89  171 170 VAL VAL A . n 
A 1 90  TYR 90  172 171 TYR TYR A . n 
A 1 91  PRO 91  173 172 PRO PRO A . n 
A 1 92  GLY 92  174 173 GLY GLY A . n 
A 1 93  VAL 93  175 174 VAL VAL A . n 
A 1 94  ILE 94  176 175 ILE ILE A . n 
A 1 95  ASP 95  177 176 ASP ASP A . n 
A 1 96  ASN 96  178 177 ASN ASN A . n 
A 1 97  ASP 97  179 178 ASP ASP A . n 
A 1 98  TYR 98  180 179 TYR TYR A . n 
A 1 99  THR 99  181 180 THR THR A . n 
A 1 100 GLY 100 182 181 GLY GLY A . n 
A 1 101 GLU 101 183 182 GLU GLU A . n 
A 1 102 ILE 102 184 183 ILE ILE A . n 
A 1 103 LYS 103 185 184 LYS LYS A . n 
A 1 104 ILE 104 186 185 ILE ILE A . n 
A 1 105 MET 105 187 186 MET MET A . n 
A 1 106 ALA 106 188 187 ALA ALA A . n 
A 1 107 LYS 107 189 188 LYS LYS A . n 
A 1 108 ALA 108 190 189 ALA ALA A . n 
A 1 109 VAL 109 191 190 VAL VAL A . n 
A 1 110 ASN 110 192 191 ASN ASN A . n 
A 1 111 ASN 111 193 192 ASN ASN A . n 
A 1 112 ILE 112 194 193 ILE ILE A . n 
A 1 113 VAL 113 195 194 VAL VAL A . n 
A 1 114 THR 114 196 195 THR THR A . n 
A 1 115 VAL 115 197 196 VAL VAL A . n 
A 1 116 SER 116 198 197 SER SER A . n 
A 1 117 GLN 117 199 198 GLN GLN A . n 
A 1 118 GLY 118 200 199 GLY GLY A . n 
A 1 119 ASN 119 201 200 ASN ASN A . n 
A 1 120 ARG 120 202 201 ARG ARG A . n 
A 1 121 ILE 121 203 202 ILE ILE A . n 
A 1 122 ALA 122 204 203 ALA ALA A . n 
A 1 123 GLN 123 205 204 GLN GLN A . n 
A 1 124 LEU 124 206 205 LEU LEU A . n 
A 1 125 ILE 125 207 206 ILE ILE A . n 
A 1 126 LEU 126 208 207 LEU LEU A . n 
A 1 127 LEU 127 209 208 LEU LEU A . n 
A 1 128 PRO 128 210 209 PRO PRO A . n 
A 1 129 LEU 129 211 210 LEU LEU A . n 
A 1 130 ILE 130 212 211 ILE ILE A . n 
A 1 131 GLU 131 213 212 GLU GLU A . n 
A 1 132 THR 132 214 213 THR THR A . n 
A 1 133 ASP 133 215 214 ASP ASP A . n 
A 1 134 ASN 134 216 215 ASN ASN A . n 
A 1 135 LYS 135 217 216 LYS LYS A . n 
A 1 136 VAL 136 218 217 VAL VAL A . n 
A 1 137 GLN 137 219 218 GLN GLN A . n 
A 1 138 GLN 138 220 ?   ?   ?   A . n 
A 1 139 PRO 139 221 ?   ?   ?   A . n 
A 1 140 TYR 140 222 ?   ?   ?   A . n 
A 1 141 ARG 141 223 ?   ?   ?   A . n 
A 1 142 GLY 142 224 ?   ?   ?   A . n 
A 1 143 GLN 143 225 ?   ?   ?   A . n 
A 1 144 GLY 144 226 ?   ?   ?   A . n 
A 1 145 SER 145 227 ?   ?   ?   A . n 
A 1 146 PHE 146 228 ?   ?   ?   A . n 
A 1 147 GLY 147 229 ?   ?   ?   A . n 
A 1 148 SER 148 230 ?   ?   ?   A . n 
A 1 149 SER 149 231 ?   ?   ?   A . n 
A 1 150 ASP 150 232 ?   ?   ?   A . n 
A 1 151 ILE 151 233 ?   ?   ?   A . n 
A 1 152 TYR 152 234 ?   ?   ?   A . n 
# 
loop_
_pdbx_nonpoly_scheme.asym_id 
_pdbx_nonpoly_scheme.entity_id 
_pdbx_nonpoly_scheme.mon_id 
_pdbx_nonpoly_scheme.ndb_seq_num 
_pdbx_nonpoly_scheme.pdb_seq_num 
_pdbx_nonpoly_scheme.auth_seq_num 
_pdbx_nonpoly_scheme.pdb_mon_id 
_pdbx_nonpoly_scheme.auth_mon_id 
_pdbx_nonpoly_scheme.pdb_strand_id 
_pdbx_nonpoly_scheme.pdb_ins_code 
B 2 HOH 1   235 1   HOH HOH A . 
B 2 HOH 2   236 2   HOH HOH A . 
B 2 HOH 3   237 3   HOH HOH A . 
B 2 HOH 4   238 4   HOH HOH A . 
B 2 HOH 5   239 5   HOH HOH A . 
B 2 HOH 6   240 6   HOH HOH A . 
B 2 HOH 7   241 7   HOH HOH A . 
B 2 HOH 8   242 8   HOH HOH A . 
B 2 HOH 9   243 9   HOH HOH A . 
B 2 HOH 10  244 10  HOH HOH A . 
B 2 HOH 11  245 11  HOH HOH A . 
B 2 HOH 12  246 12  HOH HOH A . 
B 2 HOH 13  247 13  HOH HOH A . 
B 2 HOH 14  248 14  HOH HOH A . 
B 2 HOH 15  249 15  HOH HOH A . 
B 2 HOH 16  250 16  HOH HOH A . 
B 2 HOH 17  251 17  HOH HOH A . 
B 2 HOH 18  252 18  HOH HOH A . 
B 2 HOH 19  253 19  HOH HOH A . 
B 2 HOH 20  254 20  HOH HOH A . 
B 2 HOH 21  255 21  HOH HOH A . 
B 2 HOH 22  256 22  HOH HOH A . 
B 2 HOH 23  257 23  HOH HOH A . 
B 2 HOH 24  258 24  HOH HOH A . 
B 2 HOH 25  259 25  HOH HOH A . 
B 2 HOH 26  260 26  HOH HOH A . 
B 2 HOH 27  261 27  HOH HOH A . 
B 2 HOH 28  262 28  HOH HOH A . 
B 2 HOH 29  263 29  HOH HOH A . 
B 2 HOH 30  264 30  HOH HOH A . 
B 2 HOH 31  265 31  HOH HOH A . 
B 2 HOH 32  266 32  HOH HOH A . 
B 2 HOH 33  267 33  HOH HOH A . 
B 2 HOH 34  268 34  HOH HOH A . 
B 2 HOH 35  269 35  HOH HOH A . 
B 2 HOH 36  270 36  HOH HOH A . 
B 2 HOH 37  271 37  HOH HOH A . 
B 2 HOH 38  272 38  HOH HOH A . 
B 2 HOH 39  273 39  HOH HOH A . 
B 2 HOH 40  274 40  HOH HOH A . 
B 2 HOH 41  275 41  HOH HOH A . 
B 2 HOH 42  276 42  HOH HOH A . 
B 2 HOH 43  277 43  HOH HOH A . 
B 2 HOH 44  278 44  HOH HOH A . 
B 2 HOH 45  279 45  HOH HOH A . 
B 2 HOH 46  280 46  HOH HOH A . 
B 2 HOH 47  281 47  HOH HOH A . 
B 2 HOH 48  282 49  HOH HOH A . 
B 2 HOH 49  283 50  HOH HOH A . 
B 2 HOH 50  284 51  HOH HOH A . 
B 2 HOH 51  285 52  HOH HOH A . 
B 2 HOH 52  286 53  HOH HOH A . 
B 2 HOH 53  287 54  HOH HOH A . 
B 2 HOH 54  288 56  HOH HOH A . 
B 2 HOH 55  289 57  HOH HOH A . 
B 2 HOH 56  290 58  HOH HOH A . 
B 2 HOH 57  291 59  HOH HOH A . 
B 2 HOH 58  292 60  HOH HOH A . 
B 2 HOH 59  293 61  HOH HOH A . 
B 2 HOH 60  294 62  HOH HOH A . 
B 2 HOH 61  295 64  HOH HOH A . 
B 2 HOH 62  296 65  HOH HOH A . 
B 2 HOH 63  297 66  HOH HOH A . 
B 2 HOH 64  298 67  HOH HOH A . 
B 2 HOH 65  299 68  HOH HOH A . 
B 2 HOH 66  300 69  HOH HOH A . 
B 2 HOH 67  301 70  HOH HOH A . 
B 2 HOH 68  302 71  HOH HOH A . 
B 2 HOH 69  303 73  HOH HOH A . 
B 2 HOH 70  304 74  HOH HOH A . 
B 2 HOH 71  305 75  HOH HOH A . 
B 2 HOH 72  306 76  HOH HOH A . 
B 2 HOH 73  307 77  HOH HOH A . 
B 2 HOH 74  308 80  HOH HOH A . 
B 2 HOH 75  309 81  HOH HOH A . 
B 2 HOH 76  310 83  HOH HOH A . 
B 2 HOH 77  311 84  HOH HOH A . 
B 2 HOH 78  312 85  HOH HOH A . 
B 2 HOH 79  313 86  HOH HOH A . 
B 2 HOH 80  314 90  HOH HOH A . 
B 2 HOH 81  315 91  HOH HOH A . 
B 2 HOH 82  316 92  HOH HOH A . 
B 2 HOH 83  317 95  HOH HOH A . 
B 2 HOH 84  318 96  HOH HOH A . 
B 2 HOH 85  319 98  HOH HOH A . 
B 2 HOH 86  320 99  HOH HOH A . 
B 2 HOH 87  321 101 HOH HOH A . 
B 2 HOH 88  322 102 HOH HOH A . 
B 2 HOH 89  323 103 HOH HOH A . 
B 2 HOH 90  324 104 HOH HOH A . 
B 2 HOH 91  325 106 HOH HOH A . 
B 2 HOH 92  326 107 HOH HOH A . 
B 2 HOH 93  327 109 HOH HOH A . 
B 2 HOH 94  328 110 HOH HOH A . 
B 2 HOH 95  329 113 HOH HOH A . 
B 2 HOH 96  330 114 HOH HOH A . 
B 2 HOH 97  331 115 HOH HOH A . 
B 2 HOH 98  332 116 HOH HOH A . 
B 2 HOH 99  333 118 HOH HOH A . 
B 2 HOH 100 334 120 HOH HOH A . 
B 2 HOH 101 335 121 HOH HOH A . 
B 2 HOH 102 336 122 HOH HOH A . 
B 2 HOH 103 337 124 HOH HOH A . 
B 2 HOH 104 338 125 HOH HOH A . 
B 2 HOH 105 339 126 HOH HOH A . 
B 2 HOH 106 340 127 HOH HOH A . 
B 2 HOH 107 341 130 HOH HOH A . 
B 2 HOH 108 342 131 HOH HOH A . 
B 2 HOH 109 343 132 HOH HOH A . 
B 2 HOH 110 344 133 HOH HOH A . 
B 2 HOH 111 345 134 HOH HOH A . 
B 2 HOH 112 346 135 HOH HOH A . 
B 2 HOH 113 347 138 HOH HOH A . 
B 2 HOH 114 348 139 HOH HOH A . 
B 2 HOH 115 349 140 HOH HOH A . 
B 2 HOH 116 350 143 HOH HOH A . 
B 2 HOH 117 351 145 HOH HOH A . 
B 2 HOH 118 352 146 HOH HOH A . 
B 2 HOH 119 353 147 HOH HOH A . 
B 2 HOH 120 354 149 HOH HOH A . 
B 2 HOH 121 355 151 HOH HOH A . 
B 2 HOH 122 356 152 HOH HOH A . 
B 2 HOH 123 357 153 HOH HOH A . 
B 2 HOH 124 358 154 HOH HOH A . 
# 
loop_
_pdbx_unobs_or_zero_occ_atoms.id 
_pdbx_unobs_or_zero_occ_atoms.PDB_model_num 
_pdbx_unobs_or_zero_occ_atoms.polymer_flag 
_pdbx_unobs_or_zero_occ_atoms.occupancy_flag 
_pdbx_unobs_or_zero_occ_atoms.auth_asym_id 
_pdbx_unobs_or_zero_occ_atoms.auth_comp_id 
_pdbx_unobs_or_zero_occ_atoms.auth_seq_id 
_pdbx_unobs_or_zero_occ_atoms.PDB_ins_code 
_pdbx_unobs_or_zero_occ_atoms.auth_atom_id 
_pdbx_unobs_or_zero_occ_atoms.label_alt_id 
_pdbx_unobs_or_zero_occ_atoms.label_asym_id 
_pdbx_unobs_or_zero_occ_atoms.label_comp_id 
_pdbx_unobs_or_zero_occ_atoms.label_seq_id 
_pdbx_unobs_or_zero_occ_atoms.label_atom_id 
1  1 Y 1 A GLN 106 ? CG  ? A GLN 24  CG  
2  1 Y 1 A GLN 106 ? CD  ? A GLN 24  CD  
3  1 Y 1 A GLN 106 ? OE1 ? A GLN 24  OE1 
4  1 Y 1 A GLN 106 ? NE2 ? A GLN 24  NE2 
5  1 Y 1 A LYS 112 ? NZ  ? A LYS 30  NZ  
6  1 Y 1 A ARG 161 ? NH1 ? A ARG 79  NH1 
7  1 Y 1 A ARG 161 ? NH2 ? A ARG 79  NH2 
8  1 Y 1 A GLN 199 ? OE1 ? A GLN 117 OE1 
9  1 Y 1 A GLN 199 ? NE2 ? A GLN 117 NE2 
10 1 Y 1 A ARG 202 ? CD  ? A ARG 120 CD  
11 1 Y 1 A ARG 202 ? NE  ? A ARG 120 NE  
12 1 Y 1 A ARG 202 ? CZ  ? A ARG 120 CZ  
13 1 Y 1 A ARG 202 ? NH1 ? A ARG 120 NH1 
14 1 Y 1 A ARG 202 ? NH2 ? A ARG 120 NH2 
15 1 Y 1 A LYS 217 ? CE  ? A LYS 135 CE  
16 1 Y 1 A LYS 217 ? NZ  ? A LYS 135 NZ  
17 1 Y 1 A GLN 219 ? CG  ? A GLN 137 CG  
18 1 Y 1 A GLN 219 ? CD  ? A GLN 137 CD  
19 1 Y 1 A GLN 219 ? OE1 ? A GLN 137 OE1 
20 1 Y 1 A GLN 219 ? NE2 ? A GLN 137 NE2 
# 
loop_
_software.name 
_software.classification 
_software.version 
_software.citation_id 
_software.pdbx_ordinal 
REFMAC refinement        5.2.0005 ? 1 
MAR345 'data collection' .        ? 2 
XDS    'data scaling'    .        ? 3 
# 
_cell.entry_id           2D4L 
_cell.length_a           61.163 
_cell.length_b           61.163 
_cell.length_c           64.167 
_cell.angle_alpha        90.00 
_cell.angle_beta         90.00 
_cell.angle_gamma        120.00 
_cell.Z_PDB              6 
_cell.pdbx_unique_axis   ? 
_cell.length_a_esd       ? 
_cell.length_b_esd       ? 
_cell.length_c_esd       ? 
_cell.angle_alpha_esd    ? 
_cell.angle_beta_esd     ? 
_cell.angle_gamma_esd    ? 
# 
_symmetry.entry_id                         2D4L 
_symmetry.space_group_name_H-M             'P 63' 
_symmetry.pdbx_full_space_group_name_H-M   ? 
_symmetry.cell_setting                     ? 
_symmetry.Int_Tables_number                173 
_symmetry.space_group_name_Hall            ? 
# 
_exptl.entry_id          2D4L 
_exptl.method            'X-RAY DIFFRACTION' 
_exptl.crystals_number   1 
# 
_exptl_crystal.id                    1 
_exptl_crystal.density_meas          ? 
_exptl_crystal.density_Matthews      2.14 
_exptl_crystal.density_percent_sol   42.54 
_exptl_crystal.description           ? 
_exptl_crystal.F_000                 ? 
_exptl_crystal.preparation           ? 
# 
_exptl_crystal_grow.crystal_id      1 
_exptl_crystal_grow.method          'VAPOR DIFFUSION, HANGING DROP' 
_exptl_crystal_grow.temp            293.0 
_exptl_crystal_grow.temp_details    ? 
_exptl_crystal_grow.pH              8.5 
_exptl_crystal_grow.pdbx_details    'PEG 8000, AMMONIUM CHLORIDE, TRIS, pH 8.5, VAPOR DIFFUSION, HANGING DROP, temperature 293.0K' 
_exptl_crystal_grow.pdbx_pH_range   . 
# 
_diffrn.id                     1 
_diffrn.ambient_temp           100 
_diffrn.ambient_temp_details   ? 
_diffrn.crystal_id             1 
# 
_diffrn_detector.diffrn_id              1 
_diffrn_detector.detector               'IMAGE PLATE' 
_diffrn_detector.type                   MARRESEARCH 
_diffrn_detector.pdbx_collection_date   2005-01-19 
_diffrn_detector.details                ? 
# 
_diffrn_radiation.diffrn_id                        1 
_diffrn_radiation.wavelength_id                    1 
_diffrn_radiation.pdbx_monochromatic_or_laue_m_l   M 
_diffrn_radiation.monochromator                    'Si 111 CHANNEL' 
_diffrn_radiation.pdbx_diffrn_protocol             'SINGLE WAVELENGTH' 
_diffrn_radiation.pdbx_scattering_type             x-ray 
# 
_diffrn_radiation_wavelength.id           1 
_diffrn_radiation_wavelength.wavelength   0.843 
_diffrn_radiation_wavelength.wt           1.0 
# 
_diffrn_source.diffrn_id                   1 
_diffrn_source.source                      SYNCHROTRON 
_diffrn_source.type                        'EMBL/DESY, HAMBURG BEAMLINE BW7B' 
_diffrn_source.pdbx_synchrotron_site       'EMBL/DESY, HAMBURG' 
_diffrn_source.pdbx_synchrotron_beamline   BW7B 
_diffrn_source.pdbx_wavelength             ? 
_diffrn_source.pdbx_wavelength_list        0.843 
# 
_reflns.entry_id                     2D4L 
_reflns.observed_criterion_sigma_I   -3 
_reflns.observed_criterion_sigma_F   ? 
_reflns.d_resolution_low             53.0 
_reflns.d_resolution_high            1.7 
_reflns.number_obs                   14813 
_reflns.number_all                   14813 
_reflns.percent_possible_obs         98.34 
_reflns.pdbx_Rmerge_I_obs            0.037 
_reflns.pdbx_Rsym_value              0.031 
_reflns.pdbx_netI_over_sigmaI        21.15 
_reflns.B_iso_Wilson_estimate        33.811 
_reflns.pdbx_redundancy              3.08 
_reflns.R_free_details               ? 
_reflns.limit_h_max                  ? 
_reflns.limit_h_min                  ? 
_reflns.limit_k_max                  ? 
_reflns.limit_k_min                  ? 
_reflns.limit_l_max                  ? 
_reflns.limit_l_min                  ? 
_reflns.observed_criterion_F_max     ? 
_reflns.observed_criterion_F_min     ? 
_reflns.pdbx_chi_squared             ? 
_reflns.pdbx_scaling_rejects         ? 
_reflns.pdbx_ordinal                 1 
_reflns.pdbx_diffrn_id               1 
# 
_reflns_shell.d_res_high             1.7 
_reflns_shell.d_res_low              1.8 
_reflns_shell.percent_possible_all   98 
_reflns_shell.Rmerge_I_obs           0.533 
_reflns_shell.pdbx_Rsym_value        0.44 
_reflns_shell.meanI_over_sigI_obs    3.33 
_reflns_shell.pdbx_redundancy        3.09 
_reflns_shell.percent_possible_obs   ? 
_reflns_shell.number_unique_all      2308 
_reflns_shell.number_measured_all    ? 
_reflns_shell.number_measured_obs    ? 
_reflns_shell.number_unique_obs      ? 
_reflns_shell.pdbx_chi_squared       ? 
_reflns_shell.pdbx_ordinal           1 
_reflns_shell.pdbx_diffrn_id         1 
# 
_refine.entry_id                                 2D4L 
_refine.ls_number_reflns_obs                     14013 
_refine.ls_number_reflns_all                     14013 
_refine.pdbx_ls_sigma_I                          ? 
_refine.pdbx_ls_sigma_F                          ? 
_refine.pdbx_data_cutoff_high_absF               ? 
_refine.pdbx_data_cutoff_low_absF                ? 
_refine.pdbx_data_cutoff_high_rms_absF           ? 
_refine.ls_d_res_low                             20.00 
_refine.ls_d_res_high                            1.70 
_refine.ls_percent_reflns_obs                    98.34 
_refine.ls_R_factor_obs                          0.1632 
_refine.ls_R_factor_all                          0.1632 
_refine.ls_R_factor_R_work                       0.1623 
_refine.ls_R_factor_R_free                       0.17888 
_refine.ls_R_factor_R_free_error                 ? 
_refine.ls_R_factor_R_free_error_details         ? 
_refine.ls_percent_reflns_R_free                 5.4 
_refine.ls_number_reflns_R_free                  800 
_refine.ls_number_parameters                     ? 
_refine.ls_number_restraints                     ? 
_refine.occupancy_min                            ? 
_refine.occupancy_max                            ? 
_refine.correlation_coeff_Fo_to_Fc               0.976 
_refine.correlation_coeff_Fo_to_Fc_free          0.970 
_refine.B_iso_mean                               31.803 
_refine.aniso_B[1][1]                            1.22 
_refine.aniso_B[2][2]                            1.22 
_refine.aniso_B[3][3]                            -1.83 
_refine.aniso_B[1][2]                            0.61 
_refine.aniso_B[1][3]                            0.00 
_refine.aniso_B[2][3]                            0.00 
_refine.solvent_model_details                    'BABINET MODEL WITH MASK' 
_refine.solvent_model_param_ksol                 ? 
_refine.solvent_model_param_bsol                 ? 
_refine.pdbx_solvent_vdw_probe_radii             1.20 
_refine.pdbx_solvent_ion_probe_radii             0.80 
_refine.pdbx_solvent_shrinkage_radii             0.80 
_refine.pdbx_ls_cross_valid_method               THROUGHOUT 
_refine.details                                  'HYDROGENS HAVE BEEN ADDED IN THE RIDING POSITIONS, rigid body refinement' 
_refine.pdbx_starting_model                      2AKV 
_refine.pdbx_method_to_determine_struct          ? 
_refine.pdbx_isotropic_thermal_model             'TLS and isotropic individual' 
_refine.pdbx_stereochemistry_target_values       'MAXIMUM LIKELIHOOD' 
_refine.pdbx_stereochem_target_val_spec_case     ? 
_refine.pdbx_R_Free_selection_details            RANDOM 
_refine.pdbx_overall_ESU_R                       0.088 
_refine.pdbx_overall_ESU_R_Free                  0.082 
_refine.overall_SU_ML                            0.070 
_refine.overall_SU_B                             4.977 
_refine.ls_redundancy_reflns_obs                 ? 
_refine.B_iso_min                                ? 
_refine.B_iso_max                                ? 
_refine.overall_SU_R_Cruickshank_DPI             ? 
_refine.overall_SU_R_free                        ? 
_refine.ls_wR_factor_R_free                      ? 
_refine.ls_wR_factor_R_work                      ? 
_refine.overall_FOM_free_R_set                   ? 
_refine.overall_FOM_work_R_set                   ? 
_refine.pdbx_refine_id                           'X-RAY DIFFRACTION' 
_refine.pdbx_TLS_residual_ADP_flag               'LIKELY RESIDUAL' 
_refine.pdbx_diffrn_id                           1 
_refine.pdbx_overall_phase_error                 ? 
_refine.pdbx_overall_SU_R_free_Cruickshank_DPI   ? 
_refine.pdbx_overall_SU_R_Blow_DPI               ? 
_refine.pdbx_overall_SU_R_free_Blow_DPI          ? 
# 
_refine_hist.pdbx_refine_id                   'X-RAY DIFFRACTION' 
_refine_hist.cycle_id                         LAST 
_refine_hist.pdbx_number_atoms_protein        828 
_refine_hist.pdbx_number_atoms_nucleic_acid   0 
_refine_hist.pdbx_number_atoms_ligand         0 
_refine_hist.number_atoms_solvent             124 
_refine_hist.number_atoms_total               952 
_refine_hist.d_res_high                       1.70 
_refine_hist.d_res_low                        20.00 
# 
loop_
_refine_ls_restr.type 
_refine_ls_restr.dev_ideal 
_refine_ls_restr.dev_ideal_target 
_refine_ls_restr.weight 
_refine_ls_restr.number 
_refine_ls_restr.pdbx_refine_id 
_refine_ls_restr.pdbx_restraint_function 
r_bond_refined_d             0.020  0.022  ? 869  'X-RAY DIFFRACTION' ? 
r_bond_other_d               ?      ?      ? ?    'X-RAY DIFFRACTION' ? 
r_angle_refined_deg          1.948  2.007  ? 1192 'X-RAY DIFFRACTION' ? 
r_angle_other_deg            ?      ?      ? ?    'X-RAY DIFFRACTION' ? 
r_dihedral_angle_1_deg       12.202 5.160  ? 125  'X-RAY DIFFRACTION' ? 
r_dihedral_angle_2_deg       41.506 27.083 ? 24   'X-RAY DIFFRACTION' ? 
r_dihedral_angle_3_deg       13.575 15.000 ? 152  'X-RAY DIFFRACTION' ? 
r_dihedral_angle_4_deg       9.046  15.000 ? 2    'X-RAY DIFFRACTION' ? 
r_chiral_restr               0.141  0.200  ? 151  'X-RAY DIFFRACTION' ? 
r_gen_planes_refined         0.010  0.020  ? 622  'X-RAY DIFFRACTION' ? 
r_gen_planes_other           ?      ?      ? ?    'X-RAY DIFFRACTION' ? 
r_nbd_refined                0.225  0.200  ? 366  'X-RAY DIFFRACTION' ? 
r_nbd_other                  ?      ?      ? ?    'X-RAY DIFFRACTION' ? 
r_nbtor_refined              0.320  0.200  ? 615  'X-RAY DIFFRACTION' ? 
r_nbtor_other                ?      ?      ? ?    'X-RAY DIFFRACTION' ? 
r_xyhbond_nbd_refined        0.195  0.200  ? 101  'X-RAY DIFFRACTION' ? 
r_xyhbond_nbd_other          ?      ?      ? ?    'X-RAY DIFFRACTION' ? 
r_metal_ion_refined          ?      ?      ? ?    'X-RAY DIFFRACTION' ? 
r_metal_ion_other            ?      ?      ? ?    'X-RAY DIFFRACTION' ? 
r_symmetry_vdw_refined       0.193  0.200  ? 52   'X-RAY DIFFRACTION' ? 
r_symmetry_vdw_other         ?      ?      ? ?    'X-RAY DIFFRACTION' ? 
r_symmetry_hbond_refined     0.144  0.200  ? 18   'X-RAY DIFFRACTION' ? 
r_symmetry_hbond_other       ?      ?      ? ?    'X-RAY DIFFRACTION' ? 
r_symmetry_metal_ion_refined ?      ?      ? ?    'X-RAY DIFFRACTION' ? 
r_symmetry_metal_ion_other   ?      ?      ? ?    'X-RAY DIFFRACTION' ? 
r_mcbond_it                  2.338  2.000  ? 589  'X-RAY DIFFRACTION' ? 
r_mcbond_other               ?      ?      ? ?    'X-RAY DIFFRACTION' ? 
r_mcangle_it                 5.274  20.000 ? 955  'X-RAY DIFFRACTION' ? 
r_scbond_it                  12.776 50.000 ? 298  'X-RAY DIFFRACTION' ? 
r_scangle_it                 15.060 50.000 ? 232  'X-RAY DIFFRACTION' ? 
r_rigid_bond_restr           ?      ?      ? ?    'X-RAY DIFFRACTION' ? 
r_sphericity_free            ?      ?      ? ?    'X-RAY DIFFRACTION' ? 
r_sphericity_bonded          ?      ?      ? ?    'X-RAY DIFFRACTION' ? 
# 
_refine_ls_shell.pdbx_total_number_of_bins_used   20 
_refine_ls_shell.d_res_high                       1.700 
_refine_ls_shell.d_res_low                        1.744 
_refine_ls_shell.number_reflns_R_work             1016 
_refine_ls_shell.R_factor_R_work                  0.282 
_refine_ls_shell.percent_reflns_obs               97.82 
_refine_ls_shell.R_factor_R_free                  0.328 
_refine_ls_shell.R_factor_R_free_error            ? 
_refine_ls_shell.percent_reflns_R_free            ? 
_refine_ls_shell.number_reflns_R_free             61 
_refine_ls_shell.number_reflns_obs                1077 
_refine_ls_shell.redundancy_reflns_obs            ? 
_refine_ls_shell.number_reflns_all                ? 
_refine_ls_shell.R_factor_all                     ? 
_refine_ls_shell.pdbx_refine_id                   'X-RAY DIFFRACTION' 
# 
_struct.entry_id                  2D4L 
_struct.title                     'Crystal structure of truncated in C-terminal M-PMV dUTPase' 
_struct.pdbx_model_details        ? 
_struct.pdbx_CASP_flag            ? 
_struct.pdbx_model_type_details   ? 
# 
_struct_keywords.entry_id        2D4L 
_struct_keywords.pdbx_keywords   HYDROLASE 
_struct_keywords.text            'jelly roll, HYDROLASE' 
# 
loop_
_struct_asym.id 
_struct_asym.pdbx_blank_PDB_chainid_flag 
_struct_asym.pdbx_modified 
_struct_asym.entity_id 
_struct_asym.details 
A N N 1 ? 
B N N 2 ? 
# 
_struct_ref.id                         1 
_struct_ref.db_name                    UNP 
_struct_ref.db_code                    VPRT_MPMV 
_struct_ref.pdbx_db_accession          P07570 
_struct_ref.entity_id                  1 
_struct_ref.pdbx_align_begin           11 
_struct_ref.pdbx_seq_one_letter_code   ? 
_struct_ref.pdbx_db_isoform            ? 
# 
_struct_ref_seq.align_id                      1 
_struct_ref_seq.ref_id                        1 
_struct_ref_seq.pdbx_PDB_id_code              2D4L 
_struct_ref_seq.pdbx_strand_id                A 
_struct_ref_seq.seq_align_beg                 1 
_struct_ref_seq.pdbx_seq_align_beg_ins_code   ? 
_struct_ref_seq.seq_align_end                 152 
_struct_ref_seq.pdbx_seq_align_end_ins_code   ? 
_struct_ref_seq.pdbx_db_accession             P07570 
_struct_ref_seq.db_align_beg                  11 
_struct_ref_seq.pdbx_db_align_beg_ins_code    ? 
_struct_ref_seq.db_align_end                  162 
_struct_ref_seq.pdbx_db_align_end_ins_code    ? 
_struct_ref_seq.pdbx_auth_seq_align_beg       83 
_struct_ref_seq.pdbx_auth_seq_align_end       234 
# 
_struct_ref_seq_dif.align_id                     1 
_struct_ref_seq_dif.pdbx_pdb_id_code             2D4L 
_struct_ref_seq_dif.mon_id                       LYS 
_struct_ref_seq_dif.pdbx_pdb_strand_id           A 
_struct_ref_seq_dif.seq_num                      1 
_struct_ref_seq_dif.pdbx_pdb_ins_code            ? 
_struct_ref_seq_dif.pdbx_seq_db_name             UNP 
_struct_ref_seq_dif.pdbx_seq_db_accession_code   P07570 
_struct_ref_seq_dif.db_mon_id                    ASN 
_struct_ref_seq_dif.pdbx_seq_db_seq_num          83 
_struct_ref_seq_dif.details                      'engineered mutation' 
_struct_ref_seq_dif.pdbx_auth_seq_num            83 
_struct_ref_seq_dif.pdbx_ordinal                 1 
# 
_pdbx_struct_assembly.id                   1 
_pdbx_struct_assembly.details              author_and_software_defined_assembly 
_pdbx_struct_assembly.method_details       PISA,PQS 
_pdbx_struct_assembly.oligomeric_details   trimeric 
_pdbx_struct_assembly.oligomeric_count     3 
# 
loop_
_pdbx_struct_assembly_prop.biol_id 
_pdbx_struct_assembly_prop.type 
_pdbx_struct_assembly_prop.value 
_pdbx_struct_assembly_prop.details 
1 'ABSA (A^2)' 6510  ? 
1 MORE         -58   ? 
1 'SSA (A^2)'  14280 ? 
# 
_pdbx_struct_assembly_gen.assembly_id       1 
_pdbx_struct_assembly_gen.oper_expression   1,2,3 
_pdbx_struct_assembly_gen.asym_id_list      A,B 
# 
loop_
_pdbx_struct_oper_list.id 
_pdbx_struct_oper_list.type 
_pdbx_struct_oper_list.name 
_pdbx_struct_oper_list.symmetry_operation 
_pdbx_struct_oper_list.matrix[1][1] 
_pdbx_struct_oper_list.matrix[1][2] 
_pdbx_struct_oper_list.matrix[1][3] 
_pdbx_struct_oper_list.vector[1] 
_pdbx_struct_oper_list.matrix[2][1] 
_pdbx_struct_oper_list.matrix[2][2] 
_pdbx_struct_oper_list.matrix[2][3] 
_pdbx_struct_oper_list.vector[2] 
_pdbx_struct_oper_list.matrix[3][1] 
_pdbx_struct_oper_list.matrix[3][2] 
_pdbx_struct_oper_list.matrix[3][3] 
_pdbx_struct_oper_list.vector[3] 
1 'identity operation'         1_555 x,y,z        1.0000000000 0.0000000000  0.0000000000 0.0000000000  0.0000000000  1.0000000000  0.0000000000  0.0000000000  0.0000000000 0.0000000000  1.0000000000  0.0000000000  
2 'crystal symmetry operation' 2_775 -y+2,x-y+2,z 0.7513568626 -0.6478640643 0.1254393047 3.0555233985  -0.1646338015 -0.3681126061 -0.9150895151 17.6862207191 0.6390294018 0.6669072375  -0.3832442566 8.7942334127  
3 'crystal symmetry operation' 3_575 -x+y,-x+2,z  0.7513568626 -0.1646338015 0.6390294018 -5.0038124390 -0.6478640643 -0.3681126061 0.6669072375  2.6251466979  0.1254393047 -0.9150895151 -0.3832442566 19.1715318573 
# 
_struct_biol.id                    1 
_struct_biol.details               
;The biological assembly is a trimer generated from the monomer 
in the asymmetric unit by the operations: 2-y,2+x-y,z and -x+y,2-x,z
;
_struct_biol.pdbx_parent_biol_id   ? 
# 
loop_
_struct_conf.conf_type_id 
_struct_conf.id 
_struct_conf.pdbx_PDB_helix_id 
_struct_conf.beg_label_comp_id 
_struct_conf.beg_label_asym_id 
_struct_conf.beg_label_seq_id 
_struct_conf.pdbx_beg_PDB_ins_code 
_struct_conf.end_label_comp_id 
_struct_conf.end_label_asym_id 
_struct_conf.end_label_seq_id 
_struct_conf.pdbx_end_PDB_ins_code 
_struct_conf.beg_auth_comp_id 
_struct_conf.beg_auth_asym_id 
_struct_conf.beg_auth_seq_id 
_struct_conf.end_auth_comp_id 
_struct_conf.end_auth_asym_id 
_struct_conf.end_auth_seq_id 
_struct_conf.pdbx_PDB_helix_class 
_struct_conf.details 
_struct_conf.pdbx_PDB_helix_length 
HELX_P HELX_P1 1 SER A 29 ? LEU A 31 ? SER A 111 LEU A 113 5 ? 3 
HELX_P HELX_P2 2 THR A 52 ? GLY A 56 ? THR A 134 GLY A 138 5 ? 5 
HELX_P HELX_P3 3 ARG A 79 ? LYS A 85 ? ARG A 161 LYS A 167 1 ? 7 
# 
_struct_conf_type.id          HELX_P 
_struct_conf_type.criteria    ? 
_struct_conf_type.reference   ? 
# 
loop_
_struct_conn.id 
_struct_conn.conn_type_id 
_struct_conn.pdbx_leaving_atom_flag 
_struct_conn.pdbx_PDB_id 
_struct_conn.ptnr1_label_asym_id 
_struct_conn.ptnr1_label_comp_id 
_struct_conn.ptnr1_label_seq_id 
_struct_conn.ptnr1_label_atom_id 
_struct_conn.pdbx_ptnr1_label_alt_id 
_struct_conn.pdbx_ptnr1_PDB_ins_code 
_struct_conn.pdbx_ptnr1_standard_comp_id 
_struct_conn.ptnr1_symmetry 
_struct_conn.ptnr2_label_asym_id 
_struct_conn.ptnr2_label_comp_id 
_struct_conn.ptnr2_label_seq_id 
_struct_conn.ptnr2_label_atom_id 
_struct_conn.pdbx_ptnr2_label_alt_id 
_struct_conn.pdbx_ptnr2_PDB_ins_code 
_struct_conn.ptnr1_auth_asym_id 
_struct_conn.ptnr1_auth_comp_id 
_struct_conn.ptnr1_auth_seq_id 
_struct_conn.ptnr2_auth_asym_id 
_struct_conn.ptnr2_auth_comp_id 
_struct_conn.ptnr2_auth_seq_id 
_struct_conn.ptnr2_symmetry 
_struct_conn.pdbx_ptnr3_label_atom_id 
_struct_conn.pdbx_ptnr3_label_seq_id 
_struct_conn.pdbx_ptnr3_label_comp_id 
_struct_conn.pdbx_ptnr3_label_asym_id 
_struct_conn.pdbx_ptnr3_label_alt_id 
_struct_conn.pdbx_ptnr3_PDB_ins_code 
_struct_conn.details 
_struct_conn.pdbx_dist_value 
_struct_conn.pdbx_value_order 
_struct_conn.pdbx_role 
covale1 covale both ? A LEU 43 C ? ? ? 1_555 A CSO 44 N ? ? A LEU 125 A CSO 126 1_555 ? ? ? ? ? ? ? 1.322 ? ? 
covale2 covale both ? A CSO 44 C ? ? ? 1_555 A SER 45 N ? ? A CSO 126 A SER 127 1_555 ? ? ? ? ? ? ? 1.346 ? ? 
# 
_struct_conn_type.id          covale 
_struct_conn_type.criteria    ? 
_struct_conn_type.reference   ? 
# 
_pdbx_modification_feature.ordinal                            1 
_pdbx_modification_feature.label_comp_id                      CSO 
_pdbx_modification_feature.label_asym_id                      A 
_pdbx_modification_feature.label_seq_id                       44 
_pdbx_modification_feature.label_alt_id                       ? 
_pdbx_modification_feature.modified_residue_label_comp_id     . 
_pdbx_modification_feature.modified_residue_label_asym_id     . 
_pdbx_modification_feature.modified_residue_label_seq_id      . 
_pdbx_modification_feature.modified_residue_label_alt_id      . 
_pdbx_modification_feature.auth_comp_id                       CSO 
_pdbx_modification_feature.auth_asym_id                       A 
_pdbx_modification_feature.auth_seq_id                        126 
_pdbx_modification_feature.PDB_ins_code                       ? 
_pdbx_modification_feature.symmetry                           1_555 
_pdbx_modification_feature.modified_residue_auth_comp_id      . 
_pdbx_modification_feature.modified_residue_auth_asym_id      . 
_pdbx_modification_feature.modified_residue_auth_seq_id       . 
_pdbx_modification_feature.modified_residue_PDB_ins_code      . 
_pdbx_modification_feature.modified_residue_symmetry          . 
_pdbx_modification_feature.comp_id_linking_atom               . 
_pdbx_modification_feature.modified_residue_id_linking_atom   . 
_pdbx_modification_feature.modified_residue_id                CYS 
_pdbx_modification_feature.ref_pcm_id                         1 
_pdbx_modification_feature.ref_comp_id                        CSO 
_pdbx_modification_feature.type                               Hydroxylation 
_pdbx_modification_feature.category                           'Named protein modification' 
# 
loop_
_struct_mon_prot_cis.pdbx_id 
_struct_mon_prot_cis.label_comp_id 
_struct_mon_prot_cis.label_seq_id 
_struct_mon_prot_cis.label_asym_id 
_struct_mon_prot_cis.label_alt_id 
_struct_mon_prot_cis.pdbx_PDB_ins_code 
_struct_mon_prot_cis.auth_comp_id 
_struct_mon_prot_cis.auth_seq_id 
_struct_mon_prot_cis.auth_asym_id 
_struct_mon_prot_cis.pdbx_label_comp_id_2 
_struct_mon_prot_cis.pdbx_label_seq_id_2 
_struct_mon_prot_cis.pdbx_label_asym_id_2 
_struct_mon_prot_cis.pdbx_PDB_ins_code_2 
_struct_mon_prot_cis.pdbx_auth_comp_id_2 
_struct_mon_prot_cis.pdbx_auth_seq_id_2 
_struct_mon_prot_cis.pdbx_auth_asym_id_2 
_struct_mon_prot_cis.pdbx_PDB_model_num 
_struct_mon_prot_cis.pdbx_omega_angle 
1 GLN 24 A . ? GLN 106 A LYS 25 A ? LYS 107 A 1 -22.78 
2 GLY 66 A . ? GLY 148 A PRO 67 A ? PRO 149 A 1 9.59   
# 
loop_
_struct_sheet.id 
_struct_sheet.type 
_struct_sheet.number_strands 
_struct_sheet.details 
A ? 4 ? 
B ? 4 ? 
C ? 2 ? 
# 
loop_
_struct_sheet_order.sheet_id 
_struct_sheet_order.range_id_1 
_struct_sheet_order.range_id_2 
_struct_sheet_order.offset 
_struct_sheet_order.sense 
A 1 2 ? parallel      
A 2 3 ? anti-parallel 
A 3 4 ? anti-parallel 
B 1 2 ? anti-parallel 
B 2 3 ? anti-parallel 
B 3 4 ? anti-parallel 
C 1 2 ? anti-parallel 
# 
loop_
_struct_sheet_range.sheet_id 
_struct_sheet_range.id 
_struct_sheet_range.beg_label_comp_id 
_struct_sheet_range.beg_label_asym_id 
_struct_sheet_range.beg_label_seq_id 
_struct_sheet_range.pdbx_beg_PDB_ins_code 
_struct_sheet_range.end_label_comp_id 
_struct_sheet_range.end_label_asym_id 
_struct_sheet_range.end_label_seq_id 
_struct_sheet_range.pdbx_end_PDB_ins_code 
_struct_sheet_range.beg_auth_comp_id 
_struct_sheet_range.beg_auth_asym_id 
_struct_sheet_range.beg_auth_seq_id 
_struct_sheet_range.end_auth_comp_id 
_struct_sheet_range.end_auth_asym_id 
_struct_sheet_range.end_auth_seq_id 
A 1 GLN A 26  ? PRO A 27  ? GLN A 108 PRO A 109 
A 2 GLN A 58  ? TYR A 65  ? GLN A 140 TYR A 147 
A 3 GLU A 101 ? ALA A 108 ? GLU A 183 ALA A 190 
A 4 LEU A 87  ? TYR A 90  ? LEU A 169 TYR A 172 
B 1 LEU A 41  ? CSO A 44  ? LEU A 123 CSO A 126 
B 2 ARG A 120 ? PRO A 128 ? ARG A 202 PRO A 210 
B 3 THR A 72  ? GLY A 78  ? THR A 154 GLY A 160 
B 4 GLY A 92  ? ILE A 94  ? GLY A 174 ILE A 176 
C 1 THR A 49  ? LEU A 51  ? THR A 131 LEU A 133 
C 2 VAL A 113 ? VAL A 115 ? VAL A 195 VAL A 197 
# 
loop_
_pdbx_struct_sheet_hbond.sheet_id 
_pdbx_struct_sheet_hbond.range_id_1 
_pdbx_struct_sheet_hbond.range_id_2 
_pdbx_struct_sheet_hbond.range_1_label_atom_id 
_pdbx_struct_sheet_hbond.range_1_label_comp_id 
_pdbx_struct_sheet_hbond.range_1_label_asym_id 
_pdbx_struct_sheet_hbond.range_1_label_seq_id 
_pdbx_struct_sheet_hbond.range_1_PDB_ins_code 
_pdbx_struct_sheet_hbond.range_1_auth_atom_id 
_pdbx_struct_sheet_hbond.range_1_auth_comp_id 
_pdbx_struct_sheet_hbond.range_1_auth_asym_id 
_pdbx_struct_sheet_hbond.range_1_auth_seq_id 
_pdbx_struct_sheet_hbond.range_2_label_atom_id 
_pdbx_struct_sheet_hbond.range_2_label_comp_id 
_pdbx_struct_sheet_hbond.range_2_label_asym_id 
_pdbx_struct_sheet_hbond.range_2_label_seq_id 
_pdbx_struct_sheet_hbond.range_2_PDB_ins_code 
_pdbx_struct_sheet_hbond.range_2_auth_atom_id 
_pdbx_struct_sheet_hbond.range_2_auth_comp_id 
_pdbx_struct_sheet_hbond.range_2_auth_asym_id 
_pdbx_struct_sheet_hbond.range_2_auth_seq_id 
A 1 2 N GLN A 26  ? N GLN A 108 O TYR A 65  ? O TYR A 147 
A 2 3 N LEU A 60  ? N LEU A 142 O ILE A 104 ? O ILE A 186 
A 3 4 O LYS A 107 ? O LYS A 189 N GLN A 88  ? N GLN A 170 
B 1 2 N LEU A 41  ? N LEU A 123 O LEU A 124 ? O LEU A 206 
B 2 3 O ILE A 125 ? O ILE A 207 N LEU A 75  ? N LEU A 157 
B 3 4 N ILE A 76  ? N ILE A 158 O GLY A 92  ? O GLY A 174 
C 1 2 N THR A 49  ? N THR A 131 O VAL A 115 ? O VAL A 197 
# 
_pdbx_entry_details.entry_id                   2D4L 
_pdbx_entry_details.compound_details           ? 
_pdbx_entry_details.source_details             ? 
_pdbx_entry_details.nonpolymer_details         ? 
_pdbx_entry_details.sequence_details           ? 
_pdbx_entry_details.has_ligand_of_interest     ? 
_pdbx_entry_details.has_protein_modification   Y 
# 
_pdbx_struct_mod_residue.id               1 
_pdbx_struct_mod_residue.label_asym_id    A 
_pdbx_struct_mod_residue.label_comp_id    CSO 
_pdbx_struct_mod_residue.label_seq_id     44 
_pdbx_struct_mod_residue.auth_asym_id     A 
_pdbx_struct_mod_residue.auth_comp_id     CSO 
_pdbx_struct_mod_residue.auth_seq_id      126 
_pdbx_struct_mod_residue.PDB_ins_code     ? 
_pdbx_struct_mod_residue.parent_comp_id   CYS 
_pdbx_struct_mod_residue.details          S-HYDROXYCYSTEINE 
# 
_pdbx_struct_special_symmetry.id              1 
_pdbx_struct_special_symmetry.PDB_model_num   1 
_pdbx_struct_special_symmetry.auth_asym_id    A 
_pdbx_struct_special_symmetry.auth_comp_id    HOH 
_pdbx_struct_special_symmetry.auth_seq_id     241 
_pdbx_struct_special_symmetry.PDB_ins_code    ? 
_pdbx_struct_special_symmetry.label_asym_id   B 
_pdbx_struct_special_symmetry.label_comp_id   HOH 
_pdbx_struct_special_symmetry.label_seq_id    . 
# 
_pdbx_refine_tls.id               1 
_pdbx_refine_tls.details          ? 
_pdbx_refine_tls.method           refined 
_pdbx_refine_tls.origin_x         0.2698 
_pdbx_refine_tls.origin_y         -0.2437 
_pdbx_refine_tls.origin_z         0.0222 
_pdbx_refine_tls.T[1][1]          -0.0284 
_pdbx_refine_tls.T[2][2]          -0.0490 
_pdbx_refine_tls.T[3][3]          -0.0518 
_pdbx_refine_tls.T[1][2]          0.0083 
_pdbx_refine_tls.T[1][3]          0.0299 
_pdbx_refine_tls.T[2][3]          -0.0232 
_pdbx_refine_tls.L[1][1]          1.5142 
_pdbx_refine_tls.L[2][2]          1.4088 
_pdbx_refine_tls.L[3][3]          1.3146 
_pdbx_refine_tls.L[1][2]          -0.3530 
_pdbx_refine_tls.L[1][3]          0.7383 
_pdbx_refine_tls.L[2][3]          -0.1751 
_pdbx_refine_tls.S[1][1]          -0.0469 
_pdbx_refine_tls.S[1][2]          0.1761 
_pdbx_refine_tls.S[1][3]          -0.0594 
_pdbx_refine_tls.S[2][1]          -0.1144 
_pdbx_refine_tls.S[2][2]          -0.0354 
_pdbx_refine_tls.S[2][3]          -0.0642 
_pdbx_refine_tls.S[3][1]          0.0664 
_pdbx_refine_tls.S[3][2]          0.0868 
_pdbx_refine_tls.S[3][3]          0.0823 
_pdbx_refine_tls.pdbx_refine_id   'X-RAY DIFFRACTION' 
# 
loop_
_pdbx_refine_tls_group.id 
_pdbx_refine_tls_group.refine_tls_id 
_pdbx_refine_tls_group.beg_auth_asym_id 
_pdbx_refine_tls_group.beg_auth_seq_id 
_pdbx_refine_tls_group.beg_label_asym_id 
_pdbx_refine_tls_group.beg_label_seq_id 
_pdbx_refine_tls_group.end_auth_asym_id 
_pdbx_refine_tls_group.end_auth_seq_id 
_pdbx_refine_tls_group.end_label_asym_id 
_pdbx_refine_tls_group.end_label_seq_id 
_pdbx_refine_tls_group.selection 
_pdbx_refine_tls_group.pdbx_refine_id 
_pdbx_refine_tls_group.selection_details 
1 1 A 106 A 24 A 219 A 137 ? 'X-RAY DIFFRACTION' ? 
2 1 A 235 B 1  A 358 B 124 ? 'X-RAY DIFFRACTION' ? 
# 
loop_
_pdbx_unobs_or_zero_occ_residues.id 
_pdbx_unobs_or_zero_occ_residues.PDB_model_num 
_pdbx_unobs_or_zero_occ_residues.polymer_flag 
_pdbx_unobs_or_zero_occ_residues.occupancy_flag 
_pdbx_unobs_or_zero_occ_residues.auth_asym_id 
_pdbx_unobs_or_zero_occ_residues.auth_comp_id 
_pdbx_unobs_or_zero_occ_residues.auth_seq_id 
_pdbx_unobs_or_zero_occ_residues.PDB_ins_code 
_pdbx_unobs_or_zero_occ_residues.label_asym_id 
_pdbx_unobs_or_zero_occ_residues.label_comp_id 
_pdbx_unobs_or_zero_occ_residues.label_seq_id 
1  1 Y 1 A LYS 83  ? A LYS 1   
2  1 Y 1 A ARG 84  ? A ARG 2   
3  1 Y 1 A VAL 85  ? A VAL 3   
4  1 Y 1 A GLU 86  ? A GLU 4   
5  1 Y 1 A GLY 87  ? A GLY 5   
6  1 Y 1 A PRO 88  ? A PRO 6   
7  1 Y 1 A ALA 89  ? A ALA 7   
8  1 Y 1 A PRO 90  ? A PRO 8   
9  1 Y 1 A GLY 91  ? A GLY 9   
10 1 Y 1 A PRO 92  ? A PRO 10  
11 1 Y 1 A GLU 93  ? A GLU 11  
12 1 Y 1 A THR 94  ? A THR 12  
13 1 Y 1 A SER 95  ? A SER 13  
14 1 Y 1 A LEU 96  ? A LEU 14  
15 1 Y 1 A TRP 97  ? A TRP 15  
16 1 Y 1 A GLY 98  ? A GLY 16  
17 1 Y 1 A SER 99  ? A SER 17  
18 1 Y 1 A GLN 100 ? A GLN 18  
19 1 Y 1 A LEU 101 ? A LEU 19  
20 1 Y 1 A CYS 102 ? A CYS 20  
21 1 Y 1 A SER 103 ? A SER 21  
22 1 Y 1 A SER 104 ? A SER 22  
23 1 Y 1 A GLN 105 ? A GLN 23  
24 1 Y 1 A GLN 220 ? A GLN 138 
25 1 Y 1 A PRO 221 ? A PRO 139 
26 1 Y 1 A TYR 222 ? A TYR 140 
27 1 Y 1 A ARG 223 ? A ARG 141 
28 1 Y 1 A GLY 224 ? A GLY 142 
29 1 Y 1 A GLN 225 ? A GLN 143 
30 1 Y 1 A GLY 226 ? A GLY 144 
31 1 Y 1 A SER 227 ? A SER 145 
32 1 Y 1 A PHE 228 ? A PHE 146 
33 1 Y 1 A GLY 229 ? A GLY 147 
34 1 Y 1 A SER 230 ? A SER 148 
35 1 Y 1 A SER 231 ? A SER 149 
36 1 Y 1 A ASP 232 ? A ASP 150 
37 1 Y 1 A ILE 233 ? A ILE 151 
38 1 Y 1 A TYR 234 ? A TYR 152 
# 
loop_
_chem_comp_atom.comp_id 
_chem_comp_atom.atom_id 
_chem_comp_atom.type_symbol 
_chem_comp_atom.pdbx_aromatic_flag 
_chem_comp_atom.pdbx_stereo_config 
_chem_comp_atom.pdbx_ordinal 
ALA N    N N N 1   
ALA CA   C N S 2   
ALA C    C N N 3   
ALA O    O N N 4   
ALA CB   C N N 5   
ALA OXT  O N N 6   
ALA H    H N N 7   
ALA H2   H N N 8   
ALA HA   H N N 9   
ALA HB1  H N N 10  
ALA HB2  H N N 11  
ALA HB3  H N N 12  
ALA HXT  H N N 13  
ARG N    N N N 14  
ARG CA   C N S 15  
ARG C    C N N 16  
ARG O    O N N 17  
ARG CB   C N N 18  
ARG CG   C N N 19  
ARG CD   C N N 20  
ARG NE   N N N 21  
ARG CZ   C N N 22  
ARG NH1  N N N 23  
ARG NH2  N N N 24  
ARG OXT  O N N 25  
ARG H    H N N 26  
ARG H2   H N N 27  
ARG HA   H N N 28  
ARG HB2  H N N 29  
ARG HB3  H N N 30  
ARG HG2  H N N 31  
ARG HG3  H N N 32  
ARG HD2  H N N 33  
ARG HD3  H N N 34  
ARG HE   H N N 35  
ARG HH11 H N N 36  
ARG HH12 H N N 37  
ARG HH21 H N N 38  
ARG HH22 H N N 39  
ARG HXT  H N N 40  
ASN N    N N N 41  
ASN CA   C N S 42  
ASN C    C N N 43  
ASN O    O N N 44  
ASN CB   C N N 45  
ASN CG   C N N 46  
ASN OD1  O N N 47  
ASN ND2  N N N 48  
ASN OXT  O N N 49  
ASN H    H N N 50  
ASN H2   H N N 51  
ASN HA   H N N 52  
ASN HB2  H N N 53  
ASN HB3  H N N 54  
ASN HD21 H N N 55  
ASN HD22 H N N 56  
ASN HXT  H N N 57  
ASP N    N N N 58  
ASP CA   C N S 59  
ASP C    C N N 60  
ASP O    O N N 61  
ASP CB   C N N 62  
ASP CG   C N N 63  
ASP OD1  O N N 64  
ASP OD2  O N N 65  
ASP OXT  O N N 66  
ASP H    H N N 67  
ASP H2   H N N 68  
ASP HA   H N N 69  
ASP HB2  H N N 70  
ASP HB3  H N N 71  
ASP HD2  H N N 72  
ASP HXT  H N N 73  
CSO N    N N N 74  
CSO CA   C N R 75  
CSO CB   C N N 76  
CSO SG   S N N 77  
CSO C    C N N 78  
CSO O    O N N 79  
CSO OXT  O N N 80  
CSO OD   O N N 81  
CSO H    H N N 82  
CSO H2   H N N 83  
CSO HA   H N N 84  
CSO HB2  H N N 85  
CSO HB3  H N N 86  
CSO HXT  H N N 87  
CSO HD   H N N 88  
CYS N    N N N 89  
CYS CA   C N R 90  
CYS C    C N N 91  
CYS O    O N N 92  
CYS CB   C N N 93  
CYS SG   S N N 94  
CYS OXT  O N N 95  
CYS H    H N N 96  
CYS H2   H N N 97  
CYS HA   H N N 98  
CYS HB2  H N N 99  
CYS HB3  H N N 100 
CYS HG   H N N 101 
CYS HXT  H N N 102 
GLN N    N N N 103 
GLN CA   C N S 104 
GLN C    C N N 105 
GLN O    O N N 106 
GLN CB   C N N 107 
GLN CG   C N N 108 
GLN CD   C N N 109 
GLN OE1  O N N 110 
GLN NE2  N N N 111 
GLN OXT  O N N 112 
GLN H    H N N 113 
GLN H2   H N N 114 
GLN HA   H N N 115 
GLN HB2  H N N 116 
GLN HB3  H N N 117 
GLN HG2  H N N 118 
GLN HG3  H N N 119 
GLN HE21 H N N 120 
GLN HE22 H N N 121 
GLN HXT  H N N 122 
GLU N    N N N 123 
GLU CA   C N S 124 
GLU C    C N N 125 
GLU O    O N N 126 
GLU CB   C N N 127 
GLU CG   C N N 128 
GLU CD   C N N 129 
GLU OE1  O N N 130 
GLU OE2  O N N 131 
GLU OXT  O N N 132 
GLU H    H N N 133 
GLU H2   H N N 134 
GLU HA   H N N 135 
GLU HB2  H N N 136 
GLU HB3  H N N 137 
GLU HG2  H N N 138 
GLU HG3  H N N 139 
GLU HE2  H N N 140 
GLU HXT  H N N 141 
GLY N    N N N 142 
GLY CA   C N N 143 
GLY C    C N N 144 
GLY O    O N N 145 
GLY OXT  O N N 146 
GLY H    H N N 147 
GLY H2   H N N 148 
GLY HA2  H N N 149 
GLY HA3  H N N 150 
GLY HXT  H N N 151 
HIS N    N N N 152 
HIS CA   C N S 153 
HIS C    C N N 154 
HIS O    O N N 155 
HIS CB   C N N 156 
HIS CG   C Y N 157 
HIS ND1  N Y N 158 
HIS CD2  C Y N 159 
HIS CE1  C Y N 160 
HIS NE2  N Y N 161 
HIS OXT  O N N 162 
HIS H    H N N 163 
HIS H2   H N N 164 
HIS HA   H N N 165 
HIS HB2  H N N 166 
HIS HB3  H N N 167 
HIS HD1  H N N 168 
HIS HD2  H N N 169 
HIS HE1  H N N 170 
HIS HE2  H N N 171 
HIS HXT  H N N 172 
HOH O    O N N 173 
HOH H1   H N N 174 
HOH H2   H N N 175 
ILE N    N N N 176 
ILE CA   C N S 177 
ILE C    C N N 178 
ILE O    O N N 179 
ILE CB   C N S 180 
ILE CG1  C N N 181 
ILE CG2  C N N 182 
ILE CD1  C N N 183 
ILE OXT  O N N 184 
ILE H    H N N 185 
ILE H2   H N N 186 
ILE HA   H N N 187 
ILE HB   H N N 188 
ILE HG12 H N N 189 
ILE HG13 H N N 190 
ILE HG21 H N N 191 
ILE HG22 H N N 192 
ILE HG23 H N N 193 
ILE HD11 H N N 194 
ILE HD12 H N N 195 
ILE HD13 H N N 196 
ILE HXT  H N N 197 
LEU N    N N N 198 
LEU CA   C N S 199 
LEU C    C N N 200 
LEU O    O N N 201 
LEU CB   C N N 202 
LEU CG   C N N 203 
LEU CD1  C N N 204 
LEU CD2  C N N 205 
LEU OXT  O N N 206 
LEU H    H N N 207 
LEU H2   H N N 208 
LEU HA   H N N 209 
LEU HB2  H N N 210 
LEU HB3  H N N 211 
LEU HG   H N N 212 
LEU HD11 H N N 213 
LEU HD12 H N N 214 
LEU HD13 H N N 215 
LEU HD21 H N N 216 
LEU HD22 H N N 217 
LEU HD23 H N N 218 
LEU HXT  H N N 219 
LYS N    N N N 220 
LYS CA   C N S 221 
LYS C    C N N 222 
LYS O    O N N 223 
LYS CB   C N N 224 
LYS CG   C N N 225 
LYS CD   C N N 226 
LYS CE   C N N 227 
LYS NZ   N N N 228 
LYS OXT  O N N 229 
LYS H    H N N 230 
LYS H2   H N N 231 
LYS HA   H N N 232 
LYS HB2  H N N 233 
LYS HB3  H N N 234 
LYS HG2  H N N 235 
LYS HG3  H N N 236 
LYS HD2  H N N 237 
LYS HD3  H N N 238 
LYS HE2  H N N 239 
LYS HE3  H N N 240 
LYS HZ1  H N N 241 
LYS HZ2  H N N 242 
LYS HZ3  H N N 243 
LYS HXT  H N N 244 
MET N    N N N 245 
MET CA   C N S 246 
MET C    C N N 247 
MET O    O N N 248 
MET CB   C N N 249 
MET CG   C N N 250 
MET SD   S N N 251 
MET CE   C N N 252 
MET OXT  O N N 253 
MET H    H N N 254 
MET H2   H N N 255 
MET HA   H N N 256 
MET HB2  H N N 257 
MET HB3  H N N 258 
MET HG2  H N N 259 
MET HG3  H N N 260 
MET HE1  H N N 261 
MET HE2  H N N 262 
MET HE3  H N N 263 
MET HXT  H N N 264 
PHE N    N N N 265 
PHE CA   C N S 266 
PHE C    C N N 267 
PHE O    O N N 268 
PHE CB   C N N 269 
PHE CG   C Y N 270 
PHE CD1  C Y N 271 
PHE CD2  C Y N 272 
PHE CE1  C Y N 273 
PHE CE2  C Y N 274 
PHE CZ   C Y N 275 
PHE OXT  O N N 276 
PHE H    H N N 277 
PHE H2   H N N 278 
PHE HA   H N N 279 
PHE HB2  H N N 280 
PHE HB3  H N N 281 
PHE HD1  H N N 282 
PHE HD2  H N N 283 
PHE HE1  H N N 284 
PHE HE2  H N N 285 
PHE HZ   H N N 286 
PHE HXT  H N N 287 
PRO N    N N N 288 
PRO CA   C N S 289 
PRO C    C N N 290 
PRO O    O N N 291 
PRO CB   C N N 292 
PRO CG   C N N 293 
PRO CD   C N N 294 
PRO OXT  O N N 295 
PRO H    H N N 296 
PRO HA   H N N 297 
PRO HB2  H N N 298 
PRO HB3  H N N 299 
PRO HG2  H N N 300 
PRO HG3  H N N 301 
PRO HD2  H N N 302 
PRO HD3  H N N 303 
PRO HXT  H N N 304 
SER N    N N N 305 
SER CA   C N S 306 
SER C    C N N 307 
SER O    O N N 308 
SER CB   C N N 309 
SER OG   O N N 310 
SER OXT  O N N 311 
SER H    H N N 312 
SER H2   H N N 313 
SER HA   H N N 314 
SER HB2  H N N 315 
SER HB3  H N N 316 
SER HG   H N N 317 
SER HXT  H N N 318 
THR N    N N N 319 
THR CA   C N S 320 
THR C    C N N 321 
THR O    O N N 322 
THR CB   C N R 323 
THR OG1  O N N 324 
THR CG2  C N N 325 
THR OXT  O N N 326 
THR H    H N N 327 
THR H2   H N N 328 
THR HA   H N N 329 
THR HB   H N N 330 
THR HG1  H N N 331 
THR HG21 H N N 332 
THR HG22 H N N 333 
THR HG23 H N N 334 
THR HXT  H N N 335 
TRP N    N N N 336 
TRP CA   C N S 337 
TRP C    C N N 338 
TRP O    O N N 339 
TRP CB   C N N 340 
TRP CG   C Y N 341 
TRP CD1  C Y N 342 
TRP CD2  C Y N 343 
TRP NE1  N Y N 344 
TRP CE2  C Y N 345 
TRP CE3  C Y N 346 
TRP CZ2  C Y N 347 
TRP CZ3  C Y N 348 
TRP CH2  C Y N 349 
TRP OXT  O N N 350 
TRP H    H N N 351 
TRP H2   H N N 352 
TRP HA   H N N 353 
TRP HB2  H N N 354 
TRP HB3  H N N 355 
TRP HD1  H N N 356 
TRP HE1  H N N 357 
TRP HE3  H N N 358 
TRP HZ2  H N N 359 
TRP HZ3  H N N 360 
TRP HH2  H N N 361 
TRP HXT  H N N 362 
TYR N    N N N 363 
TYR CA   C N S 364 
TYR C    C N N 365 
TYR O    O N N 366 
TYR CB   C N N 367 
TYR CG   C Y N 368 
TYR CD1  C Y N 369 
TYR CD2  C Y N 370 
TYR CE1  C Y N 371 
TYR CE2  C Y N 372 
TYR CZ   C Y N 373 
TYR OH   O N N 374 
TYR OXT  O N N 375 
TYR H    H N N 376 
TYR H2   H N N 377 
TYR HA   H N N 378 
TYR HB2  H N N 379 
TYR HB3  H N N 380 
TYR HD1  H N N 381 
TYR HD2  H N N 382 
TYR HE1  H N N 383 
TYR HE2  H N N 384 
TYR HH   H N N 385 
TYR HXT  H N N 386 
VAL N    N N N 387 
VAL CA   C N S 388 
VAL C    C N N 389 
VAL O    O N N 390 
VAL CB   C N N 391 
VAL CG1  C N N 392 
VAL CG2  C N N 393 
VAL OXT  O N N 394 
VAL H    H N N 395 
VAL H2   H N N 396 
VAL HA   H N N 397 
VAL HB   H N N 398 
VAL HG11 H N N 399 
VAL HG12 H N N 400 
VAL HG13 H N N 401 
VAL HG21 H N N 402 
VAL HG22 H N N 403 
VAL HG23 H N N 404 
VAL HXT  H N N 405 
# 
loop_
_chem_comp_bond.comp_id 
_chem_comp_bond.atom_id_1 
_chem_comp_bond.atom_id_2 
_chem_comp_bond.value_order 
_chem_comp_bond.pdbx_aromatic_flag 
_chem_comp_bond.pdbx_stereo_config 
_chem_comp_bond.pdbx_ordinal 
ALA N   CA   sing N N 1   
ALA N   H    sing N N 2   
ALA N   H2   sing N N 3   
ALA CA  C    sing N N 4   
ALA CA  CB   sing N N 5   
ALA CA  HA   sing N N 6   
ALA C   O    doub N N 7   
ALA C   OXT  sing N N 8   
ALA CB  HB1  sing N N 9   
ALA CB  HB2  sing N N 10  
ALA CB  HB3  sing N N 11  
ALA OXT HXT  sing N N 12  
ARG N   CA   sing N N 13  
ARG N   H    sing N N 14  
ARG N   H2   sing N N 15  
ARG CA  C    sing N N 16  
ARG CA  CB   sing N N 17  
ARG CA  HA   sing N N 18  
ARG C   O    doub N N 19  
ARG C   OXT  sing N N 20  
ARG CB  CG   sing N N 21  
ARG CB  HB2  sing N N 22  
ARG CB  HB3  sing N N 23  
ARG CG  CD   sing N N 24  
ARG CG  HG2  sing N N 25  
ARG CG  HG3  sing N N 26  
ARG CD  NE   sing N N 27  
ARG CD  HD2  sing N N 28  
ARG CD  HD3  sing N N 29  
ARG NE  CZ   sing N N 30  
ARG NE  HE   sing N N 31  
ARG CZ  NH1  sing N N 32  
ARG CZ  NH2  doub N N 33  
ARG NH1 HH11 sing N N 34  
ARG NH1 HH12 sing N N 35  
ARG NH2 HH21 sing N N 36  
ARG NH2 HH22 sing N N 37  
ARG OXT HXT  sing N N 38  
ASN N   CA   sing N N 39  
ASN N   H    sing N N 40  
ASN N   H2   sing N N 41  
ASN CA  C    sing N N 42  
ASN CA  CB   sing N N 43  
ASN CA  HA   sing N N 44  
ASN C   O    doub N N 45  
ASN C   OXT  sing N N 46  
ASN CB  CG   sing N N 47  
ASN CB  HB2  sing N N 48  
ASN CB  HB3  sing N N 49  
ASN CG  OD1  doub N N 50  
ASN CG  ND2  sing N N 51  
ASN ND2 HD21 sing N N 52  
ASN ND2 HD22 sing N N 53  
ASN OXT HXT  sing N N 54  
ASP N   CA   sing N N 55  
ASP N   H    sing N N 56  
ASP N   H2   sing N N 57  
ASP CA  C    sing N N 58  
ASP CA  CB   sing N N 59  
ASP CA  HA   sing N N 60  
ASP C   O    doub N N 61  
ASP C   OXT  sing N N 62  
ASP CB  CG   sing N N 63  
ASP CB  HB2  sing N N 64  
ASP CB  HB3  sing N N 65  
ASP CG  OD1  doub N N 66  
ASP CG  OD2  sing N N 67  
ASP OD2 HD2  sing N N 68  
ASP OXT HXT  sing N N 69  
CSO N   CA   sing N N 70  
CSO N   H    sing N N 71  
CSO N   H2   sing N N 72  
CSO CA  CB   sing N N 73  
CSO CA  C    sing N N 74  
CSO CA  HA   sing N N 75  
CSO CB  SG   sing N N 76  
CSO CB  HB2  sing N N 77  
CSO CB  HB3  sing N N 78  
CSO SG  OD   sing N N 79  
CSO C   O    doub N N 80  
CSO C   OXT  sing N N 81  
CSO OXT HXT  sing N N 82  
CSO OD  HD   sing N N 83  
CYS N   CA   sing N N 84  
CYS N   H    sing N N 85  
CYS N   H2   sing N N 86  
CYS CA  C    sing N N 87  
CYS CA  CB   sing N N 88  
CYS CA  HA   sing N N 89  
CYS C   O    doub N N 90  
CYS C   OXT  sing N N 91  
CYS CB  SG   sing N N 92  
CYS CB  HB2  sing N N 93  
CYS CB  HB3  sing N N 94  
CYS SG  HG   sing N N 95  
CYS OXT HXT  sing N N 96  
GLN N   CA   sing N N 97  
GLN N   H    sing N N 98  
GLN N   H2   sing N N 99  
GLN CA  C    sing N N 100 
GLN CA  CB   sing N N 101 
GLN CA  HA   sing N N 102 
GLN C   O    doub N N 103 
GLN C   OXT  sing N N 104 
GLN CB  CG   sing N N 105 
GLN CB  HB2  sing N N 106 
GLN CB  HB3  sing N N 107 
GLN CG  CD   sing N N 108 
GLN CG  HG2  sing N N 109 
GLN CG  HG3  sing N N 110 
GLN CD  OE1  doub N N 111 
GLN CD  NE2  sing N N 112 
GLN NE2 HE21 sing N N 113 
GLN NE2 HE22 sing N N 114 
GLN OXT HXT  sing N N 115 
GLU N   CA   sing N N 116 
GLU N   H    sing N N 117 
GLU N   H2   sing N N 118 
GLU CA  C    sing N N 119 
GLU CA  CB   sing N N 120 
GLU CA  HA   sing N N 121 
GLU C   O    doub N N 122 
GLU C   OXT  sing N N 123 
GLU CB  CG   sing N N 124 
GLU CB  HB2  sing N N 125 
GLU CB  HB3  sing N N 126 
GLU CG  CD   sing N N 127 
GLU CG  HG2  sing N N 128 
GLU CG  HG3  sing N N 129 
GLU CD  OE1  doub N N 130 
GLU CD  OE2  sing N N 131 
GLU OE2 HE2  sing N N 132 
GLU OXT HXT  sing N N 133 
GLY N   CA   sing N N 134 
GLY N   H    sing N N 135 
GLY N   H2   sing N N 136 
GLY CA  C    sing N N 137 
GLY CA  HA2  sing N N 138 
GLY CA  HA3  sing N N 139 
GLY C   O    doub N N 140 
GLY C   OXT  sing N N 141 
GLY OXT HXT  sing N N 142 
HIS N   CA   sing N N 143 
HIS N   H    sing N N 144 
HIS N   H2   sing N N 145 
HIS CA  C    sing N N 146 
HIS CA  CB   sing N N 147 
HIS CA  HA   sing N N 148 
HIS C   O    doub N N 149 
HIS C   OXT  sing N N 150 
HIS CB  CG   sing N N 151 
HIS CB  HB2  sing N N 152 
HIS CB  HB3  sing N N 153 
HIS CG  ND1  sing Y N 154 
HIS CG  CD2  doub Y N 155 
HIS ND1 CE1  doub Y N 156 
HIS ND1 HD1  sing N N 157 
HIS CD2 NE2  sing Y N 158 
HIS CD2 HD2  sing N N 159 
HIS CE1 NE2  sing Y N 160 
HIS CE1 HE1  sing N N 161 
HIS NE2 HE2  sing N N 162 
HIS OXT HXT  sing N N 163 
HOH O   H1   sing N N 164 
HOH O   H2   sing N N 165 
ILE N   CA   sing N N 166 
ILE N   H    sing N N 167 
ILE N   H2   sing N N 168 
ILE CA  C    sing N N 169 
ILE CA  CB   sing N N 170 
ILE CA  HA   sing N N 171 
ILE C   O    doub N N 172 
ILE C   OXT  sing N N 173 
ILE CB  CG1  sing N N 174 
ILE CB  CG2  sing N N 175 
ILE CB  HB   sing N N 176 
ILE CG1 CD1  sing N N 177 
ILE CG1 HG12 sing N N 178 
ILE CG1 HG13 sing N N 179 
ILE CG2 HG21 sing N N 180 
ILE CG2 HG22 sing N N 181 
ILE CG2 HG23 sing N N 182 
ILE CD1 HD11 sing N N 183 
ILE CD1 HD12 sing N N 184 
ILE CD1 HD13 sing N N 185 
ILE OXT HXT  sing N N 186 
LEU N   CA   sing N N 187 
LEU N   H    sing N N 188 
LEU N   H2   sing N N 189 
LEU CA  C    sing N N 190 
LEU CA  CB   sing N N 191 
LEU CA  HA   sing N N 192 
LEU C   O    doub N N 193 
LEU C   OXT  sing N N 194 
LEU CB  CG   sing N N 195 
LEU CB  HB2  sing N N 196 
LEU CB  HB3  sing N N 197 
LEU CG  CD1  sing N N 198 
LEU CG  CD2  sing N N 199 
LEU CG  HG   sing N N 200 
LEU CD1 HD11 sing N N 201 
LEU CD1 HD12 sing N N 202 
LEU CD1 HD13 sing N N 203 
LEU CD2 HD21 sing N N 204 
LEU CD2 HD22 sing N N 205 
LEU CD2 HD23 sing N N 206 
LEU OXT HXT  sing N N 207 
LYS N   CA   sing N N 208 
LYS N   H    sing N N 209 
LYS N   H2   sing N N 210 
LYS CA  C    sing N N 211 
LYS CA  CB   sing N N 212 
LYS CA  HA   sing N N 213 
LYS C   O    doub N N 214 
LYS C   OXT  sing N N 215 
LYS CB  CG   sing N N 216 
LYS CB  HB2  sing N N 217 
LYS CB  HB3  sing N N 218 
LYS CG  CD   sing N N 219 
LYS CG  HG2  sing N N 220 
LYS CG  HG3  sing N N 221 
LYS CD  CE   sing N N 222 
LYS CD  HD2  sing N N 223 
LYS CD  HD3  sing N N 224 
LYS CE  NZ   sing N N 225 
LYS CE  HE2  sing N N 226 
LYS CE  HE3  sing N N 227 
LYS NZ  HZ1  sing N N 228 
LYS NZ  HZ2  sing N N 229 
LYS NZ  HZ3  sing N N 230 
LYS OXT HXT  sing N N 231 
MET N   CA   sing N N 232 
MET N   H    sing N N 233 
MET N   H2   sing N N 234 
MET CA  C    sing N N 235 
MET CA  CB   sing N N 236 
MET CA  HA   sing N N 237 
MET C   O    doub N N 238 
MET C   OXT  sing N N 239 
MET CB  CG   sing N N 240 
MET CB  HB2  sing N N 241 
MET CB  HB3  sing N N 242 
MET CG  SD   sing N N 243 
MET CG  HG2  sing N N 244 
MET CG  HG3  sing N N 245 
MET SD  CE   sing N N 246 
MET CE  HE1  sing N N 247 
MET CE  HE2  sing N N 248 
MET CE  HE3  sing N N 249 
MET OXT HXT  sing N N 250 
PHE N   CA   sing N N 251 
PHE N   H    sing N N 252 
PHE N   H2   sing N N 253 
PHE CA  C    sing N N 254 
PHE CA  CB   sing N N 255 
PHE CA  HA   sing N N 256 
PHE C   O    doub N N 257 
PHE C   OXT  sing N N 258 
PHE CB  CG   sing N N 259 
PHE CB  HB2  sing N N 260 
PHE CB  HB3  sing N N 261 
PHE CG  CD1  doub Y N 262 
PHE CG  CD2  sing Y N 263 
PHE CD1 CE1  sing Y N 264 
PHE CD1 HD1  sing N N 265 
PHE CD2 CE2  doub Y N 266 
PHE CD2 HD2  sing N N 267 
PHE CE1 CZ   doub Y N 268 
PHE CE1 HE1  sing N N 269 
PHE CE2 CZ   sing Y N 270 
PHE CE2 HE2  sing N N 271 
PHE CZ  HZ   sing N N 272 
PHE OXT HXT  sing N N 273 
PRO N   CA   sing N N 274 
PRO N   CD   sing N N 275 
PRO N   H    sing N N 276 
PRO CA  C    sing N N 277 
PRO CA  CB   sing N N 278 
PRO CA  HA   sing N N 279 
PRO C   O    doub N N 280 
PRO C   OXT  sing N N 281 
PRO CB  CG   sing N N 282 
PRO CB  HB2  sing N N 283 
PRO CB  HB3  sing N N 284 
PRO CG  CD   sing N N 285 
PRO CG  HG2  sing N N 286 
PRO CG  HG3  sing N N 287 
PRO CD  HD2  sing N N 288 
PRO CD  HD3  sing N N 289 
PRO OXT HXT  sing N N 290 
SER N   CA   sing N N 291 
SER N   H    sing N N 292 
SER N   H2   sing N N 293 
SER CA  C    sing N N 294 
SER CA  CB   sing N N 295 
SER CA  HA   sing N N 296 
SER C   O    doub N N 297 
SER C   OXT  sing N N 298 
SER CB  OG   sing N N 299 
SER CB  HB2  sing N N 300 
SER CB  HB3  sing N N 301 
SER OG  HG   sing N N 302 
SER OXT HXT  sing N N 303 
THR N   CA   sing N N 304 
THR N   H    sing N N 305 
THR N   H2   sing N N 306 
THR CA  C    sing N N 307 
THR CA  CB   sing N N 308 
THR CA  HA   sing N N 309 
THR C   O    doub N N 310 
THR C   OXT  sing N N 311 
THR CB  OG1  sing N N 312 
THR CB  CG2  sing N N 313 
THR CB  HB   sing N N 314 
THR OG1 HG1  sing N N 315 
THR CG2 HG21 sing N N 316 
THR CG2 HG22 sing N N 317 
THR CG2 HG23 sing N N 318 
THR OXT HXT  sing N N 319 
TRP N   CA   sing N N 320 
TRP N   H    sing N N 321 
TRP N   H2   sing N N 322 
TRP CA  C    sing N N 323 
TRP CA  CB   sing N N 324 
TRP CA  HA   sing N N 325 
TRP C   O    doub N N 326 
TRP C   OXT  sing N N 327 
TRP CB  CG   sing N N 328 
TRP CB  HB2  sing N N 329 
TRP CB  HB3  sing N N 330 
TRP CG  CD1  doub Y N 331 
TRP CG  CD2  sing Y N 332 
TRP CD1 NE1  sing Y N 333 
TRP CD1 HD1  sing N N 334 
TRP CD2 CE2  doub Y N 335 
TRP CD2 CE3  sing Y N 336 
TRP NE1 CE2  sing Y N 337 
TRP NE1 HE1  sing N N 338 
TRP CE2 CZ2  sing Y N 339 
TRP CE3 CZ3  doub Y N 340 
TRP CE3 HE3  sing N N 341 
TRP CZ2 CH2  doub Y N 342 
TRP CZ2 HZ2  sing N N 343 
TRP CZ3 CH2  sing Y N 344 
TRP CZ3 HZ3  sing N N 345 
TRP CH2 HH2  sing N N 346 
TRP OXT HXT  sing N N 347 
TYR N   CA   sing N N 348 
TYR N   H    sing N N 349 
TYR N   H2   sing N N 350 
TYR CA  C    sing N N 351 
TYR CA  CB   sing N N 352 
TYR CA  HA   sing N N 353 
TYR C   O    doub N N 354 
TYR C   OXT  sing N N 355 
TYR CB  CG   sing N N 356 
TYR CB  HB2  sing N N 357 
TYR CB  HB3  sing N N 358 
TYR CG  CD1  doub Y N 359 
TYR CG  CD2  sing Y N 360 
TYR CD1 CE1  sing Y N 361 
TYR CD1 HD1  sing N N 362 
TYR CD2 CE2  doub Y N 363 
TYR CD2 HD2  sing N N 364 
TYR CE1 CZ   doub Y N 365 
TYR CE1 HE1  sing N N 366 
TYR CE2 CZ   sing Y N 367 
TYR CE2 HE2  sing N N 368 
TYR CZ  OH   sing N N 369 
TYR OH  HH   sing N N 370 
TYR OXT HXT  sing N N 371 
VAL N   CA   sing N N 372 
VAL N   H    sing N N 373 
VAL N   H2   sing N N 374 
VAL CA  C    sing N N 375 
VAL CA  CB   sing N N 376 
VAL CA  HA   sing N N 377 
VAL C   O    doub N N 378 
VAL C   OXT  sing N N 379 
VAL CB  CG1  sing N N 380 
VAL CB  CG2  sing N N 381 
VAL CB  HB   sing N N 382 
VAL CG1 HG11 sing N N 383 
VAL CG1 HG12 sing N N 384 
VAL CG1 HG13 sing N N 385 
VAL CG2 HG21 sing N N 386 
VAL CG2 HG22 sing N N 387 
VAL CG2 HG23 sing N N 388 
VAL OXT HXT  sing N N 389 
# 
_pdbx_initial_refinement_model.id               1 
_pdbx_initial_refinement_model.entity_id_list   ? 
_pdbx_initial_refinement_model.type             'experimental model' 
_pdbx_initial_refinement_model.source_name      PDB 
_pdbx_initial_refinement_model.accession_code   2AKV 
_pdbx_initial_refinement_model.details          ? 
# 
_atom_sites.entry_id                    2D4L 
_atom_sites.fract_transf_matrix[1][1]   0.00701163 
_atom_sites.fract_transf_matrix[1][2]   0.01675729 
_atom_sites.fract_transf_matrix[1][3]   -0.00514456 
_atom_sites.fract_transf_matrix[2][1]   0.00077819 
_atom_sites.fract_transf_matrix[2][2]   0.01414188 
_atom_sites.fract_transf_matrix[2][3]   0.01248273 
_atom_sites.fract_transf_matrix[3][1]   0.01423390 
_atom_sites.fract_transf_matrix[3][2]   -0.00462099 
_atom_sites.fract_transf_matrix[3][3]   0.00434783 
_atom_sites.fract_transf_vector[1]      0.605756 
_atom_sites.fract_transf_vector[2]      1.121724 
_atom_sites.fract_transf_vector[3]      0.470108 
# 
loop_
_atom_type.symbol 
C 
N 
O 
S 
# 
loop_
_atom_site.group_PDB 
_atom_site.id 
_atom_site.type_symbol 
_atom_site.label_atom_id 
_atom_site.label_alt_id 
_atom_site.label_comp_id 
_atom_site.label_asym_id 
_atom_site.label_entity_id 
_atom_site.label_seq_id 
_atom_site.pdbx_PDB_ins_code 
_atom_site.Cartn_x 
_atom_site.Cartn_y 
_atom_site.Cartn_z 
_atom_site.occupancy 
_atom_site.B_iso_or_equiv 
_atom_site.pdbx_formal_charge 
_atom_site.auth_seq_id 
_atom_site.auth_comp_id 
_atom_site.auth_asym_id 
_atom_site.auth_atom_id 
_atom_site.pdbx_PDB_model_num 
ATOM   1   N N   . GLN A 1 24  ? 2.430   -10.226 -10.064 1.00 59.70  ? 106 GLN A N   1 
ATOM   2   C CA  . GLN A 1 24  ? 1.972   -11.510 -9.404  1.00 57.53  ? 106 GLN A CA  1 
ATOM   3   C C   . GLN A 1 24  ? 2.567   -12.802 -9.986  1.00 55.22  ? 106 GLN A C   1 
ATOM   4   O O   . GLN A 1 24  ? 2.755   -12.916 -11.214 1.00 60.13  ? 106 GLN A O   1 
ATOM   5   C CB  . GLN A 1 24  ? 0.443   -11.611 -9.353  1.00 56.87  ? 106 GLN A CB  1 
ATOM   6   N N   . LYS A 1 25  ? 2.928   -13.732 -9.091  1.00 46.06  ? 107 LYS A N   1 
ATOM   7   C CA  . LYS A 1 25  ? 3.223   -13.342 -7.713  1.00 36.19  ? 107 LYS A CA  1 
ATOM   8   C C   . LYS A 1 25  ? 4.636   -12.777 -7.815  1.00 32.16  ? 107 LYS A C   1 
ATOM   9   O O   . LYS A 1 25  ? 5.574   -13.490 -8.265  1.00 30.86  ? 107 LYS A O   1 
ATOM   10  C CB  . LYS A 1 25  ? 3.266   -14.551 -6.825  1.00 32.56  ? 107 LYS A CB  1 
ATOM   11  C CG  . LYS A 1 25  ? 1.986   -15.049 -6.306  1.00 38.45  ? 107 LYS A CG  1 
ATOM   12  C CD  . LYS A 1 25  ? 2.294   -15.977 -5.154  1.00 36.35  ? 107 LYS A CD  1 
ATOM   13  C CE  . LYS A 1 25  ? 1.042   -16.407 -4.471  1.00 52.36  ? 107 LYS A CE  1 
ATOM   14  N NZ  . LYS A 1 25  ? 0.996   -17.873 -4.509  1.00 50.51  ? 107 LYS A NZ  1 
ATOM   15  N N   . GLN A 1 26  ? 4.792   -11.500 -7.463  1.00 29.39  ? 108 GLN A N   1 
ATOM   16  C CA  . GLN A 1 26  ? 6.093   -10.880 -7.431  1.00 25.54  ? 108 GLN A CA  1 
ATOM   17  C C   . GLN A 1 26  ? 6.383   -10.544 -5.967  1.00 21.64  ? 108 GLN A C   1 
ATOM   18  O O   . GLN A 1 26  ? 5.521   -10.095 -5.265  1.00 22.72  ? 108 GLN A O   1 
ATOM   19  C CB  . GLN A 1 26  ? 6.091   -9.602  -8.270  1.00 26.18  ? 108 GLN A CB  1 
ATOM   20  C CG  . GLN A 1 26  ? 6.131   -9.897  -9.797  1.00 51.56  ? 108 GLN A CG  1 
ATOM   21  C CD  . GLN A 1 26  ? 7.499   -10.413 -10.275 1.00 63.37  ? 108 GLN A CD  1 
ATOM   22  O OE1 . GLN A 1 26  ? 7.969   -11.492 -9.872  1.00 45.53  ? 108 GLN A OE1 1 
ATOM   23  N NE2 . GLN A 1 26  ? 8.142   -9.631  -11.131 1.00 112.16 ? 108 GLN A NE2 1 
ATOM   24  N N   . PRO A 1 27  ? 7.626   -10.776 -5.532  1.00 21.20  ? 109 PRO A N   1 
ATOM   25  C CA  . PRO A 1 27  ? 8.076   -10.427 -4.167  1.00 23.37  ? 109 PRO A CA  1 
ATOM   26  C C   . PRO A 1 27  ? 8.437   -8.939  -4.037  1.00 21.99  ? 109 PRO A C   1 
ATOM   27  O O   . PRO A 1 27  ? 8.609   -8.215  -5.058  1.00 22.38  ? 109 PRO A O   1 
ATOM   28  C CB  . PRO A 1 27  ? 9.324   -11.290 -4.001  1.00 21.21  ? 109 PRO A CB  1 
ATOM   29  C CG  . PRO A 1 27  ? 9.925   -11.287 -5.499  1.00 19.80  ? 109 PRO A CG  1 
ATOM   30  C CD  . PRO A 1 27  ? 8.676   -11.391 -6.364  1.00 16.11  ? 109 PRO A CD  1 
ATOM   31  N N   . ILE A 1 28  ? 8.604   -8.476  -2.813  1.00 21.78  ? 110 ILE A N   1 
ATOM   32  C CA  . ILE A 1 28  ? 8.853   -7.030  -2.670  1.00 22.46  ? 110 ILE A CA  1 
ATOM   33  C C   . ILE A 1 28  ? 10.219  -6.589  -3.225  1.00 25.07  ? 110 ILE A C   1 
ATOM   34  O O   . ILE A 1 28  ? 10.409  -5.414  -3.453  1.00 27.34  ? 110 ILE A O   1 
ATOM   35  C CB  . ILE A 1 28  ? 8.640   -6.499  -1.211  1.00 25.55  ? 110 ILE A CB  1 
ATOM   36  C CG1 . ILE A 1 28  ? 9.770   -6.951  -0.357  1.00 29.07  ? 110 ILE A CG1 1 
ATOM   37  C CG2 . ILE A 1 28  ? 7.252   -6.881  -0.709  1.00 22.89  ? 110 ILE A CG2 1 
ATOM   38  C CD1 . ILE A 1 28  ? 10.030  -5.920  0.746   1.00 40.32  ? 110 ILE A CD1 1 
ATOM   39  N N   . SER A 1 29  ? 11.146  -7.529  -3.433  1.00 25.19  ? 111 SER A N   1 
ATOM   40  C CA  . SER A 1 29  ? 12.463  -7.212  -3.998  1.00 25.93  ? 111 SER A CA  1 
ATOM   41  C C   . SER A 1 29  ? 12.334  -6.695  -5.426  1.00 28.22  ? 111 SER A C   1 
ATOM   42  O O   . SER A 1 29  ? 13.261  -6.074  -5.916  1.00 29.95  ? 111 SER A O   1 
ATOM   43  C CB  . SER A 1 29  ? 13.376  -8.419  -4.003  1.00 28.08  ? 111 SER A CB  1 
ATOM   44  O OG  . SER A 1 29  ? 12.836  -9.407  -4.870  1.00 27.24  ? 111 SER A OG  1 
ATOM   45  N N   . LYS A 1 30  ? 11.197  -6.936  -6.072  1.00 28.34  ? 112 LYS A N   1 
ATOM   46  C CA  . LYS A 1 30  ? 10.938  -6.393  -7.419  1.00 29.01  ? 112 LYS A CA  1 
ATOM   47  C C   . LYS A 1 30  ? 10.479  -4.921  -7.465  1.00 28.86  ? 112 LYS A C   1 
ATOM   48  O O   . LYS A 1 30  ? 10.527  -4.260  -8.514  1.00 31.84  ? 112 LYS A O   1 
ATOM   49  C CB  . LYS A 1 30  ? 9.943   -7.286  -8.162  1.00 29.93  ? 112 LYS A CB  1 
ATOM   50  C CG  . LYS A 1 30  ? 10.455  -8.697  -8.414  1.00 31.18  ? 112 LYS A CG  1 
ATOM   51  C CD  . LYS A 1 30  ? 11.796  -8.744  -9.173  1.00 36.82  ? 112 LYS A CD  1 
ATOM   52  C CE  . LYS A 1 30  ? 12.796  -9.700  -8.492  1.00 54.00  ? 112 LYS A CE  1 
ATOM   53  N N   . LEU A 1 31  ? 10.018  -4.393  -6.338  1.00 24.31  ? 113 LEU A N   1 
ATOM   54  C CA  . LEU A 1 31  ? 9.574   -3.031  -6.296  1.00 24.63  ? 113 LEU A CA  1 
ATOM   55  C C   . LEU A 1 31  ? 10.747  -2.134  -6.470  1.00 27.98  ? 113 LEU A C   1 
ATOM   56  O O   . LEU A 1 31  ? 11.893  -2.550  -6.176  1.00 29.31  ? 113 LEU A O   1 
ATOM   57  C CB  . LEU A 1 31  ? 8.960   -2.736  -4.919  1.00 24.73  ? 113 LEU A CB  1 
ATOM   58  C CG  . LEU A 1 31  ? 7.780   -3.616  -4.644  1.00 25.00  ? 113 LEU A CG  1 
ATOM   59  C CD1 . LEU A 1 31  ? 7.366   -3.396  -3.176  1.00 24.62  ? 113 LEU A CD1 1 
ATOM   60  C CD2 . LEU A 1 31  ? 6.649   -3.308  -5.609  1.00 27.37  ? 113 LEU A CD2 1 
ATOM   61  N N   . THR A 1 32  ? 10.469  -0.891  -6.910  1.00 28.77  ? 114 THR A N   1 
ATOM   62  C CA  . THR A 1 32  ? 11.533  0.086   -7.093  1.00 27.88  ? 114 THR A CA  1 
ATOM   63  C C   . THR A 1 32  ? 11.255  1.333   -6.292  1.00 29.68  ? 114 THR A C   1 
ATOM   64  O O   . THR A 1 32  ? 10.119  1.546   -5.830  1.00 26.75  ? 114 THR A O   1 
ATOM   65  C CB  . THR A 1 32  ? 11.722  0.512   -8.618  1.00 27.95  ? 114 THR A CB  1 
ATOM   66  O OG1 . THR A 1 32  ? 10.478  0.999   -9.113  1.00 34.44  ? 114 THR A OG1 1 
ATOM   67  C CG2 . THR A 1 32  ? 12.206  -0.629  -9.503  1.00 38.42  ? 114 THR A CG2 1 
ATOM   68  N N   . ARG A 1 33  ? 12.320  2.130   -6.103  1.00 31.54  ? 115 ARG A N   1 
ATOM   69  C CA  . ARG A 1 33  ? 12.274  3.430   -5.396  1.00 33.30  ? 115 ARG A CA  1 
ATOM   70  C C   . ARG A 1 33  ? 12.341  4.502   -6.449  1.00 36.02  ? 115 ARG A C   1 
ATOM   71  O O   . ARG A 1 33  ? 12.979  4.300   -7.492  1.00 38.00  ? 115 ARG A O   1 
ATOM   72  C CB  . ARG A 1 33  ? 13.504  3.641   -4.522  1.00 33.65  ? 115 ARG A CB  1 
ATOM   73  C CG  . ARG A 1 33  ? 13.531  2.859   -3.288  1.00 36.71  ? 115 ARG A CG  1 
ATOM   74  C CD  . ARG A 1 33  ? 14.661  3.298   -2.360  1.00 29.73  ? 115 ARG A CD  1 
ATOM   75  N NE  . ARG A 1 33  ? 14.829  2.178   -1.479  1.00 34.55  ? 115 ARG A NE  1 
ATOM   76  C CZ  . ARG A 1 33  ? 14.065  1.908   -0.420  1.00 32.37  ? 115 ARG A CZ  1 
ATOM   77  N NH1 . ARG A 1 33  ? 13.131  2.773   0.028   1.00 26.71  ? 115 ARG A NH1 1 
ATOM   78  N NH2 . ARG A 1 33  ? 14.287  0.773   0.240   1.00 33.39  ? 115 ARG A NH2 1 
ATOM   79  N N   . ALA A 1 34  ? 11.716  5.645   -6.169  1.00 37.26  ? 116 ALA A N   1 
ATOM   80  C CA  . ALA A 1 34  ? 11.667  6.754   -7.131  1.00 40.16  ? 116 ALA A CA  1 
ATOM   81  C C   . ALA A 1 34  ? 13.076  7.361   -7.258  1.00 42.50  ? 116 ALA A C   1 
ATOM   82  O O   . ALA A 1 34  ? 13.539  7.694   -8.358  1.00 44.73  ? 116 ALA A O   1 
ATOM   83  C CB  . ALA A 1 34  ? 10.628  7.793   -6.687  1.00 39.32  ? 116 ALA A CB  1 
ATOM   84  N N   . THR A 1 35  ? 13.762  7.443   -6.127  1.00 41.71  ? 117 THR A N   1 
ATOM   85  C CA  . THR A 1 35  ? 15.087  8.038   -6.032  1.00 42.72  ? 117 THR A CA  1 
ATOM   86  C C   . THR A 1 35  ? 15.806  7.326   -4.885  1.00 42.64  ? 117 THR A C   1 
ATOM   87  O O   . THR A 1 35  ? 15.169  6.721   -4.002  1.00 40.75  ? 117 THR A O   1 
ATOM   88  C CB  . THR A 1 35  ? 14.992  9.566   -5.697  1.00 42.75  ? 117 THR A CB  1 
ATOM   89  O OG1 . THR A 1 35  ? 14.614  9.725   -4.324  1.00 39.34  ? 117 THR A OG1 1 
ATOM   90  C CG2 . THR A 1 35  ? 13.969  10.295  -6.594  1.00 39.89  ? 117 THR A CG2 1 
ATOM   91  N N   . PRO A 1 36  ? 17.140  7.370   -4.878  1.00 40.72  ? 118 PRO A N   1 
ATOM   92  C CA  . PRO A 1 36  ? 17.869  6.781   -3.729  1.00 38.80  ? 118 PRO A CA  1 
ATOM   93  C C   . PRO A 1 36  ? 17.457  7.297   -2.346  1.00 35.88  ? 118 PRO A C   1 
ATOM   94  O O   . PRO A 1 36  ? 17.584  6.574   -1.354  1.00 39.14  ? 118 PRO A O   1 
ATOM   95  C CB  . PRO A 1 36  ? 19.328  7.193   -3.991  1.00 41.10  ? 118 PRO A CB  1 
ATOM   96  C CG  . PRO A 1 36  ? 19.383  7.450   -5.440  1.00 31.39  ? 118 PRO A CG  1 
ATOM   97  C CD  . PRO A 1 36  ? 18.048  7.916   -5.911  1.00 41.55  ? 118 PRO A CD  1 
ATOM   98  N N   . GLY A 1 37  ? 16.987  8.533   -2.242  1.00 32.75  ? 119 GLY A N   1 
ATOM   99  C CA  . GLY A 1 37  ? 16.593  9.050   -0.898  1.00 33.88  ? 119 GLY A CA  1 
ATOM   100 C C   . GLY A 1 37  ? 15.134  8.742   -0.476  1.00 32.93  ? 119 GLY A C   1 
ATOM   101 O O   . GLY A 1 37  ? 14.701  9.010   0.690   1.00 32.54  ? 119 GLY A O   1 
ATOM   102 N N   . SER A 1 38  ? 14.390  8.138   -1.413  1.00 32.72  ? 120 SER A N   1 
ATOM   103 C CA  . SER A 1 38  ? 12.978  7.788   -1.203  1.00 28.05  ? 120 SER A CA  1 
ATOM   104 C C   . SER A 1 38  ? 12.796  6.863   -0.025  1.00 29.01  ? 120 SER A C   1 
ATOM   105 O O   . SER A 1 38  ? 13.438  5.820   0.056   1.00 28.40  ? 120 SER A O   1 
ATOM   106 C CB  . SER A 1 38  ? 12.425  7.101   -2.441  1.00 28.67  ? 120 SER A CB  1 
ATOM   107 O OG  . SER A 1 38  ? 12.221  8.027   -3.493  1.00 34.78  ? 120 SER A OG  1 
ATOM   108 N N   . ALA A 1 39  ? 11.916  7.225   0.899   1.00 27.29  ? 121 ALA A N   1 
ATOM   109 C CA  . ALA A 1 39  ? 11.613  6.336   1.975   1.00 26.95  ? 121 ALA A CA  1 
ATOM   110 C C   . ALA A 1 39  ? 10.870  5.081   1.540   1.00 28.65  ? 121 ALA A C   1 
ATOM   111 O O   . ALA A 1 39  ? 11.026  4.029   2.157   1.00 27.61  ? 121 ALA A O   1 
ATOM   112 C CB  . ALA A 1 39  ? 10.779  7.050   2.984   1.00 28.74  ? 121 ALA A CB  1 
ATOM   113 N N   . GLY A 1 40  ? 10.002  5.213   0.538   1.00 24.76  ? 122 GLY A N   1 
ATOM   114 C CA  . GLY A 1 40  ? 9.070   4.145   0.239   1.00 23.47  ? 122 GLY A CA  1 
ATOM   115 C C   . GLY A 1 40  ? 9.343   3.494   -1.081  1.00 21.85  ? 122 GLY A C   1 
ATOM   116 O O   . GLY A 1 40  ? 10.019  4.060   -1.949  1.00 23.70  ? 122 GLY A O   1 
ATOM   117 N N   . LEU A 1 41  ? 8.842   2.271   -1.207  1.00 22.96  ? 123 LEU A N   1 
ATOM   118 C CA  . LEU A 1 41  ? 8.894   1.524   -2.460  1.00 22.65  ? 123 LEU A CA  1 
ATOM   119 C C   . LEU A 1 41  ? 7.558   1.703   -3.149  1.00 23.32  ? 123 LEU A C   1 
ATOM   120 O O   . LEU A 1 41  ? 6.510   1.584   -2.531  1.00 22.95  ? 123 LEU A O   1 
ATOM   121 C CB  . LEU A 1 41  ? 9.051   0.034   -2.143  1.00 18.66  ? 123 LEU A CB  1 
ATOM   122 C CG  . LEU A 1 41  ? 10.394  -0.345  -1.500  1.00 23.27  ? 123 LEU A CG  1 
ATOM   123 C CD1 . LEU A 1 41  ? 10.420  -1.798  -0.972  1.00 27.94  ? 123 LEU A CD1 1 
ATOM   124 C CD2 . LEU A 1 41  ? 11.571  -0.028  -2.386  1.00 25.19  ? 123 LEU A CD2 1 
ATOM   125 N N   . ASP A 1 42  ? 7.561   1.942   -4.450  1.00 22.35  ? 124 ASP A N   1 
ATOM   126 C CA  . ASP A 1 42  ? 6.291   2.345   -5.071  1.00 24.30  ? 124 ASP A CA  1 
ATOM   127 C C   . ASP A 1 42  ? 5.359   1.167   -5.290  1.00 25.22  ? 124 ASP A C   1 
ATOM   128 O O   . ASP A 1 42  ? 5.821   0.116   -5.734  1.00 23.90  ? 124 ASP A O   1 
ATOM   129 C CB  . ASP A 1 42  ? 6.575   2.954   -6.430  1.00 29.73  ? 124 ASP A CB  1 
ATOM   130 C CG  . ASP A 1 42  ? 7.343   4.254   -6.328  1.00 43.43  ? 124 ASP A CG  1 
ATOM   131 O OD1 . ASP A 1 42  ? 7.100   5.000   -5.368  1.00 34.29  ? 124 ASP A OD1 1 
ATOM   132 O OD2 . ASP A 1 42  ? 8.162   4.541   -7.218  1.00 57.09  ? 124 ASP A OD2 1 
ATOM   133 N N   . LEU A 1 43  ? 4.055   1.408   -5.087  1.00 24.99  ? 125 LEU A N   1 
ATOM   134 C CA  . LEU A 1 43  ? 3.002   0.397   -5.333  1.00 22.56  ? 125 LEU A CA  1 
ATOM   135 C C   . LEU A 1 43  ? 1.942   0.958   -6.288  1.00 25.18  ? 125 LEU A C   1 
ATOM   136 O O   . LEU A 1 43  ? 1.469   2.051   -6.104  1.00 23.89  ? 125 LEU A O   1 
ATOM   137 C CB  . LEU A 1 43  ? 2.269   0.084   -3.985  1.00 23.42  ? 125 LEU A CB  1 
ATOM   138 C CG  . LEU A 1 43  ? 3.160   -0.595  -2.970  1.00 23.78  ? 125 LEU A CG  1 
ATOM   139 C CD1 . LEU A 1 43  ? 2.339   -0.702  -1.689  1.00 23.44  ? 125 LEU A CD1 1 
ATOM   140 C CD2 . LEU A 1 43  ? 3.623   -1.921  -3.380  1.00 26.91  ? 125 LEU A CD2 1 
HETATM 141 N N   . CSO A 1 44  ? 1.554   0.159   -7.267  1.00 27.24  ? 126 CSO A N   1 
HETATM 142 C CA  . CSO A 1 44  ? 0.524   0.486   -8.306  1.00 31.43  ? 126 CSO A CA  1 
HETATM 143 C CB  . CSO A 1 44  ? 1.161   0.426   -9.716  1.00 34.08  ? 126 CSO A CB  1 
HETATM 144 S SG  . CSO A 1 44  ? 2.712   1.403   -9.855  1.00 53.43  ? 126 CSO A SG  1 
HETATM 145 C C   . CSO A 1 44  ? -0.621  -0.541  -8.231  1.00 32.68  ? 126 CSO A C   1 
HETATM 146 O O   . CSO A 1 44  ? -0.408  -1.648  -7.717  1.00 32.79  ? 126 CSO A O   1 
HETATM 147 O OD  . CSO A 1 44  ? 4.223   0.534   -9.344  1.00 36.16  ? 126 CSO A OD  1 
ATOM   148 N N   . SER A 1 45  ? -1.824  -0.205  -8.732  1.00 30.18  ? 127 SER A N   1 
ATOM   149 C CA  . SER A 1 45  ? -2.895  -1.196  -8.786  1.00 27.76  ? 127 SER A CA  1 
ATOM   150 C C   . SER A 1 45  ? -2.764  -1.952  -10.077 1.00 28.00  ? 127 SER A C   1 
ATOM   151 O O   . SER A 1 45  ? -2.347  -1.416  -11.102 1.00 29.78  ? 127 SER A O   1 
ATOM   152 C CB  . SER A 1 45  ? -4.365  -0.648  -8.745  1.00 31.48  ? 127 SER A CB  1 
ATOM   153 O OG  . SER A 1 45  ? -5.301  -1.784  -8.804  1.00 33.17  ? 127 SER A OG  1 
ATOM   154 N N   . THR A 1 46  ? -3.170  -3.209  -10.062 1.00 28.18  ? 128 THR A N   1 
ATOM   155 C CA  . THR A 1 46  ? -3.009  -3.968  -11.300 1.00 28.03  ? 128 THR A CA  1 
ATOM   156 C C   . THR A 1 46  ? -4.210  -3.822  -12.251 1.00 27.42  ? 128 THR A C   1 
ATOM   157 O O   . THR A 1 46  ? -4.243  -4.374  -13.385 1.00 27.76  ? 128 THR A O   1 
ATOM   158 C CB  . THR A 1 46  ? -2.745  -5.461  -10.987 1.00 32.52  ? 128 THR A CB  1 
ATOM   159 O OG1 . THR A 1 46  ? -3.699  -5.929  -10.050 1.00 37.32  ? 128 THR A OG1 1 
ATOM   160 C CG2 . THR A 1 46  ? -1.342  -5.635  -10.405 1.00 51.05  ? 128 THR A CG2 1 
ATOM   161 N N   . SER A 1 47  ? -5.208  -3.092  -11.793 1.00 26.90  ? 129 SER A N   1 
ATOM   162 C CA  . SER A 1 47  ? -6.469  -2.909  -12.533 1.00 29.40  ? 129 SER A CA  1 
ATOM   163 C C   . SER A 1 47  ? -6.781  -1.436  -12.661 1.00 29.09  ? 129 SER A C   1 
ATOM   164 O O   . SER A 1 47  ? -6.357  -0.632  -11.829 1.00 28.41  ? 129 SER A O   1 
ATOM   165 C CB  . SER A 1 47  ? -7.639  -3.512  -11.739 1.00 30.92  ? 129 SER A CB  1 
ATOM   166 O OG  . SER A 1 47  ? -7.578  -4.924  -11.879 1.00 37.39  ? 129 SER A OG  1 
ATOM   167 N N   . HIS A 1 48  ? -7.597  -1.132  -13.639 1.00 26.59  ? 130 HIS A N   1 
ATOM   168 C CA  . HIS A 1 48  ? -8.163  0.158   -13.769 1.00 29.23  ? 130 HIS A CA  1 
ATOM   169 C C   . HIS A 1 48  ? -9.365  0.043   -12.874 1.00 32.98  ? 130 HIS A C   1 
ATOM   170 O O   . HIS A 1 48  ? -10.168 -0.908  -13.006 1.00 32.13  ? 130 HIS A O   1 
ATOM   171 C CB  . HIS A 1 48  ? -8.624  0.318   -15.238 1.00 30.53  ? 130 HIS A CB  1 
ATOM   172 C CG  . HIS A 1 48  ? -9.351  1.594   -15.498 1.00 43.41  ? 130 HIS A CG  1 
ATOM   173 N ND1 . HIS A 1 48  ? -8.704  2.744   -15.891 1.00 36.79  ? 130 HIS A ND1 1 
ATOM   174 C CD2 . HIS A 1 48  ? -10.667 1.904   -15.423 1.00 43.87  ? 130 HIS A CD2 1 
ATOM   175 C CE1 . HIS A 1 48  ? -9.595  3.706   -16.064 1.00 41.60  ? 130 HIS A CE1 1 
ATOM   176 N NE2 . HIS A 1 48  ? -10.793 3.221   -15.790 1.00 51.64  ? 130 HIS A NE2 1 
ATOM   177 N N   . THR A 1 49  ? -9.497  0.998   -11.993 1.00 31.39  ? 131 THR A N   1 
ATOM   178 C CA  . THR A 1 49  ? -10.710 1.052   -11.157 1.00 34.63  ? 131 THR A CA  1 
ATOM   179 C C   . THR A 1 49  ? -11.217 2.506   -10.918 1.00 31.69  ? 131 THR A C   1 
ATOM   180 O O   . THR A 1 49  ? -10.443 3.466   -10.766 1.00 30.06  ? 131 THR A O   1 
ATOM   181 C CB  . THR A 1 49  ? -10.459 0.441   -9.739  1.00 37.54  ? 131 THR A CB  1 
ATOM   182 O OG1 . THR A 1 49  ? -9.516  -0.650  -9.786  1.00 63.61  ? 131 THR A OG1 1 
ATOM   183 C CG2 . THR A 1 49  ? -11.775 -0.018  -9.123  1.00 48.14  ? 131 THR A CG2 1 
ATOM   184 N N   . VAL A 1 50  ? -12.541 2.620   -10.889 1.00 29.54  ? 132 VAL A N   1 
ATOM   185 C CA  . VAL A 1 50  ? -13.188 3.867   -10.523 1.00 24.33  ? 132 VAL A CA  1 
ATOM   186 C C   . VAL A 1 50  ? -13.684 3.780   -9.082  1.00 19.94  ? 132 VAL A C   1 
ATOM   187 O O   . VAL A 1 50  ? -14.331 2.754   -8.702  1.00 20.87  ? 132 VAL A O   1 
ATOM   188 C CB  . VAL A 1 50  ? -14.359 4.123   -11.491 1.00 24.25  ? 132 VAL A CB  1 
ATOM   189 C CG1 . VAL A 1 50  ? -14.895 5.505   -11.229 1.00 21.05  ? 132 VAL A CG1 1 
ATOM   190 C CG2 . VAL A 1 50  ? -13.872 3.976   -12.975 1.00 34.23  ? 132 VAL A CG2 1 
ATOM   191 N N   . LEU A 1 51  ? -13.419 4.830   -8.294  1.00 19.97  ? 133 LEU A N   1 
ATOM   192 C CA  . LEU A 1 51  ? -13.909 4.911   -6.907  1.00 20.27  ? 133 LEU A CA  1 
ATOM   193 C C   . LEU A 1 51  ? -14.812 6.101   -6.667  1.00 21.38  ? 133 LEU A C   1 
ATOM   194 O O   . LEU A 1 51  ? -14.527 7.185   -7.089  1.00 22.65  ? 133 LEU A O   1 
ATOM   195 C CB  . LEU A 1 51  ? -12.703 5.022   -5.928  1.00 21.81  ? 133 LEU A CB  1 
ATOM   196 C CG  . LEU A 1 51  ? -11.704 3.850   -6.038  1.00 26.79  ? 133 LEU A CG  1 
ATOM   197 C CD1 . LEU A 1 51  ? -10.692 4.047   -4.961  1.00 32.64  ? 133 LEU A CD1 1 
ATOM   198 C CD2 . LEU A 1 51  ? -12.333 2.507   -5.838  1.00 32.64  ? 133 LEU A CD2 1 
ATOM   199 N N   . THR A 1 52  ? -15.903 5.892   -5.962  1.00 20.89  ? 134 THR A N   1 
ATOM   200 C CA  . THR A 1 52  ? -16.746 7.073   -5.612  1.00 22.76  ? 134 THR A CA  1 
ATOM   201 C C   . THR A 1 52  ? -16.861 7.205   -4.114  1.00 23.66  ? 134 THR A C   1 
ATOM   202 O O   . THR A 1 52  ? -16.648 6.212   -3.428  1.00 25.06  ? 134 THR A O   1 
ATOM   203 C CB  . THR A 1 52  ? -18.167 6.904   -6.153  1.00 21.40  ? 134 THR A CB  1 
ATOM   204 O OG1 . THR A 1 52  ? -18.736 5.736   -5.544  1.00 23.80  ? 134 THR A OG1 1 
ATOM   205 C CG2 . THR A 1 52  ? -18.177 6.842   -7.700  1.00 21.28  ? 134 THR A CG2 1 
ATOM   206 N N   . PRO A 1 53  ? -17.225 8.407   -3.617  1.00 22.81  ? 135 PRO A N   1 
ATOM   207 C CA  . PRO A 1 53  ? -17.302 8.592   -2.141  1.00 27.54  ? 135 PRO A CA  1 
ATOM   208 C C   . PRO A 1 53  ? -18.286 7.599   -1.483  1.00 29.40  ? 135 PRO A C   1 
ATOM   209 O O   . PRO A 1 53  ? -17.948 6.995   -0.455  1.00 29.89  ? 135 PRO A O   1 
ATOM   210 C CB  . PRO A 1 53  ? -17.765 10.044  -1.991  1.00 28.69  ? 135 PRO A CB  1 
ATOM   211 C CG  . PRO A 1 53  ? -17.304 10.709  -3.226  1.00 32.09  ? 135 PRO A CG  1 
ATOM   212 C CD  . PRO A 1 53  ? -17.454 9.673   -4.339  1.00 21.19  ? 135 PRO A CD  1 
ATOM   213 N N   . GLU A 1 54  ? -19.417 7.316   -2.129  1.00 25.66  ? 136 GLU A N   1 
ATOM   214 C CA  . GLU A 1 54  ? -20.391 6.442   -1.468  1.00 25.83  ? 136 GLU A CA  1 
ATOM   215 C C   . GLU A 1 54  ? -19.932 4.994   -1.390  1.00 26.95  ? 136 GLU A C   1 
ATOM   216 O O   . GLU A 1 54  ? -20.496 4.163   -0.647  1.00 28.84  ? 136 GLU A O   1 
ATOM   217 C CB  . GLU A 1 54  ? -21.812 6.561   -2.060  1.00 24.55  ? 136 GLU A CB  1 
ATOM   218 C CG  . GLU A 1 54  ? -21.933 6.071   -3.514  1.00 25.23  ? 136 GLU A CG  1 
ATOM   219 C CD  . GLU A 1 54  ? -21.529 7.102   -4.566  1.00 80.97  ? 136 GLU A CD  1 
ATOM   220 O OE1 . GLU A 1 54  ? -20.977 8.208   -4.232  1.00 29.38  ? 136 GLU A OE1 1 
ATOM   221 O OE2 . GLU A 1 54  ? -21.771 6.753   -5.749  1.00 37.65  ? 136 GLU A OE2 1 
ATOM   222 N N   . MET A 1 55  ? -18.906 4.637   -2.135  1.00 23.34  ? 137 MET A N   1 
ATOM   223 C CA  . MET A 1 55  ? -18.386 3.279   -2.059  1.00 24.82  ? 137 MET A CA  1 
ATOM   224 C C   . MET A 1 55  ? -17.662 2.905   -0.790  1.00 26.76  ? 137 MET A C   1 
ATOM   225 O O   . MET A 1 55  ? -17.546 1.726   -0.469  1.00 33.17  ? 137 MET A O   1 
ATOM   226 C CB  . MET A 1 55  ? -17.439 2.988   -3.234  1.00 24.53  ? 137 MET A CB  1 
ATOM   227 C CG  . MET A 1 55  ? -18.168 2.678   -4.495  1.00 25.12  ? 137 MET A CG  1 
ATOM   228 S SD  . MET A 1 55  ? -17.033 2.640   -5.927  1.00 25.42  ? 137 MET A SD  1 
ATOM   229 C CE  . MET A 1 55  ? -16.159 1.117   -5.707  1.00 32.55  ? 137 MET A CE  1 
ATOM   230 N N   . GLY A 1 56  ? -17.064 3.859   -0.119  1.00 24.18  ? 138 GLY A N   1 
ATOM   231 C CA  . GLY A 1 56  ? -16.269 3.396   1.045   1.00 34.27  ? 138 GLY A CA  1 
ATOM   232 C C   . GLY A 1 56  ? -15.081 2.456   0.728   1.00 36.07  ? 138 GLY A C   1 
ATOM   233 O O   . GLY A 1 56  ? -14.851 2.104   -0.430  1.00 37.47  ? 138 GLY A O   1 
ATOM   234 N N   . PRO A 1 57  ? -14.351 2.020   1.776   1.00 33.12  ? 139 PRO A N   1 
ATOM   235 C CA  . PRO A 1 57  ? -13.028 1.490   1.570   1.00 30.78  ? 139 PRO A CA  1 
ATOM   236 C C   . PRO A 1 57  ? -12.997 0.364   0.530   1.00 30.89  ? 139 PRO A C   1 
ATOM   237 O O   . PRO A 1 57  ? -13.860 -0.545  0.540   1.00 29.00  ? 139 PRO A O   1 
ATOM   238 C CB  . PRO A 1 57  ? -12.663 0.977   2.949   1.00 25.66  ? 139 PRO A CB  1 
ATOM   239 C CG  . PRO A 1 57  ? -13.420 1.805   3.897   1.00 29.29  ? 139 PRO A CG  1 
ATOM   240 C CD  . PRO A 1 57  ? -14.736 2.012   3.202   1.00 32.54  ? 139 PRO A CD  1 
ATOM   241 N N   . GLN A 1 58  ? -12.041 0.448   -0.384  1.00 27.99  ? 140 GLN A N   1 
ATOM   242 C CA  . GLN A 1 58  ? -11.848 -0.605  -1.387  1.00 26.97  ? 140 GLN A CA  1 
ATOM   243 C C   . GLN A 1 58  ? -10.442 -1.128  -1.312  1.00 27.35  ? 140 GLN A C   1 
ATOM   244 O O   . GLN A 1 58  ? -9.521  -0.350  -1.077  1.00 30.72  ? 140 GLN A O   1 
ATOM   245 C CB  . GLN A 1 58  ? -12.106 -0.052  -2.783  1.00 27.91  ? 140 GLN A CB  1 
ATOM   246 C CG  . GLN A 1 58  ? -13.552 0.451   -2.995  1.00 31.56  ? 140 GLN A CG  1 
ATOM   247 C CD  . GLN A 1 58  ? -14.558 -0.675  -2.932  1.00 42.43  ? 140 GLN A CD  1 
ATOM   248 O OE1 . GLN A 1 58  ? -14.498 -1.582  -3.731  1.00 37.44  ? 140 GLN A OE1 1 
ATOM   249 N NE2 . GLN A 1 58  ? -15.479 -0.617  -1.988  1.00 40.82  ? 140 GLN A NE2 1 
ATOM   250 N N   . ALA A 1 59  ? -10.253 -2.428  -1.552  1.00 23.49  ? 141 ALA A N   1 
ATOM   251 C CA  . ALA A 1 59  ? -8.899  -2.987  -1.451  1.00 25.03  ? 141 ALA A CA  1 
ATOM   252 C C   . ALA A 1 59  ? -8.371  -3.149  -2.829  1.00 29.67  ? 141 ALA A C   1 
ATOM   253 O O   . ALA A 1 59  ? -8.891  -3.988  -3.602  1.00 31.83  ? 141 ALA A O   1 
ATOM   254 C CB  . ALA A 1 59  ? -8.905  -4.395  -0.699  1.00 27.46  ? 141 ALA A CB  1 
ATOM   255 N N   . LEU A 1 60  ? -7.335  -2.381  -3.189  1.00 23.25  ? 142 LEU A N   1 
ATOM   256 C CA  . LEU A 1 60  ? -6.811  -2.454  -4.536  1.00 25.17  ? 142 LEU A CA  1 
ATOM   257 C C   . LEU A 1 60  ? -5.684  -3.479  -4.595  1.00 29.06  ? 142 LEU A C   1 
ATOM   258 O O   . LEU A 1 60  ? -4.822  -3.483  -3.747  1.00 26.85  ? 142 LEU A O   1 
ATOM   259 C CB  . LEU A 1 60  ? -6.279  -1.071  -4.949  1.00 23.63  ? 142 LEU A CB  1 
ATOM   260 C CG  . LEU A 1 60  ? -7.335  0.063   -4.719  1.00 26.59  ? 142 LEU A CG  1 
ATOM   261 C CD1 . LEU A 1 60  ? -6.666  1.344   -5.136  1.00 23.94  ? 142 LEU A CD1 1 
ATOM   262 C CD2 . LEU A 1 60  ? -8.551  -0.216  -5.637  1.00 27.32  ? 142 LEU A CD2 1 
ATOM   263 N N   . SER A 1 61  ? -5.712  -4.332  -5.620  1.00 28.14  ? 143 SER A N   1 
ATOM   264 C CA  . SER A 1 61  ? -4.729  -5.413  -5.798  1.00 29.82  ? 143 SER A CA  1 
ATOM   265 C C   . SER A 1 61  ? -3.440  -4.848  -6.381  1.00 26.41  ? 143 SER A C   1 
ATOM   266 O O   . SER A 1 61  ? -3.479  -3.992  -7.236  1.00 25.79  ? 143 SER A O   1 
ATOM   267 C CB  . SER A 1 61  ? -5.288  -6.442  -6.765  1.00 33.54  ? 143 SER A CB  1 
ATOM   268 O OG  . SER A 1 61  ? -6.338  -7.117  -6.101  1.00 44.11  ? 143 SER A OG  1 
ATOM   269 N N   . THR A 1 62  ? -2.284  -5.343  -5.909  1.00 27.05  ? 144 THR A N   1 
ATOM   270 C CA  . THR A 1 62  ? -1.019  -4.899  -6.447  1.00 24.96  ? 144 THR A CA  1 
ATOM   271 C C   . THR A 1 62  ? -0.305  -6.049  -7.129  1.00 23.63  ? 144 THR A C   1 
ATOM   272 O O   . THR A 1 62  ? 0.654   -5.835  -7.879  1.00 28.05  ? 144 THR A O   1 
ATOM   273 C CB  . THR A 1 62  ? -0.061  -4.354  -5.353  1.00 25.72  ? 144 THR A CB  1 
ATOM   274 O OG1 . THR A 1 62  ? 0.278   -5.434  -4.453  1.00 24.00  ? 144 THR A OG1 1 
ATOM   275 C CG2 . THR A 1 62  ? -0.714  -3.201  -4.576  1.00 25.22  ? 144 THR A CG2 1 
ATOM   276 N N   . GLY A 1 63  ? -0.694  -7.286  -6.857  1.00 23.52  ? 145 GLY A N   1 
ATOM   277 C CA  . GLY A 1 63  ? 0.174   -8.331  -7.424  1.00 26.56  ? 145 GLY A CA  1 
ATOM   278 C C   . GLY A 1 63  ? 1.548   -8.520  -6.789  1.00 24.61  ? 145 GLY A C   1 
ATOM   279 O O   . GLY A 1 63  ? 2.319   -9.372  -7.265  1.00 25.43  ? 145 GLY A O   1 
ATOM   280 N N   . ILE A 1 64  ? 1.806   -7.826  -5.673  1.00 21.66  ? 146 ILE A N   1 
ATOM   281 C CA  . ILE A 1 64  ? 3.047   -7.965  -4.906  1.00 22.89  ? 146 ILE A CA  1 
ATOM   282 C C   . ILE A 1 64  ? 2.736   -8.674  -3.603  1.00 24.60  ? 146 ILE A C   1 
ATOM   283 O O   . ILE A 1 64  ? 1.691   -8.403  -3.004  1.00 24.47  ? 146 ILE A O   1 
ATOM   284 C CB  . ILE A 1 64  ? 3.587   -6.578  -4.525  1.00 24.93  ? 146 ILE A CB  1 
ATOM   285 C CG1 . ILE A 1 64  ? 3.707   -5.697  -5.774  1.00 27.48  ? 146 ILE A CG1 1 
ATOM   286 C CG2 . ILE A 1 64  ? 4.976   -6.695  -3.822  1.00 22.32  ? 146 ILE A CG2 1 
ATOM   287 C CD1 . ILE A 1 64  ? 4.677   -6.213  -6.764  1.00 23.49  ? 146 ILE A CD1 1 
ATOM   288 N N   . TYR A 1 65  ? 3.655   -9.533  -3.135  1.00 22.56  ? 147 TYR A N   1 
ATOM   289 C CA  . TYR A 1 65  ? 3.380   -10.411 -2.040  1.00 23.70  ? 147 TYR A CA  1 
ATOM   290 C C   . TYR A 1 65  ? 4.452   -10.252 -1.004  1.00 23.68  ? 147 TYR A C   1 
ATOM   291 O O   . TYR A 1 65  ? 5.625   -10.085 -1.360  1.00 23.48  ? 147 TYR A O   1 
ATOM   292 C CB  . TYR A 1 65  ? 3.396   -11.868 -2.510  1.00 21.31  ? 147 TYR A CB  1 
ATOM   293 C CG  . TYR A 1 65  ? 2.151   -12.179 -3.298  1.00 24.22  ? 147 TYR A CG  1 
ATOM   294 C CD1 . TYR A 1 65  ? 1.980   -11.685 -4.596  1.00 25.96  ? 147 TYR A CD1 1 
ATOM   295 C CD2 . TYR A 1 65  ? 1.111   -12.930 -2.710  1.00 21.41  ? 147 TYR A CD2 1 
ATOM   296 C CE1 . TYR A 1 65  ? 0.784   -11.937 -5.304  1.00 23.25  ? 147 TYR A CE1 1 
ATOM   297 C CE2 . TYR A 1 65  ? -0.056  -13.183 -3.385  1.00 23.98  ? 147 TYR A CE2 1 
ATOM   298 C CZ  . TYR A 1 65  ? -0.222  -12.688 -4.680  1.00 38.83  ? 147 TYR A CZ  1 
ATOM   299 O OH  . TYR A 1 65  ? -1.399  -12.983 -5.325  1.00 29.26  ? 147 TYR A OH  1 
ATOM   300 N N   . GLY A 1 66  ? 4.090   -10.364 0.279   1.00 24.19  ? 148 GLY A N   1 
ATOM   301 C CA  . GLY A 1 66  ? 5.132   -10.591 1.310   1.00 20.29  ? 148 GLY A CA  1 
ATOM   302 C C   . GLY A 1 66  ? 5.806   -11.947 1.064   1.00 19.43  ? 148 GLY A C   1 
ATOM   303 O O   . GLY A 1 66  ? 5.366   -12.724 0.170   1.00 20.93  ? 148 GLY A O   1 
ATOM   304 N N   . PRO A 1 67  ? 6.755   -12.340 1.924   1.00 20.68  ? 149 PRO A N   1 
ATOM   305 C CA  . PRO A 1 67  ? 7.116   -11.717 3.211   1.00 22.04  ? 149 PRO A CA  1 
ATOM   306 C C   . PRO A 1 67  ? 8.156   -10.611 3.114   1.00 22.98  ? 149 PRO A C   1 
ATOM   307 O O   . PRO A 1 67  ? 8.670   -10.295 1.996   1.00 23.48  ? 149 PRO A O   1 
ATOM   308 C CB  . PRO A 1 67  ? 7.642   -12.922 4.005   1.00 19.41  ? 149 PRO A CB  1 
ATOM   309 C CG  . PRO A 1 67  ? 8.473   -13.648 2.938   1.00 23.88  ? 149 PRO A CG  1 
ATOM   310 C CD  . PRO A 1 67  ? 7.443   -13.664 1.746   1.00 19.44  ? 149 PRO A CD  1 
ATOM   311 N N   . LEU A 1 68  ? 8.462   -10.024 4.265   1.00 25.13  ? 150 LEU A N   1 
ATOM   312 C CA  . LEU A 1 68  ? 9.360   -8.913  4.374   1.00 23.71  ? 150 LEU A CA  1 
ATOM   313 C C   . LEU A 1 68  ? 10.701  -9.378  4.873   1.00 26.80  ? 150 LEU A C   1 
ATOM   314 O O   . LEU A 1 68  ? 10.813  -10.550 5.274   1.00 24.84  ? 150 LEU A O   1 
ATOM   315 C CB  . LEU A 1 68  ? 8.796   -7.930  5.401   1.00 24.38  ? 150 LEU A CB  1 
ATOM   316 C CG  . LEU A 1 68  ? 7.354   -7.504  5.036   1.00 35.61  ? 150 LEU A CG  1 
ATOM   317 C CD1 . LEU A 1 68  ? 6.994   -6.346  5.854   1.00 29.69  ? 150 LEU A CD1 1 
ATOM   318 C CD2 . LEU A 1 68  ? 7.192   -7.120  3.605   1.00 29.42  ? 150 LEU A CD2 1 
ATOM   319 N N   . PRO A 1 69  ? 11.752  -8.530  4.728   1.00 26.72  ? 151 PRO A N   1 
ATOM   320 C CA  . PRO A 1 69  ? 13.093  -8.893  5.202   1.00 25.73  ? 151 PRO A CA  1 
ATOM   321 C C   . PRO A 1 69  ? 13.067  -9.188  6.690   1.00 28.25  ? 151 PRO A C   1 
ATOM   322 O O   . PRO A 1 69  ? 12.218  -8.632  7.421   1.00 28.55  ? 151 PRO A O   1 
ATOM   323 C CB  . PRO A 1 69  ? 13.924  -7.618  4.945   1.00 25.83  ? 151 PRO A CB  1 
ATOM   324 C CG  . PRO A 1 69  ? 13.201  -6.936  3.792   1.00 29.72  ? 151 PRO A CG  1 
ATOM   325 C CD  . PRO A 1 69  ? 11.743  -7.250  3.965   1.00 27.06  ? 151 PRO A CD  1 
ATOM   326 N N   . PRO A 1 70  ? 13.998  -10.029 7.187   1.00 28.27  ? 152 PRO A N   1 
ATOM   327 C CA  . PRO A 1 70  ? 14.021  -10.293 8.642   1.00 30.99  ? 152 PRO A CA  1 
ATOM   328 C C   . PRO A 1 70  ? 14.038  -9.026  9.554   1.00 28.62  ? 152 PRO A C   1 
ATOM   329 O O   . PRO A 1 70  ? 14.667  -8.007  9.207   1.00 29.53  ? 152 PRO A O   1 
ATOM   330 C CB  . PRO A 1 70  ? 15.294  -11.156 8.837   1.00 32.71  ? 152 PRO A CB  1 
ATOM   331 C CG  . PRO A 1 70  ? 15.907  -11.303 7.511   1.00 33.91  ? 152 PRO A CG  1 
ATOM   332 C CD  . PRO A 1 70  ? 15.047  -10.779 6.440   1.00 26.17  ? 152 PRO A CD  1 
ATOM   333 N N   . ASN A 1 71  ? 13.285  -9.094  10.663  1.00 25.82  ? 153 ASN A N   1 
ATOM   334 C CA  . ASN A 1 71  ? 13.274  -8.059  11.702  1.00 28.22  ? 153 ASN A CA  1 
ATOM   335 C C   . ASN A 1 71  ? 12.661  -6.738  11.236  1.00 26.26  ? 153 ASN A C   1 
ATOM   336 O O   . ASN A 1 71  ? 12.993  -5.644  11.759  1.00 24.39  ? 153 ASN A O   1 
ATOM   337 C CB  . ASN A 1 71  ? 14.710  -7.835  12.230  1.00 27.99  ? 153 ASN A CB  1 
ATOM   338 C CG  . ASN A 1 71  ? 15.363  -9.146  12.666  1.00 36.10  ? 153 ASN A CG  1 
ATOM   339 O OD1 . ASN A 1 71  ? 14.791  -9.873  13.449  1.00 40.23  ? 153 ASN A OD1 1 
ATOM   340 N ND2 . ASN A 1 71  ? 16.518  -9.465  12.103  1.00 41.50  ? 153 ASN A ND2 1 
ATOM   341 N N   . THR A 1 72  ? 11.790  -6.816  10.230  1.00 25.90  ? 154 THR A N   1 
ATOM   342 C CA  . THR A 1 72  ? 11.098  -5.589  9.744   1.00 26.38  ? 154 THR A CA  1 
ATOM   343 C C   . THR A 1 72  ? 9.623   -5.844  9.566   1.00 27.47  ? 154 THR A C   1 
ATOM   344 O O   . THR A 1 72  ? 9.194   -6.991  9.333   1.00 29.21  ? 154 THR A O   1 
ATOM   345 C CB  . THR A 1 72  ? 11.662  -5.068  8.356   1.00 29.42  ? 154 THR A CB  1 
ATOM   346 O OG1 . THR A 1 72  ? 11.178  -5.895  7.291   1.00 30.67  ? 154 THR A OG1 1 
ATOM   347 C CG2 . THR A 1 72  ? 13.189  -5.030  8.310   1.00 28.14  ? 154 THR A CG2 1 
ATOM   348 N N   . PHE A 1 73  ? 8.835   -4.770  9.613   1.00 24.21  ? 155 PHE A N   1 
ATOM   349 C CA  . PHE A 1 73  ? 7.440   -4.856  9.193   1.00 25.02  ? 155 PHE A CA  1 
ATOM   350 C C   . PHE A 1 73  ? 7.199   -3.792  8.134   1.00 25.00  ? 155 PHE A C   1 
ATOM   351 O O   . PHE A 1 73  ? 8.104   -2.957  7.882   1.00 22.98  ? 155 PHE A O   1 
ATOM   352 C CB  . PHE A 1 73  ? 6.477   -4.709  10.413  1.00 23.16  ? 155 PHE A CB  1 
ATOM   353 C CG  . PHE A 1 73  ? 6.351   -3.358  10.926  1.00 27.92  ? 155 PHE A CG  1 
ATOM   354 C CD1 . PHE A 1 73  ? 5.259   -2.582  10.548  1.00 24.15  ? 155 PHE A CD1 1 
ATOM   355 C CD2 . PHE A 1 73  ? 7.301   -2.844  11.792  1.00 26.16  ? 155 PHE A CD2 1 
ATOM   356 C CE1 . PHE A 1 73  ? 5.103   -1.308  11.019  1.00 25.80  ? 155 PHE A CE1 1 
ATOM   357 C CE2 . PHE A 1 73  ? 7.126   -1.541  12.352  1.00 19.74  ? 155 PHE A CE2 1 
ATOM   358 C CZ  . PHE A 1 73  ? 6.051   -0.751  11.905  1.00 22.48  ? 155 PHE A CZ  1 
ATOM   359 N N   . GLY A 1 74  ? 6.029   -3.816  7.496   1.00 23.03  ? 156 GLY A N   1 
ATOM   360 C CA  . GLY A 1 74  ? 5.780   -2.787  6.429   1.00 22.25  ? 156 GLY A CA  1 
ATOM   361 C C   . GLY A 1 74  ? 4.644   -1.864  6.819   1.00 24.25  ? 156 GLY A C   1 
ATOM   362 O O   . GLY A 1 74  ? 3.707   -2.267  7.530   1.00 25.21  ? 156 GLY A O   1 
ATOM   363 N N   . LEU A 1 75  ? 4.757   -0.633  6.350   1.00 22.77  ? 157 LEU A N   1 
ATOM   364 C CA  . LEU A 1 75  ? 3.676   0.336   6.508   1.00 24.97  ? 157 LEU A CA  1 
ATOM   365 C C   . LEU A 1 75  ? 3.296   0.766   5.110   1.00 26.67  ? 157 LEU A C   1 
ATOM   366 O O   . LEU A 1 75  ? 4.166   1.197   4.303   1.00 25.91  ? 157 LEU A O   1 
ATOM   367 C CB  . LEU A 1 75  ? 4.177   1.485   7.388   1.00 26.39  ? 157 LEU A CB  1 
ATOM   368 C CG  . LEU A 1 75  ? 3.232   2.528   7.933   1.00 39.91  ? 157 LEU A CG  1 
ATOM   369 C CD1 . LEU A 1 75  ? 2.175   1.825   8.805   1.00 39.21  ? 157 LEU A CD1 1 
ATOM   370 C CD2 . LEU A 1 75  ? 4.039   3.572   8.765   1.00 31.15  ? 157 LEU A CD2 1 
ATOM   371 N N   . ILE A 1 76  ? 2.005   0.658   4.794   1.00 24.69  ? 158 ILE A N   1 
ATOM   372 C CA  . ILE A 1 76  ? 1.506   1.112   3.456   1.00 23.48  ? 158 ILE A CA  1 
ATOM   373 C C   . ILE A 1 76  ? 0.855   2.474   3.665   1.00 24.02  ? 158 ILE A C   1 
ATOM   374 O O   . ILE A 1 76  ? -0.058  2.579   4.487   1.00 22.81  ? 158 ILE A O   1 
ATOM   375 C CB  . ILE A 1 76  ? 0.411   0.167   2.862   1.00 23.26  ? 158 ILE A CB  1 
ATOM   376 C CG1 . ILE A 1 76  ? 0.893   -1.308  2.867   1.00 28.51  ? 158 ILE A CG1 1 
ATOM   377 C CG2 . ILE A 1 76  ? -0.091  0.671   1.485   1.00 23.52  ? 158 ILE A CG2 1 
ATOM   378 C CD1 . ILE A 1 76  ? 2.138   -1.482  2.094   1.00 36.50  ? 158 ILE A CD1 1 
ATOM   379 N N   . LEU A 1 77  ? 1.330   3.473   2.912   1.00 22.55  ? 159 LEU A N   1 
ATOM   380 C CA  . LEU A 1 77  ? 0.806   4.849   2.998   1.00 25.38  ? 159 LEU A CA  1 
ATOM   381 C C   . LEU A 1 77  ? 0.584   5.398   1.614   1.00 24.87  ? 159 LEU A C   1 
ATOM   382 O O   . LEU A 1 77  ? 1.130   4.880   0.656   1.00 24.42  ? 159 LEU A O   1 
ATOM   383 C CB  . LEU A 1 77  ? 1.793   5.768   3.771   1.00 23.97  ? 159 LEU A CB  1 
ATOM   384 C CG  . LEU A 1 77  ? 2.133   5.364   5.237   1.00 24.75  ? 159 LEU A CG  1 
ATOM   385 C CD1 . LEU A 1 77  ? 3.175   6.364   5.881   1.00 28.20  ? 159 LEU A CD1 1 
ATOM   386 C CD2 . LEU A 1 77  ? 0.820   5.446   6.095   1.00 24.98  ? 159 LEU A CD2 1 
ATOM   387 N N   . GLY A 1 78  ? -0.175  6.485   1.542   1.00 22.44  ? 160 GLY A N   1 
ATOM   388 C CA  . GLY A 1 78  ? -0.519  7.167   0.278   1.00 24.15  ? 160 GLY A CA  1 
ATOM   389 C C   . GLY A 1 78  ? 0.679   7.955   -0.191  1.00 26.68  ? 160 GLY A C   1 
ATOM   390 O O   . GLY A 1 78  ? 1.625   8.178   0.572   1.00 25.22  ? 160 GLY A O   1 
ATOM   391 N N   . ARG A 1 79  ? 0.662   8.349   -1.472  1.00 26.80  ? 161 ARG A N   1 
ATOM   392 C CA  . ARG A 1 79  ? 1.611   9.332   -1.976  1.00 28.65  ? 161 ARG A CA  1 
ATOM   393 C C   . ARG A 1 79  ? 0.991   10.711  -1.842  1.00 27.90  ? 161 ARG A C   1 
ATOM   394 O O   . ARG A 1 79  ? -0.230  10.837  -1.956  1.00 28.07  ? 161 ARG A O   1 
ATOM   395 C CB  . ARG A 1 79  ? 1.863   9.030   -3.451  1.00 28.65  ? 161 ARG A CB  1 
ATOM   396 C CG  . ARG A 1 79  ? 2.646   7.743   -3.631  1.00 31.18  ? 161 ARG A CG  1 
ATOM   397 C CD  . ARG A 1 79  ? 2.869   7.498   -5.149  1.00 65.99  ? 161 ARG A CD  1 
ATOM   398 N NE  . ARG A 1 79  ? 3.886   8.372   -5.740  1.00 53.91  ? 161 ARG A NE  1 
ATOM   399 C CZ  . ARG A 1 79  ? 3.628   9.492   -6.415  1.00 69.38  ? 161 ARG A CZ  1 
ATOM   400 N N   . SER A 1 80  ? 1.792   11.765  -1.631  1.00 25.99  ? 162 SER A N   1 
ATOM   401 C CA  . SER A 1 80  ? 1.229   13.107  -1.478  1.00 29.00  ? 162 SER A CA  1 
ATOM   402 C C   . SER A 1 80  ? 0.432   13.560  -2.660  1.00 30.44  ? 162 SER A C   1 
ATOM   403 O O   . SER A 1 80  ? -0.643  14.171  -2.499  1.00 27.45  ? 162 SER A O   1 
ATOM   404 C CB  . SER A 1 80  ? 2.321   14.180  -1.155  1.00 32.02  ? 162 SER A CB  1 
ATOM   405 O OG  . SER A 1 80  ? 3.485   13.965  -1.919  1.00 64.29  ? 162 SER A OG  1 
ATOM   406 N N   . SER A 1 81  ? 0.900   13.239  -3.874  1.00 32.25  ? 163 SER A N   1 
ATOM   407 C CA  . SER A 1 81  ? 0.254   13.863  -5.013  1.00 32.51  ? 163 SER A CA  1 
ATOM   408 C C   . SER A 1 81  ? -1.122  13.248  -5.212  1.00 32.20  ? 163 SER A C   1 
ATOM   409 O O   . SER A 1 81  ? -2.056  13.930  -5.608  1.00 34.58  ? 163 SER A O   1 
ATOM   410 C CB  . SER A 1 81  ? 1.111   13.772  -6.276  1.00 32.95  ? 163 SER A CB  1 
ATOM   411 O OG  . SER A 1 81  ? 1.210   12.397  -6.592  1.00 39.42  ? 163 SER A OG  1 
ATOM   412 N N   . ILE A 1 82  ? -1.242  11.972  -4.896  1.00 30.42  ? 164 ILE A N   1 
ATOM   413 C CA  . ILE A 1 82  ? -2.450  11.204  -5.049  1.00 29.53  ? 164 ILE A CA  1 
ATOM   414 C C   . ILE A 1 82  ? -3.412  11.571  -3.922  1.00 27.15  ? 164 ILE A C   1 
ATOM   415 O O   . ILE A 1 82  ? -4.611  11.775  -4.140  1.00 25.43  ? 164 ILE A O   1 
ATOM   416 C CB  . ILE A 1 82  ? -2.091  9.721   -4.950  1.00 31.18  ? 164 ILE A CB  1 
ATOM   417 C CG1 . ILE A 1 82  ? -1.146  9.301   -6.096  1.00 39.94  ? 164 ILE A CG1 1 
ATOM   418 C CG2 . ILE A 1 82  ? -3.296  8.885   -4.967  1.00 30.43  ? 164 ILE A CG2 1 
ATOM   419 C CD1 . ILE A 1 82  ? -1.869  9.093   -7.435  1.00 47.26  ? 164 ILE A CD1 1 
ATOM   420 N N   . THR A 1 83  ? -2.901  11.661  -2.695  1.00 24.72  ? 165 THR A N   1 
ATOM   421 C CA  . THR A 1 83  ? -3.750  12.203  -1.609  1.00 24.42  ? 165 THR A CA  1 
ATOM   422 C C   . THR A 1 83  ? -4.412  13.537  -2.016  1.00 24.84  ? 165 THR A C   1 
ATOM   423 O O   . THR A 1 83  ? -5.635  13.790  -1.778  1.00 24.45  ? 165 THR A O   1 
ATOM   424 C CB  . THR A 1 83  ? -2.910  12.425  -0.313  1.00 23.12  ? 165 THR A CB  1 
ATOM   425 O OG1 . THR A 1 83  ? -2.212  11.223  0.036   1.00 27.19  ? 165 THR A OG1 1 
ATOM   426 C CG2 . THR A 1 83  ? -3.811  12.887  0.837   1.00 25.10  ? 165 THR A CG2 1 
ATOM   427 N N   . MET A 1 84  ? -3.600  14.434  -2.570  1.00 24.66  ? 166 MET A N   1 
ATOM   428 C CA  . MET A 1 84  ? -4.102  15.749  -2.916  1.00 24.64  ? 166 MET A CA  1 
ATOM   429 C C   . MET A 1 84  ? -5.130  15.717  -4.071  1.00 28.64  ? 166 MET A C   1 
ATOM   430 O O   . MET A 1 84  ? -5.929  16.629  -4.202  1.00 29.85  ? 166 MET A O   1 
ATOM   431 C CB  . MET A 1 84  ? -2.959  16.662  -3.289  1.00 26.08  ? 166 MET A CB  1 
ATOM   432 C CG  . MET A 1 84  ? -2.053  17.017  -2.102  1.00 22.42  ? 166 MET A CG  1 
ATOM   433 S SD  . MET A 1 84  ? -2.892  17.824  -0.664  1.00 30.86  ? 166 MET A SD  1 
ATOM   434 C CE  . MET A 1 84  ? -3.636  19.241  -1.472  1.00 28.52  ? 166 MET A CE  1 
ATOM   435 N N   . LYS A 1 85  ? -5.115  14.677  -4.897  1.00 29.10  ? 167 LYS A N   1 
ATOM   436 C CA  . LYS A 1 85  ? -6.143  14.504  -5.951  1.00 32.57  ? 167 LYS A CA  1 
ATOM   437 C C   . LYS A 1 85  ? -7.403  13.823  -5.422  1.00 34.37  ? 167 LYS A C   1 
ATOM   438 O O   . LYS A 1 85  ? -8.315  13.517  -6.194  1.00 37.39  ? 167 LYS A O   1 
ATOM   439 C CB  . LYS A 1 85  ? -5.613  13.710  -7.158  1.00 32.79  ? 167 LYS A CB  1 
ATOM   440 C CG  . LYS A 1 85  ? -4.293  14.246  -7.683  1.00 44.28  ? 167 LYS A CG  1 
ATOM   441 C CD  . LYS A 1 85  ? -4.147  14.163  -9.174  1.00 80.79  ? 167 LYS A CD  1 
ATOM   442 C CE  . LYS A 1 85  ? -2.831  14.788  -9.615  1.00 52.12  ? 167 LYS A CE  1 
ATOM   443 N NZ  . LYS A 1 85  ? -1.713  13.807  -9.514  1.00 79.27  ? 167 LYS A NZ  1 
ATOM   444 N N   . GLY A 1 86  ? -7.448  13.562  -4.130  1.00 29.63  ? 168 GLY A N   1 
ATOM   445 C CA  . GLY A 1 86  ? -8.678  13.141  -3.436  1.00 28.44  ? 168 GLY A CA  1 
ATOM   446 C C   . GLY A 1 86  ? -8.805  11.619  -3.367  1.00 28.28  ? 168 GLY A C   1 
ATOM   447 O O   . GLY A 1 86  ? -9.907  11.117  -3.145  1.00 30.61  ? 168 GLY A O   1 
ATOM   448 N N   . LEU A 1 87  ? -7.685  10.899  -3.482  1.00 21.33  ? 169 LEU A N   1 
ATOM   449 C CA  . LEU A 1 87  ? -7.690  9.484   -3.140  1.00 22.38  ? 169 LEU A CA  1 
ATOM   450 C C   . LEU A 1 87  ? -6.963  9.223   -1.839  1.00 24.55  ? 169 LEU A C   1 
ATOM   451 O O   . LEU A 1 87  ? -5.749  9.429   -1.737  1.00 26.54  ? 169 LEU A O   1 
ATOM   452 C CB  . LEU A 1 87  ? -7.002  8.689   -4.243  1.00 24.22  ? 169 LEU A CB  1 
ATOM   453 C CG  . LEU A 1 87  ? -7.011  7.151   -3.981  1.00 32.86  ? 169 LEU A CG  1 
ATOM   454 C CD1 . LEU A 1 87  ? -8.414  6.647   -3.986  1.00 36.84  ? 169 LEU A CD1 1 
ATOM   455 C CD2 . LEU A 1 87  ? -6.203  6.455   -5.050  1.00 46.52  ? 169 LEU A CD2 1 
ATOM   456 N N   . GLN A 1 88  ? -7.738  8.827   -0.825  1.00 24.49  ? 170 GLN A N   1 
ATOM   457 C CA  . GLN A 1 88  ? -7.184  8.574   0.496   1.00 25.75  ? 170 GLN A CA  1 
ATOM   458 C C   . GLN A 1 88  ? -6.700  7.117   0.604   1.00 23.61  ? 170 GLN A C   1 
ATOM   459 O O   . GLN A 1 88  ? -7.445  6.189   0.217   1.00 23.41  ? 170 GLN A O   1 
ATOM   460 C CB  . GLN A 1 88  ? -8.235  8.792   1.562   1.00 27.60  ? 170 GLN A CB  1 
ATOM   461 C CG  . GLN A 1 88  ? -7.759  8.302   2.884   1.00 23.82  ? 170 GLN A CG  1 
ATOM   462 C CD  . GLN A 1 88  ? -8.631  8.749   4.044   1.00 32.48  ? 170 GLN A CD  1 
ATOM   463 O OE1 . GLN A 1 88  ? -9.804  9.118   3.851   1.00 33.30  ? 170 GLN A OE1 1 
ATOM   464 N NE2 . GLN A 1 88  ? -8.067  8.726   5.244   1.00 25.46  ? 170 GLN A NE2 1 
ATOM   465 N N   . VAL A 1 89  ? -5.449  6.943   1.041   1.00 19.33  ? 171 VAL A N   1 
ATOM   466 C CA  . VAL A 1 89  ? -4.987  5.565   1.356   1.00 20.59  ? 171 VAL A CA  1 
ATOM   467 C C   . VAL A 1 89  ? -4.989  5.387   2.865   1.00 23.20  ? 171 VAL A C   1 
ATOM   468 O O   . VAL A 1 89  ? -4.312  6.119   3.567   1.00 21.24  ? 171 VAL A O   1 
ATOM   469 C CB  . VAL A 1 89  ? -3.563  5.253   0.719   1.00 22.31  ? 171 VAL A CB  1 
ATOM   470 C CG1 . VAL A 1 89  ? -2.944  3.964   1.305   1.00 23.93  ? 171 VAL A CG1 1 
ATOM   471 C CG2 . VAL A 1 89  ? -3.655  5.226   -0.811  1.00 23.55  ? 171 VAL A CG2 1 
ATOM   472 N N   . TYR A 1 90  ? -5.718  4.395   3.383   1.00 20.30  ? 172 TYR A N   1 
ATOM   473 C CA  . TYR A 1 90  ? -5.703  4.151   4.806   1.00 20.70  ? 172 TYR A CA  1 
ATOM   474 C C   . TYR A 1 90  ? -4.419  3.418   5.179   1.00 22.26  ? 172 TYR A C   1 
ATOM   475 O O   . TYR A 1 90  ? -3.969  2.503   4.449   1.00 24.19  ? 172 TYR A O   1 
ATOM   476 C CB  . TYR A 1 90  ? -6.850  3.260   5.172   1.00 21.10  ? 172 TYR A CB  1 
ATOM   477 C CG  . TYR A 1 90  ? -8.194  3.908   4.914   1.00 25.50  ? 172 TYR A CG  1 
ATOM   478 C CD1 . TYR A 1 90  ? -8.626  5.046   5.670   1.00 24.90  ? 172 TYR A CD1 1 
ATOM   479 C CD2 . TYR A 1 90  ? -9.039  3.415   3.919   1.00 26.75  ? 172 TYR A CD2 1 
ATOM   480 C CE1 . TYR A 1 90  ? -9.891  5.634   5.416   1.00 23.22  ? 172 TYR A CE1 1 
ATOM   481 C CE2 . TYR A 1 90  ? -10.290 4.015   3.677   1.00 25.21  ? 172 TYR A CE2 1 
ATOM   482 C CZ  . TYR A 1 90  ? -10.703 5.099   4.415   1.00 22.11  ? 172 TYR A CZ  1 
ATOM   483 O OH  . TYR A 1 90  ? -11.961 5.708   4.207   1.00 23.67  ? 172 TYR A OH  1 
ATOM   484 N N   . PRO A 1 91  ? -3.795  3.819   6.283   1.00 21.87  ? 173 PRO A N   1 
ATOM   485 C CA  . PRO A 1 91  ? -2.538  3.149   6.665   1.00 23.86  ? 173 PRO A CA  1 
ATOM   486 C C   . PRO A 1 91  ? -2.696  1.601   6.718   1.00 23.64  ? 173 PRO A C   1 
ATOM   487 O O   . PRO A 1 91  ? -3.638  1.060   7.321   1.00 24.84  ? 173 PRO A O   1 
ATOM   488 C CB  . PRO A 1 91  ? -2.300  3.712   8.074   1.00 24.28  ? 173 PRO A CB  1 
ATOM   489 C CG  . PRO A 1 91  ? -2.750  5.182   7.902   1.00 23.18  ? 173 PRO A CG  1 
ATOM   490 C CD  . PRO A 1 91  ? -4.109  4.941   7.162   1.00 21.34  ? 173 PRO A CD  1 
ATOM   491 N N   . GLY A 1 92  ? -1.768  0.871   6.116   1.00 23.61  ? 174 GLY A N   1 
ATOM   492 C CA  . GLY A 1 92  ? -1.890  -0.590  6.160   1.00 22.94  ? 174 GLY A CA  1 
ATOM   493 C C   . GLY A 1 92  ? -0.625  -1.080  6.852   1.00 25.64  ? 174 GLY A C   1 
ATOM   494 O O   . GLY A 1 92  ? 0.385   -0.430  6.775   1.00 27.09  ? 174 GLY A O   1 
ATOM   495 N N   . VAL A 1 93  ? -0.750  -2.121  7.662   1.00 23.25  ? 175 VAL A N   1 
ATOM   496 C CA  . VAL A 1 93  ? 0.393   -2.694  8.414   1.00 23.06  ? 175 VAL A CA  1 
ATOM   497 C C   . VAL A 1 93  ? 0.599   -4.082  7.804   1.00 25.45  ? 175 VAL A C   1 
ATOM   498 O O   . VAL A 1 93  ? -0.325  -4.901  7.798   1.00 27.44  ? 175 VAL A O   1 
ATOM   499 C CB  . VAL A 1 93  ? 0.034   -2.783  9.897   1.00 25.84  ? 175 VAL A CB  1 
ATOM   500 C CG1 . VAL A 1 93  ? 1.117   -3.507  10.692  1.00 28.51  ? 175 VAL A CG1 1 
ATOM   501 C CG2 . VAL A 1 93  ? -0.108  -1.314  10.401  1.00 26.85  ? 175 VAL A CG2 1 
ATOM   502 N N   . ILE A 1 94  ? 1.847   -4.370  7.411   1.00 22.12  ? 176 ILE A N   1 
ATOM   503 C CA  . ILE A 1 94  ? 2.145   -5.663  6.803   1.00 24.35  ? 176 ILE A CA  1 
ATOM   504 C C   . ILE A 1 94  ? 3.064   -6.404  7.797   1.00 23.11  ? 176 ILE A C   1 
ATOM   505 O O   . ILE A 1 94  ? 4.177   -5.910  8.126   1.00 24.32  ? 176 ILE A O   1 
ATOM   506 C CB  . ILE A 1 94  ? 2.889   -5.514  5.460   1.00 27.06  ? 176 ILE A CB  1 
ATOM   507 C CG1 . ILE A 1 94  ? 2.102   -4.650  4.458   1.00 31.77  ? 176 ILE A CG1 1 
ATOM   508 C CG2 . ILE A 1 94  ? 3.144   -6.916  4.885   1.00 23.45  ? 176 ILE A CG2 1 
ATOM   509 C CD1 . ILE A 1 94  ? 0.741   -5.171  3.997   1.00 33.60  ? 176 ILE A CD1 1 
ATOM   510 N N   . ASP A 1 95  ? 2.642   -7.554  8.285   1.00 24.27  ? 177 ASP A N   1 
ATOM   511 C CA  . ASP A 1 95  ? 3.455   -8.280  9.210   1.00 21.67  ? 177 ASP A CA  1 
ATOM   512 C C   . ASP A 1 95  ? 4.665   -8.906  8.495   1.00 22.24  ? 177 ASP A C   1 
ATOM   513 O O   . ASP A 1 95  ? 4.644   -9.133  7.260   1.00 25.41  ? 177 ASP A O   1 
ATOM   514 C CB  . ASP A 1 95  ? 2.657   -9.363  9.910   1.00 24.15  ? 177 ASP A CB  1 
ATOM   515 C CG  . ASP A 1 95  ? 1.516   -8.759  10.782  1.00 36.26  ? 177 ASP A CG  1 
ATOM   516 O OD1 . ASP A 1 95  ? 1.668   -7.650  11.338  1.00 36.28  ? 177 ASP A OD1 1 
ATOM   517 O OD2 . ASP A 1 95  ? 0.460   -9.398  10.815  1.00 42.47  ? 177 ASP A OD2 1 
ATOM   518 N N   . ASN A 1 96  ? 5.696   -9.165  9.287   1.00 26.06  ? 178 ASN A N   1 
ATOM   519 C CA  A ASN A 1 96  ? 6.965   -9.692  8.757   0.70 25.84  ? 178 ASN A CA  1 
ATOM   520 C CA  B ASN A 1 96  ? 6.974   -9.712  8.831   0.30 25.85  ? 178 ASN A CA  1 
ATOM   521 C C   . ASN A 1 96  ? 6.809   -10.972 7.981   1.00 25.03  ? 178 ASN A C   1 
ATOM   522 O O   . ASN A 1 96  ? 7.490   -11.199 6.943   1.00 27.72  ? 178 ASN A O   1 
ATOM   523 C CB  A ASN A 1 96  ? 8.008   -9.874  9.881   0.70 26.86  ? 178 ASN A CB  1 
ATOM   524 C CB  B ASN A 1 96  ? 7.798   -10.033 10.092  0.30 26.29  ? 178 ASN A CB  1 
ATOM   525 C CG  A ASN A 1 96  ? 9.261   -10.555 9.376   0.70 23.24  ? 178 ASN A CG  1 
ATOM   526 C CG  B ASN A 1 96  ? 9.292   -9.895  9.886   0.30 38.96  ? 178 ASN A CG  1 
ATOM   527 O OD1 A ASN A 1 96  ? 9.312   -11.793 9.263   0.70 25.44  ? 178 ASN A OD1 1 
ATOM   528 O OD1 B ASN A 1 96  ? 10.046  -9.877  10.865  0.30 26.51  ? 178 ASN A OD1 1 
ATOM   529 N ND2 A ASN A 1 96  ? 10.267  -9.757  9.016   0.70 39.76  ? 178 ASN A ND2 1 
ATOM   530 N ND2 B ASN A 1 96  ? 9.733   -9.786  8.625   0.30 14.24  ? 178 ASN A ND2 1 
ATOM   531 N N   . ASP A 1 97  ? 5.909   -11.816 8.439   1.00 25.04  ? 179 ASP A N   1 
ATOM   532 C CA  . ASP A 1 97  ? 5.868   -13.125 7.885   1.00 22.27  ? 179 ASP A CA  1 
ATOM   533 C C   . ASP A 1 97  ? 4.595   -13.291 7.075   1.00 23.63  ? 179 ASP A C   1 
ATOM   534 O O   . ASP A 1 97  ? 4.231   -14.427 6.761   1.00 27.72  ? 179 ASP A O   1 
ATOM   535 C CB  . ASP A 1 97  ? 5.973   -14.118 9.053   1.00 25.76  ? 179 ASP A CB  1 
ATOM   536 C CG  . ASP A 1 97  ? 4.850   -13.891 10.142  1.00 37.43  ? 179 ASP A CG  1 
ATOM   537 O OD1 . ASP A 1 97  ? 4.051   -12.891 10.085  1.00 36.17  ? 179 ASP A OD1 1 
ATOM   538 O OD2 . ASP A 1 97  ? 4.806   -14.724 11.077  1.00 62.35  ? 179 ASP A OD2 1 
ATOM   539 N N   . TYR A 1 98  ? 3.911   -12.196 6.719   1.00 23.93  ? 180 TYR A N   1 
ATOM   540 C CA  . TYR A 1 98  ? 2.745   -12.268 5.817   1.00 24.95  ? 180 TYR A CA  1 
ATOM   541 C C   . TYR A 1 98  ? 3.209   -12.711 4.406   1.00 25.95  ? 180 TYR A C   1 
ATOM   542 O O   . TYR A 1 98  ? 4.134   -12.105 3.860   1.00 26.29  ? 180 TYR A O   1 
ATOM   543 C CB  . TYR A 1 98  ? 2.125   -10.857 5.733   1.00 23.59  ? 180 TYR A CB  1 
ATOM   544 C CG  . TYR A 1 98  ? 0.932   -10.746 4.815   1.00 31.80  ? 180 TYR A CG  1 
ATOM   545 C CD1 . TYR A 1 98  ? -0.263  -11.422 5.096   1.00 31.71  ? 180 TYR A CD1 1 
ATOM   546 C CD2 . TYR A 1 98  ? 0.999   -9.939  3.670   1.00 28.20  ? 180 TYR A CD2 1 
ATOM   547 C CE1 . TYR A 1 98  ? -1.360  -11.337 4.233   1.00 35.90  ? 180 TYR A CE1 1 
ATOM   548 C CE2 . TYR A 1 98  ? -0.102  -9.819  2.807   1.00 26.35  ? 180 TYR A CE2 1 
ATOM   549 C CZ  . TYR A 1 98  ? -1.274  -10.522 3.106   1.00 30.73  ? 180 TYR A CZ  1 
ATOM   550 O OH  . TYR A 1 98  ? -2.328  -10.338 2.221   1.00 38.09  ? 180 TYR A OH  1 
ATOM   551 N N   . THR A 1 99  ? 2.553   -13.712 3.808   1.00 25.02  ? 181 THR A N   1 
ATOM   552 C CA  . THR A 1 99  ? 2.975   -14.217 2.501   1.00 22.79  ? 181 THR A CA  1 
ATOM   553 C C   . THR A 1 99  ? 1.885   -13.984 1.459   1.00 23.11  ? 181 THR A C   1 
ATOM   554 O O   . THR A 1 99  ? 2.014   -14.436 0.281   1.00 23.66  ? 181 THR A O   1 
ATOM   555 C CB  . THR A 1 99  ? 3.343   -15.749 2.573   1.00 23.71  ? 181 THR A CB  1 
ATOM   556 O OG1 . THR A 1 99  ? 2.226   -16.475 3.088   1.00 33.18  ? 181 THR A OG1 1 
ATOM   557 C CG2 . THR A 1 99  ? 4.499   -16.001 3.458   1.00 22.25  ? 181 THR A CG2 1 
ATOM   558 N N   . GLY A 1 100 ? 0.814   -13.306 1.863   1.00 24.61  ? 182 GLY A N   1 
ATOM   559 C CA  . GLY A 1 100 ? -0.280  -13.010 0.932   1.00 23.05  ? 182 GLY A CA  1 
ATOM   560 C C   . GLY A 1 100 ? 0.013   -11.771 0.126   1.00 23.80  ? 182 GLY A C   1 
ATOM   561 O O   . GLY A 1 100 ? 1.106   -11.184 0.205   1.00 22.40  ? 182 GLY A O   1 
ATOM   562 N N   . GLU A 1 101 ? -0.997  -11.321 -0.614  1.00 24.93  ? 183 GLU A N   1 
ATOM   563 C CA  . GLU A 1 101 ? -0.847  -10.156 -1.445  1.00 23.67  ? 183 GLU A CA  1 
ATOM   564 C C   . GLU A 1 101 ? -0.977  -8.873  -0.700  1.00 25.52  ? 183 GLU A C   1 
ATOM   565 O O   . GLU A 1 101 ? -1.820  -8.717  0.198   1.00 26.38  ? 183 GLU A O   1 
ATOM   566 C CB  . GLU A 1 101 ? -1.922  -10.164 -2.525  1.00 29.32  ? 183 GLU A CB  1 
ATOM   567 C CG  . GLU A 1 101 ? -1.665  -9.129  -3.582  1.00 26.32  ? 183 GLU A CG  1 
ATOM   568 C CD  . GLU A 1 101 ? -2.793  -9.070  -4.592  1.00 34.60  ? 183 GLU A CD  1 
ATOM   569 O OE1 . GLU A 1 101 ? -3.821  -9.742  -4.390  1.00 35.94  ? 183 GLU A OE1 1 
ATOM   570 O OE2 . GLU A 1 101 ? -2.663  -8.342  -5.575  1.00 31.32  ? 183 GLU A OE2 1 
ATOM   571 N N   . ILE A 1 102 ? -0.102  -7.939  -1.036  1.00 21.19  ? 184 ILE A N   1 
ATOM   572 C CA  . ILE A 1 102 ? -0.184  -6.613  -0.472  1.00 23.09  ? 184 ILE A CA  1 
ATOM   573 C C   . ILE A 1 102 ? -1.321  -5.859  -1.185  1.00 26.71  ? 184 ILE A C   1 
ATOM   574 O O   . ILE A 1 102 ? -1.398  -5.802  -2.410  1.00 30.82  ? 184 ILE A O   1 
ATOM   575 C CB  . ILE A 1 102 ? 1.189   -5.911  -0.658  1.00 24.48  ? 184 ILE A CB  1 
ATOM   576 C CG1 . ILE A 1 102 ? 2.215   -6.597  0.251   1.00 26.49  ? 184 ILE A CG1 1 
ATOM   577 C CG2 . ILE A 1 102 ? 1.037   -4.404  -0.380  1.00 28.98  ? 184 ILE A CG2 1 
ATOM   578 C CD1 . ILE A 1 102 ? 3.613   -6.092  0.053   1.00 35.32  ? 184 ILE A CD1 1 
ATOM   579 N N   . LYS A 1 103 ? -2.268  -5.339  -0.428  1.00 24.26  ? 185 LYS A N   1 
ATOM   580 C CA  . LYS A 1 103 ? -3.348  -4.561  -1.080  1.00 23.96  ? 185 LYS A CA  1 
ATOM   581 C C   . LYS A 1 103 ? -3.363  -3.160  -0.480  1.00 27.96  ? 185 LYS A C   1 
ATOM   582 O O   . LYS A 1 103 ? -2.745  -2.887  0.590   1.00 28.28  ? 185 LYS A O   1 
ATOM   583 C CB  . LYS A 1 103 ? -4.702  -5.217  -0.842  1.00 23.85  ? 185 LYS A CB  1 
ATOM   584 C CG  . LYS A 1 103 ? -4.752  -6.611  -1.481  1.00 33.39  ? 185 LYS A CG  1 
ATOM   585 C CD  . LYS A 1 103 ? -6.147  -7.059  -1.699  1.00 37.29  ? 185 LYS A CD  1 
ATOM   586 C CE  . LYS A 1 103 ? -6.155  -8.451  -2.311  1.00 51.05  ? 185 LYS A CE  1 
ATOM   587 N NZ  . LYS A 1 103 ? -7.563  -8.896  -2.518  1.00 53.59  ? 185 LYS A NZ  1 
ATOM   588 N N   . ILE A 1 104 ? -3.891  -2.245  -1.276  1.00 21.57  ? 186 ILE A N   1 
ATOM   589 C CA  . ILE A 1 104 ? -3.961  -0.813  -0.859  1.00 22.30  ? 186 ILE A CA  1 
ATOM   590 C C   . ILE A 1 104 ? -5.400  -0.597  -0.470  1.00 21.07  ? 186 ILE A C   1 
ATOM   591 O O   . ILE A 1 104 ? -6.305  -0.871  -1.288  1.00 23.14  ? 186 ILE A O   1 
ATOM   592 C CB  . ILE A 1 104 ? -3.548  0.077   -2.028  1.00 22.15  ? 186 ILE A CB  1 
ATOM   593 C CG1 . ILE A 1 104 ? -2.149  -0.324  -2.520  1.00 23.73  ? 186 ILE A CG1 1 
ATOM   594 C CG2 . ILE A 1 104 ? -3.628  1.570   -1.655  1.00 22.90  ? 186 ILE A CG2 1 
ATOM   595 C CD1 . ILE A 1 104 ? -1.787  0.377   -3.821  1.00 27.40  ? 186 ILE A CD1 1 
ATOM   596 N N   . MET A 1 105 ? -5.622  -0.117  0.746   1.00 21.58  ? 187 MET A N   1 
ATOM   597 C CA  A MET A 1 105 ? -6.992  0.207   1.181   0.60 24.93  ? 187 MET A CA  1 
ATOM   598 C CA  B MET A 1 105 ? -6.997  0.208   1.119   0.40 24.88  ? 187 MET A CA  1 
ATOM   599 C C   . MET A 1 105 ? -7.254  1.672   0.844   1.00 24.64  ? 187 MET A C   1 
ATOM   600 O O   . MET A 1 105 ? -6.562  2.557   1.367   1.00 25.12  ? 187 MET A O   1 
ATOM   601 C CB  A MET A 1 105 ? -7.126  -0.024  2.668   0.60 24.22  ? 187 MET A CB  1 
ATOM   602 C CB  B MET A 1 105 ? -7.273  -0.150  2.550   0.40 25.10  ? 187 MET A CB  1 
ATOM   603 C CG  A MET A 1 105 ? -6.688  -1.439  3.069   0.60 21.11  ? 187 MET A CG  1 
ATOM   604 C CG  B MET A 1 105 ? -7.305  -1.650  2.746   0.40 22.49  ? 187 MET A CG  1 
ATOM   605 S SD  A MET A 1 105 ? -7.004  -1.745  4.852   0.60 28.45  ? 187 MET A SD  1 
ATOM   606 S SD  B MET A 1 105 ? -7.391  -1.916  4.505   0.40 27.59  ? 187 MET A SD  1 
ATOM   607 C CE  A MET A 1 105 ? -5.660  -0.749  5.635   0.60 16.86  ? 187 MET A CE  1 
ATOM   608 C CE  B MET A 1 105 ? -5.688  -1.557  5.038   0.40 39.92  ? 187 MET A CE  1 
ATOM   609 N N   . ALA A 1 106 ? -8.217  1.903   -0.029  1.00 23.73  ? 188 ALA A N   1 
ATOM   610 C CA  . ALA A 1 106 ? -8.334  3.261   -0.571  1.00 25.66  ? 188 ALA A CA  1 
ATOM   611 C C   . ALA A 1 106 ? -9.775  3.734   -0.605  1.00 28.44  ? 188 ALA A C   1 
ATOM   612 O O   . ALA A 1 106 ? -10.704 2.917   -0.653  1.00 25.01  ? 188 ALA A O   1 
ATOM   613 C CB  . ALA A 1 106 ? -7.780  3.284   -1.958  1.00 27.39  ? 188 ALA A CB  1 
ATOM   614 N N   . LYS A 1 107 ? -9.939  5.075   -0.556  1.00 24.84  ? 189 LYS A N   1 
ATOM   615 C CA  A LYS A 1 107 ? -11.258 5.661   -0.643  0.70 23.95  ? 189 LYS A CA  1 
ATOM   616 C CA  B LYS A 1 107 ? -11.245 5.713   -0.533  0.30 23.27  ? 189 LYS A CA  1 
ATOM   617 C C   . LYS A 1 107 ? -11.220 6.979   -1.361  1.00 23.89  ? 189 LYS A C   1 
ATOM   618 O O   . LYS A 1 107 ? -10.334 7.789   -1.154  1.00 25.20  ? 189 LYS A O   1 
ATOM   619 C CB  A LYS A 1 107 ? -11.878 5.890   0.753   0.70 25.62  ? 189 LYS A CB  1 
ATOM   620 C CB  B LYS A 1 107 ? -11.561 6.139   0.912   0.30 21.53  ? 189 LYS A CB  1 
ATOM   621 C CG  A LYS A 1 107 ? -13.350 6.375   0.604   0.70 37.95  ? 189 LYS A CG  1 
ATOM   622 C CG  B LYS A 1 107 ? -12.950 6.751   1.100   0.30 12.29  ? 189 LYS A CG  1 
ATOM   623 C CD  A LYS A 1 107 ? -13.997 6.741   1.910   0.70 29.60  ? 189 LYS A CD  1 
ATOM   624 C CD  B LYS A 1 107 ? -13.939 5.620   1.438   0.30 20.55  ? 189 LYS A CD  1 
ATOM   625 C CE  A LYS A 1 107 ? -15.374 7.406   1.690   0.70 35.36  ? 189 LYS A CE  1 
ATOM   626 C CE  B LYS A 1 107 ? -15.344 6.115   1.454   0.30 15.02  ? 189 LYS A CE  1 
ATOM   627 N NZ  A LYS A 1 107 ? -15.360 8.890   1.389   0.70 23.61  ? 189 LYS A NZ  1 
ATOM   628 N NZ  B LYS A 1 107 ? -15.724 6.765   0.169   0.30 19.39  ? 189 LYS A NZ  1 
ATOM   629 N N   . ALA A 1 108 ? -12.217 7.179   -2.241  1.00 20.54  ? 190 ALA A N   1 
ATOM   630 C CA  . ALA A 1 108 ? -12.394 8.497   -2.867  1.00 21.70  ? 190 ALA A CA  1 
ATOM   631 C C   . ALA A 1 108 ? -13.010 9.423   -1.824  1.00 23.83  ? 190 ALA A C   1 
ATOM   632 O O   . ALA A 1 108 ? -14.044 9.102   -1.178  1.00 24.14  ? 190 ALA A O   1 
ATOM   633 C CB  . ALA A 1 108 ? -13.294 8.368   -4.117  1.00 20.50  ? 190 ALA A CB  1 
ATOM   634 N N   . VAL A 1 109 ? -12.380 10.596  -1.596  1.00 26.72  ? 191 VAL A N   1 
ATOM   635 C CA  A VAL A 1 109 ? -12.776 11.475  -0.501  0.60 30.07  ? 191 VAL A CA  1 
ATOM   636 C CA  B VAL A 1 109 ? -12.916 11.353  -0.476  0.40 31.30  ? 191 VAL A CA  1 
ATOM   637 C C   . VAL A 1 109 ? -14.070 12.256  -0.836  1.00 34.02  ? 191 VAL A C   1 
ATOM   638 O O   . VAL A 1 109 ? -15.110 12.170  -0.150  1.00 37.69  ? 191 VAL A O   1 
ATOM   639 C CB  A VAL A 1 109 ? -11.632 12.491  -0.160  0.60 25.70  ? 191 VAL A CB  1 
ATOM   640 C CB  B VAL A 1 109 ? -11.883 12.024  0.439   0.40 31.03  ? 191 VAL A CB  1 
ATOM   641 C CG1 A VAL A 1 109 ? -12.110 13.469  0.929   0.60 17.84  ? 191 VAL A CG1 1 
ATOM   642 C CG1 B VAL A 1 109 ? -11.196 10.950  1.239   0.40 21.44  ? 191 VAL A CG1 1 
ATOM   643 C CG2 A VAL A 1 109 ? -10.273 11.731  0.199   0.60 22.21  ? 191 VAL A CG2 1 
ATOM   644 C CG2 B VAL A 1 109 ? -10.921 12.897  -0.353  0.40 33.02  ? 191 VAL A CG2 1 
ATOM   645 N N   . ASN A 1 110 ? -13.939 13.045  -1.891  1.00 31.53  ? 192 ASN A N   1 
ATOM   646 C CA  . ASN A 1 110 ? -14.998 14.000  -2.218  1.00 35.47  ? 192 ASN A CA  1 
ATOM   647 C C   . ASN A 1 110 ? -15.588 13.811  -3.558  1.00 34.81  ? 192 ASN A C   1 
ATOM   648 O O   . ASN A 1 110 ? -16.750 14.126  -3.776  1.00 39.00  ? 192 ASN A O   1 
ATOM   649 C CB  . ASN A 1 110 ? -14.478 15.475  -2.084  1.00 32.12  ? 192 ASN A CB  1 
ATOM   650 C CG  . ASN A 1 110 ? -14.784 16.047  -0.752  1.00 30.65  ? 192 ASN A CG  1 
ATOM   651 O OD1 . ASN A 1 110 ? -15.524 15.460  0.027   1.00 62.38  ? 192 ASN A OD1 1 
ATOM   652 N ND2 . ASN A 1 110 ? -14.255 17.191  -0.472  1.00 49.68  ? 192 ASN A ND2 1 
ATOM   653 N N   . ASN A 1 111 ? -14.763 13.359  -4.477  1.00 30.54  ? 193 ASN A N   1 
ATOM   654 C CA  A ASN A 1 111 ? -15.198 13.257  -5.853  0.50 31.70  ? 193 ASN A CA  1 
ATOM   655 C CA  B ASN A 1 111 ? -15.113 13.294  -5.867  0.50 32.09  ? 193 ASN A CA  1 
ATOM   656 C C   . ASN A 1 111 ? -14.873 11.898  -6.381  1.00 29.66  ? 193 ASN A C   1 
ATOM   657 O O   . ASN A 1 111 ? -14.269 11.083  -5.683  1.00 26.42  ? 193 ASN A O   1 
ATOM   658 C CB  A ASN A 1 111 ? -14.483 14.277  -6.760  0.50 33.61  ? 193 ASN A CB  1 
ATOM   659 C CB  B ASN A 1 111 ? -14.195 14.242  -6.649  0.50 34.30  ? 193 ASN A CB  1 
ATOM   660 C CG  A ASN A 1 111 ? -14.259 15.604  -6.092  0.50 44.10  ? 193 ASN A CG  1 
ATOM   661 C CG  B ASN A 1 111 ? -12.727 13.882  -6.500  0.50 29.32  ? 193 ASN A CG  1 
ATOM   662 O OD1 A ASN A 1 111 ? -13.117 16.037  -5.944  0.50 42.94  ? 193 ASN A OD1 1 
ATOM   663 N ND2 A ASN A 1 111 ? -15.339 16.253  -5.683  0.50 30.73  ? 193 ASN A ND2 1 
ATOM   664 N N   . ILE A 1 112 ? -15.266 11.677  -7.632  1.00 26.79  ? 194 ILE A N   1 
ATOM   665 C CA  . ILE A 1 112 ? -15.028 10.422  -8.306  1.00 26.94  ? 194 ILE A CA  1 
ATOM   666 C C   . ILE A 1 112 ? -13.562 10.335  -8.660  1.00 31.95  ? 194 ILE A C   1 
ATOM   667 O O   . ILE A 1 112 ? -13.029 11.235  -9.314  1.00 33.66  ? 194 ILE A O   1 
ATOM   668 C CB  . ILE A 1 112 ? -15.871 10.315  -9.577  1.00 28.80  ? 194 ILE A CB  1 
ATOM   669 C CG1 . ILE A 1 112 ? -17.358 10.318  -9.188  1.00 38.47  ? 194 ILE A CG1 1 
ATOM   670 C CG2 . ILE A 1 112 ? -15.488 9.061   -10.326 1.00 29.82  ? 194 ILE A CG2 1 
ATOM   671 C CD1 . ILE A 1 112 ? -18.333 10.707  -10.330 1.00 35.80  ? 194 ILE A CD1 1 
ATOM   672 N N   . VAL A 1 113 ? -12.915 9.236   -8.277  1.00 29.52  ? 195 VAL A N   1 
ATOM   673 C CA  . VAL A 1 113 ? -11.511 9.056   -8.631  1.00 28.66  ? 195 VAL A CA  1 
ATOM   674 C C   . VAL A 1 113 ? -11.294 7.904   -9.576  1.00 28.96  ? 195 VAL A C   1 
ATOM   675 O O   . VAL A 1 113 ? -11.907 6.864   -9.415  1.00 26.49  ? 195 VAL A O   1 
ATOM   676 C CB  . VAL A 1 113 ? -10.689 8.887   -7.305  1.00 29.39  ? 195 VAL A CB  1 
ATOM   677 C CG1 . VAL A 1 113 ? -9.325  8.247   -7.619  1.00 34.93  ? 195 VAL A CG1 1 
ATOM   678 C CG2 . VAL A 1 113 ? -10.607 10.226  -6.631  1.00 32.64  ? 195 VAL A CG2 1 
ATOM   679 N N   . THR A 1 114 ? -10.461 8.106   -10.606 1.00 27.95  ? 196 THR A N   1 
ATOM   680 C CA  . THR A 1 114 ? -10.152 7.073   -11.548 1.00 28.69  ? 196 THR A CA  1 
ATOM   681 C C   . THR A 1 114 ? -8.672  6.636   -11.449 1.00 31.55  ? 196 THR A C   1 
ATOM   682 O O   . THR A 1 114 ? -7.776  7.422   -11.639 1.00 35.50  ? 196 THR A O   1 
ATOM   683 C CB  . THR A 1 114 ? -10.563 7.452   -13.005 1.00 33.46  ? 196 THR A CB  1 
ATOM   684 O OG1 . THR A 1 114 ? -11.939 7.829   -13.022 1.00 31.28  ? 196 THR A OG1 1 
ATOM   685 C CG2 . THR A 1 114 ? -10.451 6.292   -13.889 1.00 32.06  ? 196 THR A CG2 1 
ATOM   686 N N   . VAL A 1 115 ? -8.471  5.364   -11.164 1.00 33.00  ? 197 VAL A N   1 
ATOM   687 C CA  . VAL A 1 115 ? -7.155  4.750   -11.007 1.00 35.82  ? 197 VAL A CA  1 
ATOM   688 C C   . VAL A 1 115 ? -6.846  3.961   -12.257 1.00 34.68  ? 197 VAL A C   1 
ATOM   689 O O   . VAL A 1 115 ? -7.556  2.980   -12.582 1.00 35.08  ? 197 VAL A O   1 
ATOM   690 C CB  . VAL A 1 115 ? -7.147  3.790   -9.780  1.00 39.01  ? 197 VAL A CB  1 
ATOM   691 C CG1 . VAL A 1 115 ? -5.874  2.886   -9.755  1.00 40.17  ? 197 VAL A CG1 1 
ATOM   692 C CG2 . VAL A 1 115 ? -7.289  4.603   -8.479  1.00 43.39  ? 197 VAL A CG2 1 
ATOM   693 N N   . SER A 1 116 ? -5.812  4.386   -12.974 1.00 35.28  ? 198 SER A N   1 
ATOM   694 C CA  . SER A 1 116 ? -5.358  3.652   -14.175 1.00 35.08  ? 198 SER A CA  1 
ATOM   695 C C   . SER A 1 116 ? -4.307  2.630   -13.823 1.00 34.59  ? 198 SER A C   1 
ATOM   696 O O   . SER A 1 116 ? -3.474  2.881   -12.945 1.00 35.61  ? 198 SER A O   1 
ATOM   697 C CB  . SER A 1 116 ? -4.813  4.616   -15.215 1.00 37.19  ? 198 SER A CB  1 
ATOM   698 O OG  . SER A 1 116 ? -5.884  5.233   -15.902 1.00 65.03  ? 198 SER A OG  1 
ATOM   699 N N   . GLN A 1 117 ? -4.366  1.465   -14.484 1.00 35.89  ? 199 GLN A N   1 
ATOM   700 C CA  . GLN A 1 117 ? -3.371  0.409   -14.311 1.00 37.17  ? 199 GLN A CA  1 
ATOM   701 C C   . GLN A 1 117 ? -2.014  1.076   -14.416 1.00 36.96  ? 199 GLN A C   1 
ATOM   702 O O   . GLN A 1 117 ? -1.755  1.813   -15.377 1.00 30.71  ? 199 GLN A O   1 
ATOM   703 C CB  . GLN A 1 117 ? -3.422  -0.634  -15.435 1.00 39.26  ? 199 GLN A CB  1 
ATOM   704 C CG  . GLN A 1 117 ? -4.551  -1.631  -15.437 1.00 53.65  ? 199 GLN A CG  1 
ATOM   705 C CD  . GLN A 1 117 ? -4.258  -2.817  -16.352 1.00 40.01  ? 199 GLN A CD  1 
ATOM   706 N N   . GLY A 1 118 ? -1.135  0.805   -13.465 1.00 37.63  ? 200 GLY A N   1 
ATOM   707 C CA  . GLY A 1 118 ? 0.201   1.280   -13.560 1.00 35.67  ? 200 GLY A CA  1 
ATOM   708 C C   . GLY A 1 118 ? 0.509   2.608   -12.895 1.00 37.67  ? 200 GLY A C   1 
ATOM   709 O O   . GLY A 1 118 ? 1.667   2.971   -12.811 1.00 38.84  ? 200 GLY A O   1 
ATOM   710 N N   . ASN A 1 119 ? -0.496  3.345   -12.424 1.00 33.86  ? 201 ASN A N   1 
ATOM   711 C CA  . ASN A 1 119 ? -0.240  4.638   -11.794 1.00 36.72  ? 201 ASN A CA  1 
ATOM   712 C C   . ASN A 1 119 ? 0.146   4.338   -10.377 1.00 33.28  ? 201 ASN A C   1 
ATOM   713 O O   . ASN A 1 119 ? -0.480  3.468   -9.779  1.00 30.74  ? 201 ASN A O   1 
ATOM   714 C CB  . ASN A 1 119 ? -1.502  5.489   -11.753 1.00 41.73  ? 201 ASN A CB  1 
ATOM   715 C CG  . ASN A 1 119 ? -2.046  5.802   -13.136 1.00 92.64  ? 201 ASN A CG  1 
ATOM   716 O OD1 . ASN A 1 119 ? -1.292  5.958   -14.106 1.00 60.71  ? 201 ASN A OD1 1 
ATOM   717 N ND2 . ASN A 1 119 ? -3.365  5.909   -13.227 1.00 73.57  ? 201 ASN A ND2 1 
ATOM   718 N N   . ARG A 1 120 ? 1.198   4.987   -9.886  1.00 32.03  ? 202 ARG A N   1 
ATOM   719 C CA  . ARG A 1 120 ? 1.676   4.767   -8.522  1.00 31.84  ? 202 ARG A CA  1 
ATOM   720 C C   . ARG A 1 120 ? 0.655   5.398   -7.580  1.00 31.93  ? 202 ARG A C   1 
ATOM   721 O O   . ARG A 1 120 ? 0.348   6.590   -7.724  1.00 33.09  ? 202 ARG A O   1 
ATOM   722 C CB  . ARG A 1 120 ? 3.021   5.468   -8.282  1.00 33.22  ? 202 ARG A CB  1 
ATOM   723 C CG  . ARG A 1 120 ? 4.153   5.052   -9.235  1.00 47.07  ? 202 ARG A CG  1 
ATOM   724 N N   . ILE A 1 121 ? 0.127   4.601   -6.664  1.00 27.04  ? 203 ILE A N   1 
ATOM   725 C CA  . ILE A 1 121 ? -0.947  5.034   -5.786  1.00 30.97  ? 203 ILE A CA  1 
ATOM   726 C C   . ILE A 1 121 ? -0.493  5.072   -4.315  1.00 28.13  ? 203 ILE A C   1 
ATOM   727 O O   . ILE A 1 121 ? -1.013  5.875   -3.517  1.00 31.20  ? 203 ILE A O   1 
ATOM   728 C CB  . ILE A 1 121 ? -2.109  4.029   -5.861  1.00 33.95  ? 203 ILE A CB  1 
ATOM   729 C CG1 . ILE A 1 121 ? -2.910  4.242   -7.109  1.00 37.31  ? 203 ILE A CG1 1 
ATOM   730 C CG2 . ILE A 1 121 ? -3.069  4.250   -4.689  1.00 67.50  ? 203 ILE A CG2 1 
ATOM   731 C CD1 . ILE A 1 121 ? -3.929  3.145   -7.256  1.00 59.08  ? 203 ILE A CD1 1 
ATOM   732 N N   . ALA A 1 122 ? 0.466   4.230   -3.954  1.00 23.98  ? 204 ALA A N   1 
ATOM   733 C CA  . ALA A 1 122 ? 0.814   4.077   -2.518  1.00 24.21  ? 204 ALA A CA  1 
ATOM   734 C C   . ALA A 1 122 ? 2.293   3.771   -2.431  1.00 24.34  ? 204 ALA A C   1 
ATOM   735 O O   . ALA A 1 122 ? 2.987   3.646   -3.448  1.00 22.89  ? 204 ALA A O   1 
ATOM   736 C CB  . ALA A 1 122 ? -0.017  2.917   -1.871  1.00 24.24  ? 204 ALA A CB  1 
ATOM   737 N N   . GLN A 1 123 ? 2.794   3.691   -1.200  1.00 23.03  ? 205 GLN A N   1 
ATOM   738 C CA  . GLN A 1 123 ? 4.176   3.302   -1.019  1.00 23.26  ? 205 GLN A CA  1 
ATOM   739 C C   . GLN A 1 123 ? 4.310   2.359   0.180   1.00 23.95  ? 205 GLN A C   1 
ATOM   740 O O   . GLN A 1 123 ? 3.545   2.445   1.093   1.00 25.17  ? 205 GLN A O   1 
ATOM   741 C CB  . GLN A 1 123 ? 5.058   4.511   -0.846  1.00 24.39  ? 205 GLN A CB  1 
ATOM   742 C CG  . GLN A 1 123 ? 4.690   5.367   0.335   1.00 24.58  ? 205 GLN A CG  1 
ATOM   743 C CD  . GLN A 1 123 ? 5.442   6.638   0.296   1.00 25.14  ? 205 GLN A CD  1 
ATOM   744 O OE1 . GLN A 1 123 ? 6.690   6.640   0.252   1.00 30.45  ? 205 GLN A OE1 1 
ATOM   745 N NE2 . GLN A 1 123 ? 4.686   7.767   0.262   1.00 26.54  ? 205 GLN A NE2 1 
ATOM   746 N N   . LEU A 1 124 ? 5.238   1.412   0.082   1.00 21.19  ? 206 LEU A N   1 
ATOM   747 C CA  . LEU A 1 124 ? 5.604   0.524   1.138   1.00 22.23  ? 206 LEU A CA  1 
ATOM   748 C C   . LEU A 1 124 ? 6.877   1.035   1.816   1.00 22.45  ? 206 LEU A C   1 
ATOM   749 O O   . LEU A 1 124 ? 7.950   1.275   1.194   1.00 24.03  ? 206 LEU A O   1 
ATOM   750 C CB  . LEU A 1 124 ? 5.899   -0.899  0.570   1.00 23.34  ? 206 LEU A CB  1 
ATOM   751 C CG  . LEU A 1 124 ? 6.498   -1.947  1.547   1.00 27.25  ? 206 LEU A CG  1 
ATOM   752 C CD1 . LEU A 1 124 ? 5.546   -2.261  2.689   1.00 29.00  ? 206 LEU A CD1 1 
ATOM   753 C CD2 . LEU A 1 124 ? 6.829   -3.233  0.727   1.00 28.28  ? 206 LEU A CD2 1 
ATOM   754 N N   . ILE A 1 125 ? 6.720   1.291   3.098   1.00 22.57  ? 207 ILE A N   1 
ATOM   755 C CA  . ILE A 1 125 ? 7.829   1.761   3.949   1.00 22.73  ? 207 ILE A CA  1 
ATOM   756 C C   . ILE A 1 125 ? 8.220   0.611   4.908   1.00 22.06  ? 207 ILE A C   1 
ATOM   757 O O   . ILE A 1 125 ? 7.377   -0.034  5.527   1.00 24.78  ? 207 ILE A O   1 
ATOM   758 C CB  . ILE A 1 125 ? 7.334   2.980   4.733   1.00 26.12  ? 207 ILE A CB  1 
ATOM   759 C CG1 . ILE A 1 125 ? 7.283   4.212   3.795   1.00 25.50  ? 207 ILE A CG1 1 
ATOM   760 C CG2 . ILE A 1 125 ? 8.201   3.258   5.952   1.00 32.28  ? 207 ILE A CG2 1 
ATOM   761 C CD1 . ILE A 1 125 ? 6.412   5.285   4.323   1.00 35.28  ? 207 ILE A CD1 1 
ATOM   762 N N   . LEU A 1 126 ? 9.503   0.281   4.969   1.00 22.31  ? 208 LEU A N   1 
ATOM   763 C CA  . LEU A 1 126 ? 9.984   -0.816  5.854   1.00 22.67  ? 208 LEU A CA  1 
ATOM   764 C C   . LEU A 1 126 ? 10.500  -0.197  7.141   1.00 26.05  ? 208 LEU A C   1 
ATOM   765 O O   . LEU A 1 126 ? 11.249  0.806   7.102   1.00 27.09  ? 208 LEU A O   1 
ATOM   766 C CB  . LEU A 1 126 ? 11.103  -1.589  5.183   1.00 22.77  ? 208 LEU A CB  1 
ATOM   767 C CG  . LEU A 1 126 ? 10.697  -2.223  3.887   1.00 27.91  ? 208 LEU A CG  1 
ATOM   768 C CD1 . LEU A 1 126 ? 11.953  -2.908  3.324   1.00 28.24  ? 208 LEU A CD1 1 
ATOM   769 C CD2 . LEU A 1 126 ? 9.604   -3.256  4.196   1.00 31.44  ? 208 LEU A CD2 1 
ATOM   770 N N   . LEU A 1 127 ? 10.107  -0.783  8.285   1.00 24.22  ? 209 LEU A N   1 
ATOM   771 C CA  . LEU A 1 127 ? 10.493  -0.264  9.608   1.00 22.74  ? 209 LEU A CA  1 
ATOM   772 C C   . LEU A 1 127 ? 10.974  -1.439  10.474  1.00 24.77  ? 209 LEU A C   1 
ATOM   773 O O   . LEU A 1 127 ? 10.572  -2.584  10.262  1.00 23.74  ? 209 LEU A O   1 
ATOM   774 C CB  . LEU A 1 127 ? 9.311   0.439   10.279  1.00 23.32  ? 209 LEU A CB  1 
ATOM   775 C CG  . LEU A 1 127 ? 8.947   1.803   9.642   1.00 25.67  ? 209 LEU A CG  1 
ATOM   776 C CD1 . LEU A 1 127 ? 7.602   2.355   10.132  1.00 23.15  ? 209 LEU A CD1 1 
ATOM   777 C CD2 . LEU A 1 127 ? 9.999   2.870   9.829   1.00 25.75  ? 209 LEU A CD2 1 
ATOM   778 N N   . PRO A 1 128 ? 11.833  -1.147  11.454  1.00 23.38  ? 210 PRO A N   1 
ATOM   779 C CA  . PRO A 1 128 ? 12.278  -2.172  12.378  1.00 24.41  ? 210 PRO A CA  1 
ATOM   780 C C   . PRO A 1 128 ? 11.147  -2.761  13.200  1.00 24.91  ? 210 PRO A C   1 
ATOM   781 O O   . PRO A 1 128 ? 10.236  -2.060  13.681  1.00 26.88  ? 210 PRO A O   1 
ATOM   782 C CB  . PRO A 1 128 ? 13.257  -1.429  13.295  1.00 25.08  ? 210 PRO A CB  1 
ATOM   783 C CG  . PRO A 1 128 ? 12.896  -0.001  13.199  1.00 33.03  ? 210 PRO A CG  1 
ATOM   784 C CD  . PRO A 1 128 ? 12.359  0.192   11.783  1.00 27.74  ? 210 PRO A CD  1 
ATOM   785 N N   . LEU A 1 129 ? 11.247  -4.058  13.375  1.00 24.11  ? 211 LEU A N   1 
ATOM   786 C CA  . LEU A 1 129 ? 10.326  -4.727  14.257  1.00 25.94  ? 211 LEU A CA  1 
ATOM   787 C C   . LEU A 1 129 ? 10.979  -4.873  15.632  1.00 28.62  ? 211 LEU A C   1 
ATOM   788 O O   . LEU A 1 129 ? 11.970  -5.581  15.804  1.00 27.76  ? 211 LEU A O   1 
ATOM   789 C CB  . LEU A 1 129 ? 9.889   -6.027  13.608  1.00 28.02  ? 211 LEU A CB  1 
ATOM   790 C CG  . LEU A 1 129 ? 8.890   -6.897  14.373  1.00 44.97  ? 211 LEU A CG  1 
ATOM   791 C CD1 . LEU A 1 129 ? 7.632   -6.156  14.835  1.00 35.89  ? 211 LEU A CD1 1 
ATOM   792 C CD2 . LEU A 1 129 ? 8.512   -7.997  13.449  1.00 45.66  ? 211 LEU A CD2 1 
ATOM   793 N N   . ILE A 1 130 ? 10.450  -4.137  16.600  1.00 27.72  ? 212 ILE A N   1 
ATOM   794 C CA  . ILE A 1 130 ? 11.023  -4.156  17.907  1.00 29.39  ? 212 ILE A CA  1 
ATOM   795 C C   . ILE A 1 130 ? 10.519  -5.369  18.650  1.00 31.36  ? 212 ILE A C   1 
ATOM   796 O O   . ILE A 1 130 ? 9.318   -5.702  18.584  1.00 28.12  ? 212 ILE A O   1 
ATOM   797 C CB  . ILE A 1 130 ? 10.663  -2.868  18.648  1.00 31.89  ? 212 ILE A CB  1 
ATOM   798 C CG1 . ILE A 1 130 ? 11.485  -1.727  18.049  1.00 29.35  ? 212 ILE A CG1 1 
ATOM   799 C CG2 . ILE A 1 130 ? 10.814  -3.051  20.170  1.00 38.34  ? 212 ILE A CG2 1 
ATOM   800 C CD1 . ILE A 1 130 ? 11.092  -0.373  18.608  1.00 30.86  ? 212 ILE A CD1 1 
ATOM   801 N N   . GLU A 1 131 ? 11.449  -6.073  19.312  1.00 33.65  ? 213 GLU A N   1 
ATOM   802 C CA  . GLU A 1 131 ? 11.104  -7.244  20.116  1.00 31.11  ? 213 GLU A CA  1 
ATOM   803 C C   . GLU A 1 131 ? 10.641  -6.853  21.530  1.00 31.06  ? 213 GLU A C   1 
ATOM   804 O O   . GLU A 1 131 ? 11.129  -5.891  22.146  1.00 30.38  ? 213 GLU A O   1 
ATOM   805 C CB  . GLU A 1 131 ? 12.264  -8.237  20.146  1.00 29.74  ? 213 GLU A CB  1 
ATOM   806 C CG  . GLU A 1 131 ? 12.561  -8.807  18.766  1.00 54.31  ? 213 GLU A CG  1 
ATOM   807 C CD  . GLU A 1 131 ? 12.889  -10.282 18.800  1.00 113.71 ? 213 GLU A CD  1 
ATOM   808 O OE1 . GLU A 1 131 ? 12.096  -11.072 19.375  1.00 85.70  ? 213 GLU A OE1 1 
ATOM   809 O OE2 . GLU A 1 131 ? 13.937  -10.646 18.231  1.00 71.05  ? 213 GLU A OE2 1 
ATOM   810 N N   . THR A 1 132 ? 9.571   -7.501  21.977  1.00 31.99  ? 214 THR A N   1 
ATOM   811 C CA  . THR A 1 132 ? 9.079   -7.303  23.336  1.00 30.60  ? 214 THR A CA  1 
ATOM   812 C C   . THR A 1 132 ? 8.745   -8.682  23.938  1.00 27.97  ? 214 THR A C   1 
ATOM   813 O O   . THR A 1 132 ? 8.631   -9.729  23.239  1.00 30.06  ? 214 THR A O   1 
ATOM   814 C CB  . THR A 1 132 ? 7.799   -6.403  23.405  1.00 34.56  ? 214 THR A CB  1 
ATOM   815 O OG1 . THR A 1 132 ? 6.638   -7.156  23.003  1.00 31.96  ? 214 THR A OG1 1 
ATOM   816 C CG2 . THR A 1 132 ? 7.912   -5.148  22.510  1.00 34.07  ? 214 THR A CG2 1 
ATOM   817 N N   . ASP A 1 133 ? 8.515   -8.685  25.221  1.00 29.44  ? 215 ASP A N   1 
ATOM   818 C CA  . ASP A 1 133 ? 8.102   -9.906  25.892  1.00 32.88  ? 215 ASP A CA  1 
ATOM   819 C C   . ASP A 1 133 ? 6.569   -10.130 25.866  1.00 34.70  ? 215 ASP A C   1 
ATOM   820 O O   . ASP A 1 133 ? 6.059   -11.010 26.555  1.00 32.40  ? 215 ASP A O   1 
ATOM   821 C CB  . ASP A 1 133 ? 8.631   -9.852  27.324  1.00 33.88  ? 215 ASP A CB  1 
ATOM   822 C CG  . ASP A 1 133 ? 10.121  -10.216 27.418  1.00 55.88  ? 215 ASP A CG  1 
ATOM   823 O OD1 . ASP A 1 133 ? 10.766  -9.861  28.430  1.00 76.84  ? 215 ASP A OD1 1 
ATOM   824 O OD2 . ASP A 1 133 ? 10.644  -10.867 26.490  1.00 99.31  ? 215 ASP A OD2 1 
ATOM   825 N N   . ASN A 1 134 ? 5.808   -9.337  25.100  1.00 34.77  ? 216 ASN A N   1 
ATOM   826 C CA  . ASN A 1 134 ? 4.356   -9.553  25.090  1.00 32.16  ? 216 ASN A CA  1 
ATOM   827 C C   . ASN A 1 134 ? 3.998   -10.955 24.637  1.00 34.00  ? 216 ASN A C   1 
ATOM   828 O O   . ASN A 1 134 ? 4.621   -11.442 23.682  1.00 34.20  ? 216 ASN A O   1 
ATOM   829 C CB  . ASN A 1 134 ? 3.663   -8.553  24.164  1.00 29.75  ? 216 ASN A CB  1 
ATOM   830 C CG  . ASN A 1 134 ? 3.750   -7.152  24.692  1.00 32.46  ? 216 ASN A CG  1 
ATOM   831 O OD1 . ASN A 1 134 ? 4.742   -6.443  24.436  1.00 26.18  ? 216 ASN A OD1 1 
ATOM   832 N ND2 . ASN A 1 134 ? 2.715   -6.726  25.408  1.00 20.43  ? 216 ASN A ND2 1 
ATOM   833 N N   . LYS A 1 135 ? 2.988   -11.567 25.287  1.00 36.07  ? 217 LYS A N   1 
ATOM   834 C CA  . LYS A 1 135 ? 2.583   -12.949 24.953  1.00 40.86  ? 217 LYS A CA  1 
ATOM   835 C C   . LYS A 1 135 ? 1.824   -12.966 23.635  1.00 45.53  ? 217 LYS A C   1 
ATOM   836 O O   . LYS A 1 135 ? 1.190   -11.969 23.281  1.00 44.84  ? 217 LYS A O   1 
ATOM   837 C CB  . LYS A 1 135 ? 1.716   -13.584 26.059  1.00 40.51  ? 217 LYS A CB  1 
ATOM   838 C CG  . LYS A 1 135 ? 2.364   -13.717 27.439  1.00 45.33  ? 217 LYS A CG  1 
ATOM   839 C CD  . LYS A 1 135 ? 3.620   -14.588 27.425  1.00 62.63  ? 217 LYS A CD  1 
ATOM   840 N N   . VAL A 1 136 ? 1.922   -14.079 22.894  1.00 49.41  ? 218 VAL A N   1 
ATOM   841 C CA  . VAL A 1 136 ? 1.035   -14.346 21.745  1.00 52.05  ? 218 VAL A CA  1 
ATOM   842 C C   . VAL A 1 136 ? -0.277  -14.951 22.257  1.00 55.56  ? 218 VAL A C   1 
ATOM   843 O O   . VAL A 1 136 ? -0.240  -15.788 23.154  1.00 56.17  ? 218 VAL A O   1 
ATOM   844 C CB  . VAL A 1 136 ? 1.691   -15.317 20.739  1.00 51.68  ? 218 VAL A CB  1 
ATOM   845 C CG1 . VAL A 1 136 ? 0.732   -15.645 19.622  1.00 56.06  ? 218 VAL A CG1 1 
ATOM   846 C CG2 . VAL A 1 136 ? 2.972   -14.741 20.185  1.00 38.71  ? 218 VAL A CG2 1 
ATOM   847 N N   . GLN A 1 137 ? -1.424  -14.516 21.724  1.00 58.87  ? 219 GLN A N   1 
ATOM   848 C CA  . GLN A 1 137 ? -2.753  -15.087 22.088  1.00 62.90  ? 219 GLN A CA  1 
ATOM   849 C C   . GLN A 1 137 ? -3.914  -14.387 21.399  1.00 65.00  ? 219 GLN A C   1 
ATOM   850 O O   . GLN A 1 137 ? -3.937  -14.270 20.176  1.00 67.10  ? 219 GLN A O   1 
ATOM   851 C CB  . GLN A 1 137 ? -3.013  -15.081 23.607  1.00 64.83  ? 219 GLN A CB  1 
HETATM 852 O O   . HOH B 2 .   ? -3.606  0.498   2.640   1.00 24.63  ? 235 HOH A O   1 
HETATM 853 O O   . HOH B 2 .   ? -5.142  8.207   5.310   1.00 28.73  ? 236 HOH A O   1 
HETATM 854 O O   . HOH B 2 .   ? -1.744  7.396   3.629   1.00 27.12  ? 237 HOH A O   1 
HETATM 855 O O   . HOH B 2 .   ? -2.702  -2.110  3.154   1.00 26.79  ? 238 HOH A O   1 
HETATM 856 O O   . HOH B 2 .   ? -14.271 5.166   -2.435  1.00 23.34  ? 239 HOH A O   1 
HETATM 857 O O   . HOH B 2 .   ? 12.800  2.772   6.619   1.00 24.17  ? 240 HOH A O   1 
HETATM 858 O O   . HOH B 2 .   ? -4.932  8.156   8.003   0.33 19.75  ? 241 HOH A O   1 
HETATM 859 O O   . HOH B 2 .   ? -21.875 7.828   -8.007  1.00 25.56  ? 242 HOH A O   1 
HETATM 860 O O   . HOH B 2 .   ? -12.504 -4.209  -1.785  1.00 30.87  ? 243 HOH A O   1 
HETATM 861 O O   . HOH B 2 .   ? 5.046   10.754  -0.853  1.00 31.10  ? 244 HOH A O   1 
HETATM 862 O O   . HOH B 2 .   ? -6.054  2.013   8.482   1.00 27.17  ? 245 HOH A O   1 
HETATM 863 O O   . HOH B 2 .   ? 13.202  -11.712 -3.333  1.00 27.83  ? 246 HOH A O   1 
HETATM 864 O O   . HOH B 2 .   ? 11.437  2.351   4.258   1.00 29.88  ? 247 HOH A O   1 
HETATM 865 O O   . HOH B 2 .   ? 1.530   10.657  1.768   1.00 36.05  ? 248 HOH A O   1 
HETATM 866 O O   . HOH B 2 .   ? 11.324  -10.108 -1.656  1.00 25.91  ? 249 HOH A O   1 
HETATM 867 O O   . HOH B 2 .   ? 10.796  -12.688 6.952   1.00 33.34  ? 250 HOH A O   1 
HETATM 868 O O   . HOH B 2 .   ? -2.409  -6.411  2.349   1.00 38.13  ? 251 HOH A O   1 
HETATM 869 O O   . HOH B 2 .   ? -12.356 7.933   5.143   1.00 27.38  ? 252 HOH A O   1 
HETATM 870 O O   . HOH B 2 .   ? 8.460   -10.727 -0.738  1.00 30.69  ? 253 HOH A O   1 
HETATM 871 O O   . HOH B 2 .   ? -3.515  8.929   -0.411  1.00 34.02  ? 254 HOH A O   1 
HETATM 872 O O   . HOH B 2 .   ? 0.050   -8.531  7.437   1.00 35.34  ? 255 HOH A O   1 
HETATM 873 O O   . HOH B 2 .   ? -21.218 4.265   -6.247  1.00 29.88  ? 256 HOH A O   1 
HETATM 874 O O   . HOH B 2 .   ? -4.266  9.570   2.843   1.00 34.76  ? 257 HOH A O   1 
HETATM 875 O O   . HOH B 2 .   ? 8.930   7.729   -0.404  1.00 28.15  ? 258 HOH A O   1 
HETATM 876 O O   . HOH B 2 .   ? -3.606  -3.270  7.929   1.00 35.89  ? 259 HOH A O   1 
HETATM 877 O O   . HOH B 2 .   ? 7.702   -0.418  -7.582  1.00 31.09  ? 260 HOH A O   1 
HETATM 878 O O   . HOH B 2 .   ? 9.685   5.583   -4.195  1.00 31.39  ? 261 HOH A O   1 
HETATM 879 O O   . HOH B 2 .   ? 2.960   -2.319  -7.587  1.00 30.03  ? 262 HOH A O   1 
HETATM 880 O O   . HOH B 2 .   ? -14.791 -0.070  -8.680  1.00 33.29  ? 263 HOH A O   1 
HETATM 881 O O   . HOH B 2 .   ? 5.056   5.737   -4.544  1.00 45.13  ? 264 HOH A O   1 
HETATM 882 O O   . HOH B 2 .   ? 4.071   -17.036 7.333   1.00 32.05  ? 265 HOH A O   1 
HETATM 883 O O   . HOH B 2 .   ? 0.249   -14.993 5.386   1.00 38.17  ? 266 HOH A O   1 
HETATM 884 O O   . HOH B 2 .   ? 12.391  -11.511 11.399  1.00 36.80  ? 267 HOH A O   1 
HETATM 885 O O   . HOH B 2 .   ? 11.483  -10.317 1.880   1.00 34.91  ? 268 HOH A O   1 
HETATM 886 O O   . HOH B 2 .   ? -8.307  -3.221  -15.298 1.00 33.00  ? 269 HOH A O   1 
HETATM 887 O O   . HOH B 2 .   ? 13.552  0.866   2.759   1.00 31.99  ? 270 HOH A O   1 
HETATM 888 O O   . HOH B 2 .   ? 8.937   -6.725  26.720  1.00 36.57  ? 271 HOH A O   1 
HETATM 889 O O   . HOH B 2 .   ? 16.052  5.223   0.399   1.00 34.54  ? 272 HOH A O   1 
HETATM 890 O O   . HOH B 2 .   ? -4.573  -12.046 -3.321  1.00 43.03  ? 273 HOH A O   1 
HETATM 891 O O   . HOH B 2 .   ? -12.855 5.066   -16.374 1.00 33.36  ? 274 HOH A O   1 
HETATM 892 O O   . HOH B 2 .   ? -9.059  10.647  -10.960 1.00 40.61  ? 275 HOH A O   1 
HETATM 893 O O   . HOH B 2 .   ? -16.487 15.375  2.805   1.00 38.90  ? 276 HOH A O   1 
HETATM 894 O O   . HOH B 2 .   ? 15.636  -5.687  -4.539  1.00 41.82  ? 277 HOH A O   1 
HETATM 895 O O   . HOH B 2 .   ? -1.732  7.922   -2.470  1.00 40.94  ? 278 HOH A O   1 
HETATM 896 O O   . HOH B 2 .   ? -3.395  -12.729 -0.735  1.00 39.91  ? 279 HOH A O   1 
HETATM 897 O O   . HOH B 2 .   ? -5.850  1.228   -16.934 1.00 46.99  ? 280 HOH A O   1 
HETATM 898 O O   . HOH B 2 .   ? 10.854  -3.334  23.888  1.00 45.71  ? 281 HOH A O   1 
HETATM 899 O O   . HOH B 2 .   ? 5.862   -10.290 21.689  1.00 34.96  ? 282 HOH A O   1 
HETATM 900 O O   . HOH B 2 .   ? -3.330  -4.038  4.936   1.00 37.88  ? 283 HOH A O   1 
HETATM 901 O O   . HOH B 2 .   ? 3.552   12.223  -4.821  1.00 39.53  ? 284 HOH A O   1 
HETATM 902 O O   . HOH B 2 .   ? 16.238  -6.192  2.312   1.00 43.64  ? 285 HOH A O   1 
HETATM 903 O O   . HOH B 2 .   ? -2.419  1.802   -10.250 1.00 39.58  ? 286 HOH A O   1 
HETATM 904 O O   . HOH B 2 .   ? 14.101  -5.101  19.496  1.00 48.09  ? 287 HOH A O   1 
HETATM 905 O O   . HOH B 2 .   ? 16.480  -7.332  7.422   1.00 46.37  ? 288 HOH A O   1 
HETATM 906 O O   . HOH B 2 .   ? -11.188 15.727  -3.488  1.00 46.33  ? 289 HOH A O   1 
HETATM 907 O O   . HOH B 2 .   ? 14.028  -3.629  -7.610  1.00 31.12  ? 290 HOH A O   1 
HETATM 908 O O   . HOH B 2 .   ? -7.878  -3.750  -7.849  1.00 41.87  ? 291 HOH A O   1 
HETATM 909 O O   . HOH B 2 .   ? 1.825   7.235   -11.863 1.00 46.51  ? 292 HOH A O   1 
HETATM 910 O O   . HOH B 2 .   ? -14.074 9.878   3.668   1.00 39.23  ? 293 HOH A O   1 
HETATM 911 O O   . HOH B 2 .   ? -22.429 5.233   1.121   1.00 57.01  ? 294 HOH A O   1 
HETATM 912 O O   . HOH B 2 .   ? -16.664 14.046  -9.095  1.00 44.58  ? 295 HOH A O   1 
HETATM 913 O O   . HOH B 2 .   ? 5.434   -4.675  26.425  1.00 42.90  ? 296 HOH A O   1 
HETATM 914 O O   . HOH B 2 .   ? 2.634   -18.002 5.331   1.00 42.66  ? 297 HOH A O   1 
HETATM 915 O O   . HOH B 2 .   ? -0.355  -11.097 8.497   1.00 48.53  ? 298 HOH A O   1 
HETATM 916 O O   . HOH B 2 .   ? -20.471 9.750   -6.472  1.00 31.86  ? 299 HOH A O   1 
HETATM 917 O O   . HOH B 2 .   ? -13.655 7.050   -15.116 1.00 35.97  ? 300 HOH A O   1 
HETATM 918 O O   . HOH B 2 .   ? -12.769 -1.436  -5.975  1.00 50.89  ? 301 HOH A O   1 
HETATM 919 O O   . HOH B 2 .   ? -1.064  -6.786  10.186  1.00 49.54  ? 302 HOH A O   1 
HETATM 920 O O   . HOH B 2 .   ? -2.499  -5.794  6.462   1.00 44.40  ? 303 HOH A O   1 
HETATM 921 O O   . HOH B 2 .   ? 8.441   -8.220  17.854  1.00 43.24  ? 304 HOH A O   1 
HETATM 922 O O   . HOH B 2 .   ? 8.492   8.064   -3.394  1.00 44.92  ? 305 HOH A O   1 
HETATM 923 O O   . HOH B 2 .   ? 6.494   -6.793  27.787  1.00 48.37  ? 306 HOH A O   1 
HETATM 924 O O   . HOH B 2 .   ? 15.404  -4.102  11.992  1.00 49.47  ? 307 HOH A O   1 
HETATM 925 O O   . HOH B 2 .   ? -14.540 -3.133  -0.082  1.00 49.67  ? 308 HOH A O   1 
HETATM 926 O O   . HOH B 2 .   ? 0.463   -17.381 1.219   1.00 42.11  ? 309 HOH A O   1 
HETATM 927 O O   . HOH B 2 .   ? -10.044 11.443  -13.233 1.00 55.53  ? 310 HOH A O   1 
HETATM 928 O O   . HOH B 2 .   ? -11.255 13.147  -8.740  1.00 63.38  ? 311 HOH A O   1 
HETATM 929 O O   . HOH B 2 .   ? -12.170 12.926  -3.435  1.00 40.69  ? 312 HOH A O   1 
HETATM 930 O O   . HOH B 2 .   ? 2.391   -6.548  -10.112 1.00 47.90  ? 313 HOH A O   1 
HETATM 931 O O   . HOH B 2 .   ? -21.870 9.810   -2.667  1.00 42.62  ? 314 HOH A O   1 
HETATM 932 O O   . HOH B 2 .   ? -24.318 10.300  -1.446  1.00 36.10  ? 315 HOH A O   1 
HETATM 933 O O   . HOH B 2 .   ? -6.569  8.016   -14.048 1.00 52.42  ? 316 HOH A O   1 
HETATM 934 O O   . HOH B 2 .   ? 3.640   -16.212 23.937  1.00 58.88  ? 317 HOH A O   1 
HETATM 935 O O   . HOH B 2 .   ? -2.865  -10.993 7.764   1.00 54.79  ? 318 HOH A O   1 
HETATM 936 O O   . HOH B 2 .   ? -8.227  -6.290  -4.442  1.00 51.55  ? 319 HOH A O   1 
HETATM 937 O O   . HOH B 2 .   ? 13.822  -4.225  -10.091 1.00 45.21  ? 320 HOH A O   1 
HETATM 938 O O   . HOH B 2 .   ? 14.087  11.768  -3.012  1.00 40.43  ? 321 HOH A O   1 
HETATM 939 O O   . HOH B 2 .   ? -12.413 10.408  -12.446 1.00 42.20  ? 322 HOH A O   1 
HETATM 940 O O   . HOH B 2 .   ? -3.435  -9.490  -7.948  1.00 43.02  ? 323 HOH A O   1 
HETATM 941 O O   . HOH B 2 .   ? 6.040   14.016  -1.979  1.00 65.68  ? 324 HOH A O   1 
HETATM 942 O O   . HOH B 2 .   ? -2.092  -15.790 -1.634  1.00 44.68  ? 325 HOH A O   1 
HETATM 943 O O   . HOH B 2 .   ? 1.403   -3.672  -9.266  1.00 53.83  ? 326 HOH A O   1 
HETATM 944 O O   . HOH B 2 .   ? 17.903  -6.992  10.507  1.00 56.52  ? 327 HOH A O   1 
HETATM 945 O O   . HOH B 2 .   ? -6.202  -9.803  -5.724  1.00 47.00  ? 328 HOH A O   1 
HETATM 946 O O   . HOH B 2 .   ? -7.400  -5.719  -9.641  1.00 57.64  ? 329 HOH A O   1 
HETATM 947 O O   . HOH B 2 .   ? -1.617  -11.703 -7.868  1.00 46.50  ? 330 HOH A O   1 
HETATM 948 O O   . HOH B 2 .   ? 5.867   7.916   -3.134  1.00 55.47  ? 331 HOH A O   1 
HETATM 949 O O   . HOH B 2 .   ? -11.930 -6.454  0.150   1.00 57.62  ? 332 HOH A O   1 
HETATM 950 O O   . HOH B 2 .   ? -7.947  10.027  -14.012 1.00 61.83  ? 333 HOH A O   1 
HETATM 951 O O   . HOH B 2 .   ? -10.252 -3.124  -7.019  1.00 57.26  ? 334 HOH A O   1 
HETATM 952 O O   . HOH B 2 .   ? -0.339  11.649  -9.100  1.00 58.00  ? 335 HOH A O   1 
HETATM 953 O O   . HOH B 2 .   ? 16.391  -4.945  6.877   1.00 49.39  ? 336 HOH A O   1 
HETATM 954 O O   . HOH B 2 .   ? 3.834   -15.366 13.238  1.00 60.74  ? 337 HOH A O   1 
HETATM 955 O O   . HOH B 2 .   ? 17.062  -3.968  9.271   1.00 45.29  ? 338 HOH A O   1 
HETATM 956 O O   . HOH B 2 .   ? -20.423 9.651   0.465   1.00 46.28  ? 339 HOH A O   1 
HETATM 957 O O   . HOH B 2 .   ? 7.412   7.037   -8.937  1.00 56.27  ? 340 HOH A O   1 
HETATM 958 O O   . HOH B 2 .   ? -4.348  8.399   -13.260 1.00 56.87  ? 341 HOH A O   1 
HETATM 959 O O   . HOH B 2 .   ? -4.114  9.563   -10.669 1.00 65.03  ? 342 HOH A O   1 
HETATM 960 O O   . HOH B 2 .   ? 8.293   -9.364  20.469  1.00 48.29  ? 343 HOH A O   1 
HETATM 961 O O   . HOH B 2 .   ? 9.982   3.590   -8.768  1.00 51.98  ? 344 HOH A O   1 
HETATM 962 O O   . HOH B 2 .   ? 12.823  -8.118  -0.130  1.00 49.81  ? 345 HOH A O   1 
HETATM 963 O O   . HOH B 2 .   ? 1.457   -2.841  -11.605 1.00 55.60  ? 346 HOH A O   1 
HETATM 964 O O   . HOH B 2 .   ? 0.489   -19.549 -1.113  1.00 62.37  ? 347 HOH A O   1 
HETATM 965 O O   . HOH B 2 .   ? 0.785   -8.516  -11.346 1.00 43.62  ? 348 HOH A O   1 
HETATM 966 O O   . HOH B 2 .   ? -0.613  -1.587  -12.638 1.00 65.13  ? 349 HOH A O   1 
HETATM 967 O O   . HOH B 2 .   ? 2.085   -17.263 26.458  1.00 55.55  ? 350 HOH A O   1 
HETATM 968 O O   . HOH B 2 .   ? -13.306 3.220   -2.105  1.00 46.96  ? 351 HOH A O   1 
HETATM 969 O O   . HOH B 2 .   ? 10.428  9.606   -3.518  1.00 44.82  ? 352 HOH A O   1 
HETATM 970 O O   . HOH B 2 .   ? -4.451  6.228   -10.649 1.00 78.76  ? 353 HOH A O   1 
HETATM 971 O O   . HOH B 2 .   ? 4.959   -2.757  -9.345  1.00 69.69  ? 354 HOH A O   1 
HETATM 972 O O   . HOH B 2 .   ? 16.359  -8.990  2.755   1.00 53.89  ? 355 HOH A O   1 
HETATM 973 O O   . HOH B 2 .   ? 14.649  -3.192  15.984  1.00 55.35  ? 356 HOH A O   1 
HETATM 974 O O   . HOH B 2 .   ? -1.911  -7.358  4.983   1.00 51.46  ? 357 HOH A O   1 
HETATM 975 O O   . HOH B 2 .   ? -5.282  12.582  -12.001 1.00 64.38  ? 358 HOH A O   1 
# 
